data_9CXG
#
_entry.id   9CXG
#
_cell.length_a   1.00
_cell.length_b   1.00
_cell.length_c   1.00
_cell.angle_alpha   90.00
_cell.angle_beta   90.00
_cell.angle_gamma   90.00
#
_symmetry.space_group_name_H-M   'P 1'
#
loop_
_entity.id
_entity.type
_entity.pdbx_description
1 polymer "Cone cGMP-specific 3',5'-cyclic phosphodiesterase subunit alpha'"
2 polymer 'cone P gamma'
3 non-polymer 'CYCLIC GUANOSINE MONOPHOSPHATE'
4 non-polymer 'ZINC ION'
5 non-polymer 'MAGNESIUM ION'
6 non-polymer "GUANOSINE-5'-MONOPHOSPHATE"
#
loop_
_entity_poly.entity_id
_entity_poly.type
_entity_poly.pdbx_seq_one_letter_code
_entity_poly.pdbx_strand_id
1 'polypeptide(L)'
;GPTSGDYKDDDDKGGEINQVAVEKYLEENPQFAKEYFDRKLRVEVLGEIFKNSQVPVQSSMSFSELTQVEESALCLELLW
TVQEEGGTPEQGVHRALQRLAHLLQADRCSMFLCRSRNGIPEVASRLLDVTPTSKFEDNLVGPDKEVVFPLDIGIVGWAA
HTKKTHNVPDVKKNSHFSDFMDKQTGYVTKNLLATPIVVGKEVLAVIMAVNKVNASEFSKQDEEVFSKYLNFVSIILRLH
HTSYMYNIESRRSQILMWSANKVFEELTDVERQFHKALYTVRSYLNCERYSIGLLDMTKEKEFYDEWPIKLGEVEPYKGP
KTPDGREVNFYKIIDYILHGKEEIKVIPTPPADHWTLISGLPTYVAENGFICNMMNAPADEYFTFQKGPVDETGWVIKNV
LSLPIVNKKEDIVGVATFYNRKDGKPFDEHDEYITETLTQFLGWSLLNTDTYDKMNKLENRKDIAQEMLMNQTKATPEEI
KSILKFQEKLNVDVIDDCEEKQLVAILKEDLPDPRSAELYEFRFSDFPLTEHGLIKCGIRLFFEINVVEKFKVPVEVLTR
WMYTVRKGYRAVTYHNWRHGFNVGQTMFTLLMTGRLKKYYTDLEAFAMLAAAFCHDIDHRGTNNLYQMKSTSPLARLHGS
SILERHHLEYSKTLLQDESLNIFQNLNKRQFETVIHLFEVAIIATDLALYFKKRTMFQKIVDACEQMQTEEEAIKYVTVD
PTKKEIIMAMMMTACDLSAITKPWEVQSQVALMVANEFWEQGDLERTVLQQQPIPMMDRNKRDELPKLQVGFIDFVCTFV
YKEFSRFHKEITPMLSGLQNNRVEWKSLADEYDAKMKVIEEEA
;
A,B
2 'polypeptide(L)'
;MVAWSHPQFEKGGGSGGGSGGSAWSHPQFEKENLYFQGAMGSDSPSLSPPAPSQGPTTPRKGPPKFKQRQTRQFKSKPPK
KGVKGFGDDIPGMEGLGTDITVICPWEAFSHLELHELAQFGII
;
C,D
#
loop_
_chem_comp.id
_chem_comp.type
_chem_comp.name
_chem_comp.formula
5GP non-polymer GUANOSINE-5'-MONOPHOSPHATE 'C10 H14 N5 O8 P'
MG non-polymer 'MAGNESIUM ION' 'Mg 2'
PCG non-polymer 'CYCLIC GUANOSINE MONOPHOSPHATE' 'C10 H12 N5 O7 P'
ZN non-polymer 'ZINC ION' 'Zn 2'
#
# COMPACT_ATOMS: atom_id res chain seq x y z
N GLN A 68 -52.55 -11.83 -52.79
CA GLN A 68 -52.22 -12.00 -51.39
C GLN A 68 -51.40 -13.27 -51.16
N VAL A 69 -51.59 -14.25 -52.04
CA VAL A 69 -50.93 -15.55 -51.87
C VAL A 69 -49.43 -15.42 -52.03
N GLU A 70 -48.99 -14.72 -53.09
CA GLU A 70 -47.56 -14.48 -53.26
C GLU A 70 -47.04 -13.45 -52.27
N GLU A 71 -47.88 -12.50 -51.85
CA GLU A 71 -47.51 -11.60 -50.76
C GLU A 71 -47.32 -12.37 -49.46
N SER A 72 -48.18 -13.34 -49.19
CA SER A 72 -48.00 -14.21 -48.03
C SER A 72 -46.74 -15.06 -48.14
N ALA A 73 -46.47 -15.63 -49.32
CA ALA A 73 -45.23 -16.37 -49.53
C ALA A 73 -43.98 -15.51 -49.32
N LEU A 74 -44.01 -14.27 -49.79
CA LEU A 74 -42.90 -13.34 -49.52
C LEU A 74 -42.78 -12.97 -48.05
N CYS A 75 -43.90 -12.83 -47.35
CA CYS A 75 -43.85 -12.60 -45.91
C CYS A 75 -43.25 -13.79 -45.17
N LEU A 76 -43.63 -15.01 -45.56
CA LEU A 76 -43.06 -16.21 -44.95
C LEU A 76 -41.57 -16.36 -45.27
N GLU A 77 -41.16 -16.02 -46.50
CA GLU A 77 -39.74 -15.99 -46.82
C GLU A 77 -38.97 -14.97 -45.98
N LEU A 78 -39.56 -13.79 -45.74
CA LEU A 78 -38.94 -12.82 -44.84
C LEU A 78 -38.89 -13.33 -43.39
N LEU A 79 -39.93 -14.02 -42.94
CA LEU A 79 -39.91 -14.62 -41.60
C LEU A 79 -38.84 -15.69 -41.48
N TRP A 80 -38.62 -16.46 -42.55
CA TRP A 80 -37.59 -17.50 -42.49
C TRP A 80 -36.18 -16.92 -42.56
N THR A 81 -35.96 -15.92 -43.41
CA THR A 81 -34.66 -15.27 -43.44
C THR A 81 -34.37 -14.42 -42.21
N VAL A 82 -35.40 -14.00 -41.47
CA VAL A 82 -35.18 -13.43 -40.15
C VAL A 82 -34.59 -14.46 -39.19
N GLN A 83 -34.97 -15.73 -39.35
CA GLN A 83 -34.38 -16.82 -38.58
C GLN A 83 -33.02 -17.17 -39.19
N GLU A 84 -32.03 -16.33 -38.89
CA GLU A 84 -30.69 -16.51 -39.45
C GLU A 84 -30.09 -17.86 -39.05
N GLU A 85 -30.32 -18.29 -37.80
CA GLU A 85 -29.72 -19.50 -37.24
C GLU A 85 -28.19 -19.47 -37.30
N GLY A 86 -27.61 -18.29 -37.32
CA GLY A 86 -26.19 -18.11 -37.58
C GLY A 86 -25.94 -17.55 -38.97
N GLY A 87 -24.77 -16.95 -39.13
CA GLY A 87 -24.46 -16.21 -40.34
C GLY A 87 -24.32 -14.73 -40.07
N THR A 88 -24.73 -13.88 -41.02
CA THR A 88 -24.55 -12.45 -40.91
C THR A 88 -25.86 -11.78 -41.28
N PRO A 89 -26.36 -10.86 -40.43
CA PRO A 89 -27.67 -10.24 -40.70
C PRO A 89 -27.70 -9.40 -41.97
N GLU A 90 -26.55 -8.88 -42.42
CA GLU A 90 -26.47 -8.21 -43.71
C GLU A 90 -27.00 -9.06 -44.86
N GLN A 91 -26.91 -10.39 -44.76
CA GLN A 91 -27.47 -11.24 -45.81
C GLN A 91 -28.99 -11.20 -45.83
N GLY A 92 -29.63 -11.34 -44.67
CA GLY A 92 -31.08 -11.23 -44.61
C GLY A 92 -31.59 -9.84 -44.97
N VAL A 93 -30.88 -8.80 -44.53
CA VAL A 93 -31.24 -7.44 -44.92
C VAL A 93 -31.09 -7.23 -46.42
N HIS A 94 -30.01 -7.75 -47.02
CA HIS A 94 -29.85 -7.69 -48.47
C HIS A 94 -30.96 -8.44 -49.21
N ARG A 95 -31.40 -9.59 -48.68
CA ARG A 95 -32.51 -10.29 -49.32
C ARG A 95 -33.83 -9.54 -49.20
N ALA A 96 -34.05 -8.87 -48.07
CA ALA A 96 -35.24 -8.01 -47.95
C ALA A 96 -35.14 -6.77 -48.83
N LEU A 97 -33.96 -6.17 -48.92
CA LEU A 97 -33.76 -5.02 -49.78
C LEU A 97 -33.95 -5.35 -51.25
N GLN A 98 -33.45 -6.49 -51.72
CA GLN A 98 -33.73 -6.87 -53.10
C GLN A 98 -35.21 -7.21 -53.29
N ARG A 99 -35.87 -7.72 -52.25
CA ARG A 99 -37.31 -7.96 -52.32
C ARG A 99 -38.06 -6.65 -52.54
N LEU A 100 -37.83 -5.68 -51.66
CA LEU A 100 -38.48 -4.38 -51.75
C LEU A 100 -38.05 -3.62 -53.01
N ALA A 101 -36.82 -3.86 -53.49
CA ALA A 101 -36.38 -3.31 -54.76
C ALA A 101 -37.24 -3.79 -55.93
N HIS A 102 -37.48 -5.11 -55.99
CA HIS A 102 -38.36 -5.59 -57.05
C HIS A 102 -39.82 -5.21 -56.80
N LEU A 103 -40.18 -4.88 -55.56
CA LEU A 103 -41.56 -4.49 -55.28
C LEU A 103 -41.85 -3.03 -55.60
N LEU A 104 -40.90 -2.12 -55.39
CA LEU A 104 -41.20 -0.69 -55.53
C LEU A 104 -41.05 -0.17 -56.96
N GLN A 105 -40.65 -1.02 -57.91
CA GLN A 105 -40.25 -0.55 -59.24
C GLN A 105 -39.14 0.50 -59.12
N ALA A 106 -38.18 0.24 -58.24
CA ALA A 106 -37.04 1.11 -58.03
C ALA A 106 -35.77 0.27 -57.97
N ASP A 107 -34.65 0.89 -58.31
CA ASP A 107 -33.34 0.26 -58.29
C ASP A 107 -32.39 1.01 -57.36
N ARG A 108 -31.25 0.37 -57.11
CA ARG A 108 -30.13 0.95 -56.34
C ARG A 108 -30.54 1.41 -54.94
N CYS A 109 -31.33 0.58 -54.25
CA CYS A 109 -31.55 0.76 -52.82
C CYS A 109 -30.22 0.70 -52.06
N SER A 110 -30.16 1.36 -50.91
CA SER A 110 -28.90 1.40 -50.18
C SER A 110 -29.14 1.49 -48.68
N MET A 111 -28.12 1.11 -47.92
CA MET A 111 -28.08 1.29 -46.46
C MET A 111 -26.88 2.13 -46.07
N PHE A 112 -27.13 3.11 -45.20
CA PHE A 112 -26.06 3.88 -44.57
C PHE A 112 -26.07 3.53 -43.09
N LEU A 113 -25.06 2.82 -42.63
CA LEU A 113 -24.91 2.57 -41.20
C LEU A 113 -24.56 3.87 -40.50
N CYS A 114 -25.14 4.10 -39.33
CA CYS A 114 -24.70 5.21 -38.49
C CYS A 114 -23.58 4.77 -37.58
N ARG A 115 -22.47 5.51 -37.63
CA ARG A 115 -21.38 5.39 -36.67
C ARG A 115 -21.32 6.68 -35.86
N SER A 116 -20.62 6.61 -34.74
CA SER A 116 -20.30 7.81 -33.98
C SER A 116 -18.83 7.76 -33.59
N ARG A 117 -18.06 8.74 -34.03
CA ARG A 117 -16.64 8.83 -33.69
C ARG A 117 -16.39 10.19 -33.09
N ASN A 118 -15.66 10.22 -31.98
CA ASN A 118 -15.37 11.42 -31.19
C ASN A 118 -16.63 12.08 -30.64
N GLY A 119 -17.77 11.41 -30.67
CA GLY A 119 -19.06 12.03 -30.42
C GLY A 119 -19.70 12.73 -31.60
N ILE A 120 -19.09 12.67 -32.77
CA ILE A 120 -19.65 13.20 -34.01
C ILE A 120 -20.29 12.02 -34.76
N PRO A 121 -21.58 12.09 -35.07
CA PRO A 121 -22.22 11.03 -35.85
C PRO A 121 -21.92 11.15 -37.34
N GLU A 122 -21.83 9.98 -37.98
CA GLU A 122 -21.60 9.89 -39.42
C GLU A 122 -22.42 8.73 -39.98
N VAL A 123 -22.60 8.74 -41.30
CA VAL A 123 -23.23 7.63 -42.01
C VAL A 123 -22.24 7.07 -43.02
N ALA A 124 -22.29 5.76 -43.23
CA ALA A 124 -21.40 5.09 -44.16
C ALA A 124 -22.15 4.05 -44.97
N SER A 125 -21.97 4.08 -46.29
CA SER A 125 -22.66 3.16 -47.18
C SER A 125 -22.15 1.74 -46.96
N ARG A 126 -23.07 0.79 -46.75
CA ARG A 126 -22.69 -0.59 -46.51
C ARG A 126 -23.08 -1.55 -47.63
N LEU A 127 -24.30 -1.49 -48.14
CA LEU A 127 -24.66 -2.19 -49.37
C LEU A 127 -24.95 -1.15 -50.45
N LEU A 128 -24.27 -1.27 -51.58
CA LEU A 128 -24.50 -0.40 -52.73
C LEU A 128 -24.99 -1.20 -53.94
N ASP A 129 -25.70 -0.48 -54.82
CA ASP A 129 -26.16 -1.00 -56.11
C ASP A 129 -27.02 -2.25 -55.96
N VAL A 130 -27.88 -2.26 -54.92
CA VAL A 130 -28.82 -3.35 -54.73
C VAL A 130 -29.69 -3.52 -55.97
N THR A 131 -29.67 -4.72 -56.53
CA THR A 131 -30.42 -5.06 -57.73
C THR A 131 -31.11 -6.40 -57.52
N PRO A 132 -32.35 -6.56 -57.96
CA PRO A 132 -32.96 -7.90 -57.99
C PRO A 132 -32.09 -8.89 -58.75
N THR A 133 -32.06 -10.13 -58.27
CA THR A 133 -31.26 -11.22 -58.84
C THR A 133 -29.78 -10.88 -58.93
N SER A 134 -29.29 -10.02 -58.04
CA SER A 134 -27.87 -9.69 -57.98
C SER A 134 -27.22 -10.46 -56.83
N LYS A 135 -25.93 -10.74 -56.99
CA LYS A 135 -25.18 -11.45 -55.96
C LYS A 135 -24.85 -10.51 -54.80
N PHE A 136 -25.03 -11.04 -53.58
CA PHE A 136 -24.75 -10.28 -52.36
C PHE A 136 -23.30 -9.80 -52.30
N GLU A 137 -22.37 -10.61 -52.81
CA GLU A 137 -20.95 -10.26 -52.73
C GLU A 137 -20.62 -8.96 -53.45
N ASP A 138 -21.30 -8.69 -54.57
CA ASP A 138 -21.08 -7.43 -55.27
C ASP A 138 -21.81 -6.26 -54.63
N ASN A 139 -22.93 -6.52 -53.95
CA ASN A 139 -23.62 -5.44 -53.25
C ASN A 139 -22.88 -4.99 -52.00
N LEU A 140 -22.17 -5.90 -51.32
CA LEU A 140 -21.46 -5.54 -50.11
C LEU A 140 -20.23 -4.68 -50.42
N VAL A 141 -20.19 -3.49 -49.82
CA VAL A 141 -19.04 -2.60 -49.90
C VAL A 141 -18.32 -2.67 -48.55
N GLY A 142 -17.04 -2.99 -48.58
CA GLY A 142 -16.24 -2.98 -47.37
C GLY A 142 -15.81 -1.58 -46.97
N PRO A 143 -15.34 -1.49 -45.71
CA PRO A 143 -14.87 -0.19 -45.19
C PRO A 143 -13.71 0.42 -45.95
N ASP A 144 -13.03 -0.33 -46.81
CA ASP A 144 -12.00 0.25 -47.67
C ASP A 144 -12.60 1.11 -48.77
N LYS A 145 -13.86 0.87 -49.14
CA LYS A 145 -14.52 1.62 -50.19
C LYS A 145 -15.77 2.35 -49.70
N GLU A 146 -16.08 2.26 -48.42
CA GLU A 146 -17.22 2.98 -47.85
C GLU A 146 -17.04 4.49 -47.98
N VAL A 147 -18.14 5.18 -48.20
CA VAL A 147 -18.15 6.64 -48.32
C VAL A 147 -18.79 7.21 -47.06
N VAL A 148 -18.01 7.96 -46.29
CA VAL A 148 -18.42 8.49 -45.00
C VAL A 148 -18.95 9.91 -45.19
N PHE A 149 -20.13 10.19 -44.64
CA PHE A 149 -20.70 11.52 -44.62
C PHE A 149 -21.03 11.94 -43.19
N PRO A 150 -20.57 13.11 -42.75
CA PRO A 150 -21.09 13.67 -41.50
C PRO A 150 -22.55 14.11 -41.64
N LEU A 151 -23.21 14.22 -40.49
CA LEU A 151 -24.63 14.54 -40.45
C LEU A 151 -24.97 15.91 -41.00
N ASP A 152 -23.99 16.80 -41.15
CA ASP A 152 -24.21 18.09 -41.80
C ASP A 152 -23.98 18.06 -43.30
N ILE A 153 -23.58 16.92 -43.85
CA ILE A 153 -23.48 16.72 -45.29
C ILE A 153 -24.53 15.69 -45.72
N GLY A 154 -25.29 16.03 -46.75
CA GLY A 154 -26.24 15.14 -47.38
C GLY A 154 -27.58 14.96 -46.67
N ILE A 155 -28.60 14.64 -47.48
CA ILE A 155 -29.94 14.50 -46.92
C ILE A 155 -30.01 13.27 -46.04
N VAL A 156 -29.11 12.29 -46.21
CA VAL A 156 -29.02 11.19 -45.25
C VAL A 156 -28.55 11.72 -43.91
N GLY A 157 -27.68 12.72 -43.91
CA GLY A 157 -27.29 13.37 -42.67
C GLY A 157 -28.43 14.13 -42.02
N TRP A 158 -29.19 14.89 -42.82
CA TRP A 158 -30.35 15.57 -42.29
C TRP A 158 -31.40 14.59 -41.76
N ALA A 159 -31.63 13.49 -42.47
CA ALA A 159 -32.54 12.44 -42.00
C ALA A 159 -32.09 11.82 -40.68
N ALA A 160 -30.79 11.50 -40.57
CA ALA A 160 -30.28 10.97 -39.31
C ALA A 160 -30.41 11.98 -38.17
N HIS A 161 -30.20 13.26 -38.47
CA HIS A 161 -30.44 14.30 -37.48
C HIS A 161 -31.90 14.31 -37.03
N THR A 162 -32.83 14.47 -37.98
CA THR A 162 -34.24 14.65 -37.65
C THR A 162 -34.96 13.37 -37.24
N LYS A 163 -34.44 12.20 -37.62
CA LYS A 163 -35.07 10.91 -37.32
C LYS A 163 -36.46 10.80 -37.94
N LYS A 164 -36.68 11.45 -39.09
CA LYS A 164 -37.99 11.56 -39.70
C LYS A 164 -37.94 11.06 -41.14
N THR A 165 -39.11 10.67 -41.64
CA THR A 165 -39.28 10.22 -43.01
C THR A 165 -39.28 11.41 -43.96
N HIS A 166 -38.44 11.34 -45.01
CA HIS A 166 -38.37 12.37 -46.04
C HIS A 166 -38.52 11.73 -47.41
N ASN A 167 -39.27 12.38 -48.29
CA ASN A 167 -39.41 11.93 -49.67
C ASN A 167 -39.14 13.13 -50.57
N VAL A 168 -37.97 13.16 -51.21
CA VAL A 168 -37.57 14.34 -51.96
C VAL A 168 -37.46 13.99 -53.44
N PRO A 169 -38.30 14.56 -54.30
CA PRO A 169 -38.05 14.52 -55.74
C PRO A 169 -37.21 15.71 -56.23
N ASP A 170 -36.56 15.48 -57.37
CA ASP A 170 -35.67 16.46 -58.01
C ASP A 170 -34.64 16.99 -57.03
N VAL A 171 -33.85 16.06 -56.48
CA VAL A 171 -32.89 16.32 -55.40
C VAL A 171 -31.94 17.47 -55.72
N LYS A 172 -31.73 17.75 -57.02
CA LYS A 172 -30.95 18.91 -57.41
C LYS A 172 -31.57 20.23 -56.95
N LYS A 173 -32.85 20.24 -56.59
CA LYS A 173 -33.47 21.42 -56.00
C LYS A 173 -33.44 21.43 -54.48
N ASN A 174 -33.09 20.32 -53.83
CA ASN A 174 -33.05 20.27 -52.38
C ASN A 174 -31.77 20.93 -51.86
N SER A 175 -31.90 21.66 -50.76
CA SER A 175 -30.78 22.35 -50.13
C SER A 175 -29.88 21.43 -49.31
N HIS A 176 -30.27 20.16 -49.12
CA HIS A 176 -29.46 19.22 -48.38
C HIS A 176 -28.85 18.10 -49.22
N PHE A 177 -29.25 17.97 -50.49
CA PHE A 177 -28.67 16.95 -51.35
C PHE A 177 -27.18 17.19 -51.55
N SER A 178 -26.40 16.11 -51.45
CA SER A 178 -24.98 16.14 -51.73
C SER A 178 -24.68 15.30 -52.96
N ASP A 179 -24.00 15.88 -53.94
CA ASP A 179 -23.64 15.20 -55.17
C ASP A 179 -22.25 14.57 -55.15
N PHE A 180 -21.62 14.49 -53.97
CA PHE A 180 -20.30 13.87 -53.88
C PHE A 180 -20.35 12.40 -54.28
N MET A 181 -21.34 11.66 -53.78
CA MET A 181 -21.56 10.29 -54.24
C MET A 181 -21.92 10.21 -55.71
N ASP A 182 -22.79 11.12 -56.17
CA ASP A 182 -23.10 11.18 -57.60
C ASP A 182 -21.87 11.46 -58.45
N LYS A 183 -20.97 12.31 -57.98
CA LYS A 183 -19.73 12.54 -58.73
C LYS A 183 -18.79 11.34 -58.67
N GLN A 184 -18.68 10.71 -57.49
CA GLN A 184 -17.85 9.52 -57.35
C GLN A 184 -18.31 8.38 -58.25
N THR A 185 -19.61 8.12 -58.29
CA THR A 185 -20.15 6.99 -59.03
C THR A 185 -20.54 7.33 -60.47
N GLY A 186 -20.72 8.60 -60.79
CA GLY A 186 -21.20 8.96 -62.11
C GLY A 186 -22.65 8.61 -62.37
N TYR A 187 -23.42 8.27 -61.34
CA TYR A 187 -24.82 7.95 -61.46
C TYR A 187 -25.67 9.18 -61.15
N VAL A 188 -26.75 9.35 -61.91
CA VAL A 188 -27.68 10.45 -61.70
C VAL A 188 -28.84 9.98 -60.83
N THR A 189 -29.07 10.68 -59.73
CA THR A 189 -30.25 10.46 -58.90
C THR A 189 -31.20 11.63 -59.04
N LYS A 190 -32.50 11.35 -59.07
CA LYS A 190 -33.51 12.39 -59.18
C LYS A 190 -34.47 12.43 -58.00
N ASN A 191 -35.16 11.31 -57.71
CA ASN A 191 -36.07 11.24 -56.57
C ASN A 191 -35.61 10.16 -55.61
N LEU A 192 -35.46 10.49 -54.32
CA LEU A 192 -35.12 9.47 -53.36
C LEU A 192 -35.99 9.56 -52.10
N LEU A 193 -36.23 8.39 -51.53
CA LEU A 193 -36.98 8.21 -50.30
C LEU A 193 -36.00 7.87 -49.19
N ALA A 194 -36.10 8.57 -48.06
CA ALA A 194 -35.25 8.31 -46.91
C ALA A 194 -36.11 8.06 -45.69
N THR A 195 -35.77 7.02 -44.93
CA THR A 195 -36.35 6.77 -43.62
C THR A 195 -35.28 6.17 -42.72
N PRO A 196 -34.82 6.89 -41.71
CA PRO A 196 -33.87 6.30 -40.76
C PRO A 196 -34.51 5.20 -39.93
N ILE A 197 -33.77 4.12 -39.74
CA ILE A 197 -34.12 3.13 -38.72
C ILE A 197 -33.76 3.69 -37.36
N VAL A 198 -34.74 3.76 -36.46
CA VAL A 198 -34.56 4.32 -35.13
C VAL A 198 -35.14 3.36 -34.12
N VAL A 199 -34.33 2.97 -33.14
CA VAL A 199 -34.74 2.08 -32.05
C VAL A 199 -34.14 2.63 -30.76
N GLY A 200 -34.95 2.73 -29.72
CA GLY A 200 -34.50 3.26 -28.45
C GLY A 200 -33.93 4.67 -28.51
N LYS A 201 -34.46 5.51 -29.40
CA LYS A 201 -34.00 6.86 -29.81
C LYS A 201 -32.68 6.84 -30.59
N GLU A 202 -32.04 5.69 -30.72
CA GLU A 202 -30.77 5.59 -31.42
C GLU A 202 -31.00 5.24 -32.89
N VAL A 203 -30.24 5.88 -33.77
CA VAL A 203 -30.39 5.71 -35.22
C VAL A 203 -29.36 4.68 -35.68
N LEU A 204 -29.84 3.59 -36.28
CA LEU A 204 -28.98 2.51 -36.72
C LEU A 204 -28.60 2.59 -38.19
N ALA A 205 -29.57 2.79 -39.07
CA ALA A 205 -29.29 2.88 -40.50
C ALA A 205 -30.29 3.82 -41.16
N VAL A 206 -29.83 4.50 -42.19
CA VAL A 206 -30.68 5.22 -43.12
C VAL A 206 -30.87 4.37 -44.37
N ILE A 207 -32.15 4.06 -44.65
CA ILE A 207 -32.48 3.19 -45.83
C ILE A 207 -32.74 4.08 -47.03
N MET A 208 -32.26 3.65 -48.20
CA MET A 208 -32.42 4.56 -49.35
C MET A 208 -33.17 3.87 -50.48
N ALA A 209 -34.18 4.55 -51.01
CA ALA A 209 -34.87 4.05 -52.21
C ALA A 209 -34.66 5.16 -53.23
N VAL A 210 -34.12 4.88 -54.42
CA VAL A 210 -33.88 6.00 -55.31
C VAL A 210 -34.40 5.67 -56.71
N ASN A 211 -34.61 6.73 -57.50
CA ASN A 211 -34.87 6.68 -58.93
C ASN A 211 -35.94 5.65 -59.31
N LYS A 212 -37.14 5.85 -58.76
CA LYS A 212 -38.32 5.14 -59.23
C LYS A 212 -38.44 5.21 -60.75
N VAL A 213 -38.56 4.05 -61.37
CA VAL A 213 -38.65 3.95 -62.82
C VAL A 213 -40.10 4.08 -63.26
N ASN A 214 -40.29 4.59 -64.47
CA ASN A 214 -41.59 4.77 -65.11
C ASN A 214 -42.57 5.66 -64.35
N ALA A 215 -42.15 6.24 -63.23
CA ALA A 215 -43.06 7.03 -62.41
C ALA A 215 -42.25 8.01 -61.57
N SER A 216 -42.91 9.07 -61.13
CA SER A 216 -42.31 10.02 -60.21
C SER A 216 -43.13 10.11 -58.93
N GLU A 217 -42.58 10.84 -57.96
CA GLU A 217 -43.17 11.20 -56.67
C GLU A 217 -43.42 10.00 -55.76
N PHE A 218 -43.02 8.79 -56.17
CA PHE A 218 -43.35 7.55 -55.48
C PHE A 218 -44.86 7.42 -55.25
N SER A 219 -45.26 6.97 -54.07
CA SER A 219 -46.67 7.00 -53.67
C SER A 219 -46.76 6.82 -52.16
N LYS A 220 -47.90 7.24 -51.61
CA LYS A 220 -48.19 6.99 -50.20
C LYS A 220 -48.34 5.50 -49.90
N GLN A 221 -48.85 4.71 -50.85
CA GLN A 221 -48.87 3.27 -50.66
C GLN A 221 -47.46 2.66 -50.81
N ASP A 222 -46.60 3.30 -51.60
CA ASP A 222 -45.19 2.93 -51.58
C ASP A 222 -44.55 3.21 -50.25
N GLU A 223 -44.89 4.34 -49.62
CA GLU A 223 -44.41 4.61 -48.27
C GLU A 223 -45.00 3.65 -47.24
N GLU A 224 -46.25 3.22 -47.42
CA GLU A 224 -46.86 2.26 -46.50
C GLU A 224 -46.18 0.89 -46.56
N VAL A 225 -46.00 0.34 -47.77
CA VAL A 225 -45.25 -0.91 -47.90
C VAL A 225 -43.78 -0.73 -47.52
N PHE A 226 -43.22 0.47 -47.73
CA PHE A 226 -41.86 0.76 -47.31
C PHE A 226 -41.72 0.68 -45.79
N SER A 227 -42.67 1.27 -45.06
CA SER A 227 -42.69 1.17 -43.61
C SER A 227 -42.91 -0.26 -43.14
N LYS A 228 -43.81 -0.99 -43.81
CA LYS A 228 -44.06 -2.37 -43.41
C LYS A 228 -42.85 -3.28 -43.63
N TYR A 229 -42.02 -3.03 -44.65
CA TYR A 229 -40.78 -3.78 -44.78
C TYR A 229 -39.66 -3.25 -43.88
N LEU A 230 -39.63 -1.94 -43.62
CA LEU A 230 -38.67 -1.41 -42.66
C LEU A 230 -38.97 -1.84 -41.24
N ASN A 231 -40.17 -2.32 -40.96
CA ASN A 231 -40.39 -3.02 -39.69
C ASN A 231 -39.56 -4.30 -39.58
N PHE A 232 -39.50 -5.10 -40.65
CA PHE A 232 -38.61 -6.25 -40.68
C PHE A 232 -37.15 -5.83 -40.62
N VAL A 233 -36.78 -4.79 -41.37
CA VAL A 233 -35.42 -4.27 -41.33
C VAL A 233 -35.03 -3.84 -39.92
N SER A 234 -35.93 -3.14 -39.24
CA SER A 234 -35.70 -2.73 -37.85
C SER A 234 -35.60 -3.91 -36.90
N ILE A 235 -36.41 -4.95 -37.13
CA ILE A 235 -36.27 -6.19 -36.36
C ILE A 235 -34.85 -6.76 -36.49
N ILE A 236 -34.39 -6.93 -37.72
CA ILE A 236 -33.07 -7.52 -37.94
C ILE A 236 -31.96 -6.64 -37.34
N LEU A 237 -32.05 -5.33 -37.58
CA LEU A 237 -31.04 -4.41 -37.06
C LEU A 237 -31.05 -4.34 -35.54
N ARG A 238 -32.23 -4.39 -34.91
CA ARG A 238 -32.29 -4.40 -33.46
C ARG A 238 -31.73 -5.69 -32.87
N LEU A 239 -31.98 -6.83 -33.51
CA LEU A 239 -31.36 -8.08 -33.06
C LEU A 239 -29.84 -8.00 -33.12
N HIS A 240 -29.30 -7.47 -34.23
CA HIS A 240 -27.86 -7.33 -34.34
C HIS A 240 -27.31 -6.32 -33.33
N HIS A 241 -28.03 -5.21 -33.12
CA HIS A 241 -27.61 -4.22 -32.14
C HIS A 241 -27.58 -4.77 -30.72
N THR A 242 -28.61 -5.53 -30.32
CA THR A 242 -28.58 -6.17 -29.01
C THR A 242 -27.45 -7.18 -28.88
N SER A 243 -27.14 -7.91 -29.95
CA SER A 243 -26.03 -8.84 -29.88
C SER A 243 -24.69 -8.12 -29.75
N TYR A 244 -24.52 -7.02 -30.49
CA TYR A 244 -23.27 -6.28 -30.43
C TYR A 244 -23.08 -5.55 -29.10
N MET A 245 -24.15 -4.96 -28.56
CA MET A 245 -24.05 -4.33 -27.26
C MET A 245 -23.79 -5.33 -26.14
N TYR A 246 -24.37 -6.54 -26.24
CA TYR A 246 -23.98 -7.60 -25.31
C TYR A 246 -22.49 -7.96 -25.44
N ASN A 247 -22.00 -8.08 -26.67
CA ASN A 247 -20.60 -8.41 -26.89
C ASN A 247 -19.66 -7.35 -26.28
N ILE A 248 -19.91 -6.08 -26.59
CA ILE A 248 -19.03 -5.01 -26.09
C ILE A 248 -19.10 -4.89 -24.57
N GLU A 249 -20.29 -5.08 -23.98
CA GLU A 249 -20.37 -4.96 -22.52
C GLU A 249 -19.75 -6.15 -21.80
N SER A 250 -19.84 -7.34 -22.37
CA SER A 250 -19.07 -8.47 -21.87
C SER A 250 -17.57 -8.24 -21.96
N ARG A 251 -17.10 -7.68 -23.09
CA ARG A 251 -15.68 -7.34 -23.19
C ARG A 251 -15.25 -6.32 -22.13
N ARG A 252 -16.06 -5.30 -21.88
CA ARG A 252 -15.76 -4.34 -20.82
C ARG A 252 -15.65 -5.02 -19.45
N SER A 253 -16.62 -5.87 -19.12
CA SER A 253 -16.62 -6.48 -17.79
C SER A 253 -15.46 -7.45 -17.61
N GLN A 254 -15.11 -8.21 -18.65
CA GLN A 254 -13.96 -9.09 -18.56
C GLN A 254 -12.65 -8.31 -18.46
N ILE A 255 -12.53 -7.21 -19.21
CA ILE A 255 -11.36 -6.33 -19.08
C ILE A 255 -11.20 -5.85 -17.65
N LEU A 256 -12.28 -5.36 -17.04
CA LEU A 256 -12.18 -4.87 -15.67
C LEU A 256 -11.83 -5.98 -14.68
N MET A 257 -12.43 -7.17 -14.85
CA MET A 257 -12.14 -8.27 -13.93
C MET A 257 -10.68 -8.71 -14.01
N TRP A 258 -10.14 -8.81 -15.22
CA TRP A 258 -8.75 -9.22 -15.38
C TRP A 258 -7.77 -8.15 -14.92
N SER A 259 -8.06 -6.88 -15.23
CA SER A 259 -7.18 -5.81 -14.78
C SER A 259 -7.15 -5.69 -13.26
N ALA A 260 -8.30 -5.86 -12.60
CA ALA A 260 -8.32 -5.84 -11.14
C ALA A 260 -7.57 -7.04 -10.54
N ASN A 261 -7.78 -8.23 -11.11
CA ASN A 261 -7.01 -9.39 -10.66
C ASN A 261 -5.51 -9.17 -10.76
N LYS A 262 -5.05 -8.57 -11.86
CA LYS A 262 -3.61 -8.35 -12.00
C LYS A 262 -3.07 -7.16 -11.20
N VAL A 263 -3.89 -6.14 -10.94
CA VAL A 263 -3.45 -5.04 -10.10
C VAL A 263 -3.33 -5.45 -8.64
N PHE A 264 -4.29 -6.22 -8.13
CA PHE A 264 -4.20 -6.63 -6.72
C PHE A 264 -3.27 -7.80 -6.47
N GLU A 265 -2.51 -8.25 -7.46
CA GLU A 265 -1.62 -9.40 -7.25
C GLU A 265 -0.49 -9.07 -6.29
N GLU A 266 0.05 -7.85 -6.36
CA GLU A 266 1.09 -7.39 -5.45
C GLU A 266 1.22 -5.88 -5.60
N LEU A 267 2.10 -5.28 -4.79
CA LEU A 267 2.54 -3.91 -5.01
C LEU A 267 3.69 -3.87 -6.01
N THR A 268 3.61 -2.95 -6.97
CA THR A 268 4.67 -2.76 -7.96
C THR A 268 4.69 -1.32 -8.41
N ASP A 269 5.85 -0.92 -8.94
CA ASP A 269 6.00 0.31 -9.71
C ASP A 269 5.09 0.32 -10.94
N VAL A 270 4.96 1.52 -11.53
CA VAL A 270 4.03 1.76 -12.64
C VAL A 270 4.28 0.79 -13.78
N GLU A 271 5.54 0.65 -14.20
CA GLU A 271 5.85 -0.09 -15.42
C GLU A 271 5.40 -1.54 -15.35
N ARG A 272 5.73 -2.22 -14.25
CA ARG A 272 5.36 -3.62 -14.10
C ARG A 272 3.84 -3.81 -14.00
N GLN A 273 3.18 -2.91 -13.28
CA GLN A 273 1.74 -3.07 -13.07
C GLN A 273 0.94 -2.81 -14.34
N PHE A 274 1.32 -1.76 -15.07
CA PHE A 274 0.68 -1.48 -16.35
C PHE A 274 0.96 -2.58 -17.37
N HIS A 275 2.19 -3.10 -17.39
CA HIS A 275 2.51 -4.19 -18.30
C HIS A 275 1.70 -5.44 -18.00
N LYS A 276 1.61 -5.84 -16.73
CA LYS A 276 0.73 -6.94 -16.34
C LYS A 276 -0.71 -6.72 -16.79
N ALA A 277 -1.28 -5.55 -16.48
CA ALA A 277 -2.69 -5.31 -16.78
C ALA A 277 -2.96 -5.34 -18.29
N LEU A 278 -2.16 -4.61 -19.06
CA LEU A 278 -2.36 -4.56 -20.50
C LEU A 278 -2.09 -5.91 -21.17
N TYR A 279 -1.05 -6.62 -20.74
CA TYR A 279 -0.79 -7.92 -21.35
C TYR A 279 -1.90 -8.91 -21.03
N THR A 280 -2.47 -8.85 -19.82
CA THR A 280 -3.57 -9.74 -19.48
C THR A 280 -4.82 -9.41 -20.28
N VAL A 281 -5.10 -8.12 -20.49
CA VAL A 281 -6.33 -7.72 -21.19
C VAL A 281 -6.16 -7.67 -22.72
N ARG A 282 -4.99 -8.03 -23.24
CA ARG A 282 -4.72 -7.96 -24.68
C ARG A 282 -5.75 -8.69 -25.55
N SER A 283 -6.33 -9.80 -25.07
CA SER A 283 -7.27 -10.57 -25.88
C SER A 283 -8.66 -9.95 -25.99
N TYR A 284 -9.03 -9.04 -25.11
CA TYR A 284 -10.36 -8.45 -25.14
C TYR A 284 -10.42 -7.10 -25.83
N LEU A 285 -9.28 -6.54 -26.22
CA LEU A 285 -9.23 -5.38 -27.09
C LEU A 285 -8.96 -5.90 -28.50
N ASN A 286 -9.94 -5.77 -29.38
CA ASN A 286 -9.79 -6.17 -30.77
C ASN A 286 -8.97 -5.16 -31.57
N CYS A 287 -7.78 -4.83 -31.10
CA CYS A 287 -6.84 -4.01 -31.85
C CYS A 287 -5.75 -4.90 -32.43
N GLU A 288 -5.30 -4.56 -33.64
CA GLU A 288 -4.21 -5.31 -34.26
C GLU A 288 -2.89 -5.05 -33.56
N ARG A 289 -2.67 -3.84 -33.06
CA ARG A 289 -1.58 -3.57 -32.15
C ARG A 289 -1.93 -2.36 -31.30
N TYR A 290 -1.22 -2.22 -30.18
CA TYR A 290 -1.32 -0.99 -29.40
C TYR A 290 -0.07 -0.83 -28.56
N SER A 291 0.13 0.38 -28.06
CA SER A 291 1.30 0.70 -27.25
C SER A 291 0.93 1.68 -26.15
N ILE A 292 1.79 1.76 -25.14
CA ILE A 292 1.68 2.73 -24.06
C ILE A 292 3.04 3.41 -23.88
N GLY A 293 3.03 4.73 -23.80
CA GLY A 293 4.23 5.50 -23.50
C GLY A 293 4.12 6.19 -22.15
N LEU A 294 5.12 5.97 -21.32
CA LEU A 294 5.22 6.57 -19.99
C LEU A 294 6.13 7.78 -20.02
N LEU A 295 5.61 8.92 -19.56
CA LEU A 295 6.35 10.17 -19.52
C LEU A 295 7.20 10.27 -18.26
N ASP A 296 8.31 11.01 -18.37
CA ASP A 296 9.11 11.36 -17.20
C ASP A 296 8.25 12.11 -16.19
N MET A 297 8.26 11.64 -14.94
CA MET A 297 7.45 12.24 -13.89
C MET A 297 8.17 13.31 -13.07
N THR A 298 9.48 13.47 -13.24
CA THR A 298 10.20 14.51 -12.51
C THR A 298 9.68 15.90 -12.85
N LYS A 299 9.54 16.74 -11.82
CA LYS A 299 8.91 18.04 -11.92
C LYS A 299 9.88 19.19 -11.71
N GLU A 300 10.71 19.13 -10.68
CA GLU A 300 11.77 20.11 -10.47
C GLU A 300 13.14 19.48 -10.67
N LYS A 301 14.13 20.32 -10.90
CA LYS A 301 15.52 19.91 -11.07
C LYS A 301 16.35 20.26 -9.85
N GLU A 302 17.50 19.60 -9.74
CA GLU A 302 18.50 19.98 -8.75
C GLU A 302 19.05 21.37 -9.03
N PHE A 303 19.41 22.07 -7.94
CA PHE A 303 19.93 23.44 -8.05
C PHE A 303 21.13 23.53 -8.97
N TYR A 304 21.98 22.51 -8.99
CA TYR A 304 23.18 22.56 -9.82
C TYR A 304 22.90 22.32 -11.30
N ASP A 305 21.73 21.78 -11.64
CA ASP A 305 21.30 21.72 -13.02
C ASP A 305 20.45 22.90 -13.44
N GLU A 306 19.90 23.64 -12.47
CA GLU A 306 19.38 24.97 -12.74
C GLU A 306 20.48 26.01 -12.92
N TRP A 307 21.65 25.83 -12.30
CA TRP A 307 22.71 26.84 -12.40
C TRP A 307 23.07 27.25 -13.82
N PRO A 308 23.27 26.34 -14.79
CA PRO A 308 23.50 26.83 -16.16
C PRO A 308 22.33 27.59 -16.75
N ILE A 309 21.10 27.20 -16.40
CA ILE A 309 19.91 27.90 -16.90
C ILE A 309 19.80 29.29 -16.27
N LYS A 310 20.02 29.38 -14.95
CA LYS A 310 19.95 30.67 -14.26
C LYS A 310 21.09 31.60 -14.65
N LEU A 311 22.28 31.06 -14.94
CA LEU A 311 23.35 31.89 -15.47
C LEU A 311 23.12 32.26 -16.93
N GLY A 312 22.21 31.58 -17.62
CA GLY A 312 21.98 31.82 -19.03
C GLY A 312 23.03 31.22 -19.95
N GLU A 313 23.84 30.30 -19.46
CA GLU A 313 24.83 29.64 -20.31
C GLU A 313 24.18 28.65 -21.27
N VAL A 314 22.96 28.20 -21.00
CA VAL A 314 22.21 27.32 -21.88
C VAL A 314 20.83 27.90 -22.08
N GLU A 315 20.38 27.96 -23.33
CA GLU A 315 19.04 28.43 -23.63
C GLU A 315 18.00 27.51 -23.00
N PRO A 316 16.98 28.06 -22.34
CA PRO A 316 15.93 27.20 -21.77
C PRO A 316 15.23 26.34 -22.81
N TYR A 317 14.93 25.11 -22.42
CA TYR A 317 14.21 24.16 -23.26
C TYR A 317 12.91 24.75 -23.79
N LYS A 318 12.66 24.54 -25.07
CA LYS A 318 11.42 24.92 -25.73
C LYS A 318 10.97 23.77 -26.60
N GLY A 319 9.66 23.55 -26.66
CA GLY A 319 9.12 22.41 -27.36
C GLY A 319 7.87 21.89 -26.70
N PRO A 320 7.53 20.63 -26.95
CA PRO A 320 6.31 20.05 -26.39
C PRO A 320 6.35 20.00 -24.86
N LYS A 321 5.25 20.46 -24.25
CA LYS A 321 5.10 20.45 -22.80
C LYS A 321 3.72 19.91 -22.45
N THR A 322 3.67 19.08 -21.41
CA THR A 322 2.42 18.56 -20.87
C THR A 322 1.67 19.75 -20.23
N PRO A 323 0.35 19.62 -19.97
CA PRO A 323 -0.33 20.72 -19.26
C PRO A 323 0.19 21.06 -17.87
N ASP A 324 0.64 20.08 -17.08
CA ASP A 324 1.32 20.44 -15.83
C ASP A 324 2.67 21.10 -16.06
N GLY A 325 3.14 21.19 -17.30
CA GLY A 325 4.37 21.89 -17.61
C GLY A 325 5.63 21.05 -17.65
N ARG A 326 5.55 19.76 -17.34
CA ARG A 326 6.71 18.91 -17.50
C ARG A 326 7.09 18.79 -18.97
N GLU A 327 8.36 18.49 -19.21
CA GLU A 327 8.81 18.20 -20.56
C GLU A 327 8.23 16.87 -21.03
N VAL A 328 7.80 16.83 -22.29
CA VAL A 328 7.27 15.60 -22.86
C VAL A 328 8.44 14.71 -23.27
N ASN A 329 8.93 13.92 -22.31
CA ASN A 329 9.94 12.89 -22.56
C ASN A 329 9.33 11.54 -22.24
N PHE A 330 9.08 10.74 -23.26
CA PHE A 330 8.70 9.34 -23.07
C PHE A 330 9.94 8.58 -22.62
N TYR A 331 10.02 8.30 -21.31
CA TYR A 331 11.18 7.56 -20.82
C TYR A 331 11.11 6.07 -21.10
N LYS A 332 9.92 5.52 -21.34
CA LYS A 332 9.78 4.12 -21.70
C LYS A 332 8.56 3.93 -22.59
N ILE A 333 8.69 3.07 -23.58
CA ILE A 333 7.58 2.66 -24.46
C ILE A 333 7.41 1.15 -24.33
N ILE A 334 6.17 0.69 -24.22
CA ILE A 334 5.84 -0.72 -24.33
C ILE A 334 4.94 -0.93 -25.54
N ASP A 335 5.41 -1.71 -26.51
CA ASP A 335 4.65 -2.11 -27.68
C ASP A 335 4.10 -3.53 -27.51
N TYR A 336 2.79 -3.68 -27.71
CA TYR A 336 2.13 -4.98 -27.78
C TYR A 336 1.71 -5.18 -29.24
N ILE A 337 2.45 -6.03 -29.96
CA ILE A 337 2.17 -6.32 -31.36
C ILE A 337 1.41 -7.64 -31.43
N LEU A 338 0.24 -7.61 -32.08
CA LEU A 338 -0.67 -8.73 -32.09
C LEU A 338 -1.13 -9.12 -33.49
N HIS A 339 -0.64 -8.46 -34.54
CA HIS A 339 -1.07 -8.77 -35.90
C HIS A 339 -0.49 -10.10 -36.38
N GLY A 340 0.83 -10.25 -36.26
CA GLY A 340 1.49 -11.46 -36.67
C GLY A 340 1.87 -12.30 -35.48
N LYS A 341 3.16 -12.46 -35.25
CA LYS A 341 3.63 -12.97 -33.97
C LYS A 341 3.29 -11.97 -32.87
N GLU A 342 2.66 -12.46 -31.81
CA GLU A 342 2.44 -11.65 -30.61
C GLU A 342 3.80 -11.40 -29.96
N GLU A 343 4.24 -10.15 -29.96
CA GLU A 343 5.51 -9.81 -29.33
C GLU A 343 5.38 -8.54 -28.51
N ILE A 344 6.11 -8.51 -27.40
CA ILE A 344 6.20 -7.34 -26.54
C ILE A 344 7.58 -6.72 -26.69
N LYS A 345 7.63 -5.42 -26.97
CA LYS A 345 8.88 -4.67 -26.99
C LYS A 345 8.88 -3.62 -25.89
N VAL A 346 9.92 -3.62 -25.07
CA VAL A 346 10.15 -2.57 -24.08
C VAL A 346 11.33 -1.74 -24.56
N ILE A 347 11.08 -0.46 -24.83
CA ILE A 347 12.07 0.46 -25.37
C ILE A 347 12.33 1.55 -24.33
N PRO A 348 13.41 1.42 -23.56
CA PRO A 348 13.83 2.53 -22.69
C PRO A 348 14.41 3.68 -23.50
N THR A 349 14.03 4.90 -23.12
CA THR A 349 14.46 6.13 -23.78
C THR A 349 14.35 6.07 -25.31
N PRO A 350 13.16 5.77 -25.84
CA PRO A 350 13.02 5.60 -27.28
C PRO A 350 13.40 6.87 -28.02
N PRO A 351 13.99 6.74 -29.21
CA PRO A 351 14.27 7.92 -30.03
C PRO A 351 12.99 8.52 -30.58
N ALA A 352 13.11 9.75 -31.07
CA ALA A 352 11.99 10.41 -31.73
C ALA A 352 11.59 9.75 -33.05
N ASP A 353 12.43 8.88 -33.59
CA ASP A 353 12.11 8.14 -34.81
C ASP A 353 11.29 6.88 -34.55
N HIS A 354 10.94 6.60 -33.29
CA HIS A 354 10.10 5.45 -32.97
C HIS A 354 8.79 5.51 -33.75
N TRP A 355 8.38 4.35 -34.28
CA TRP A 355 7.23 4.28 -35.17
C TRP A 355 5.92 4.72 -34.51
N THR A 356 5.87 4.76 -33.19
CA THR A 356 4.72 5.37 -32.52
C THR A 356 4.86 6.89 -32.47
N LEU A 357 6.05 7.37 -32.10
CA LEU A 357 6.29 8.79 -31.91
C LEU A 357 6.54 9.56 -33.20
N ILE A 358 6.86 8.87 -34.30
CA ILE A 358 7.17 9.56 -35.56
C ILE A 358 5.93 10.28 -36.08
N SER A 359 4.74 9.72 -35.88
CA SER A 359 3.53 10.51 -35.98
C SER A 359 3.36 11.35 -34.73
N GLY A 360 2.90 12.59 -34.91
CA GLY A 360 2.73 13.50 -33.80
C GLY A 360 1.65 13.12 -32.81
N LEU A 361 0.87 12.07 -33.07
CA LEU A 361 -0.34 11.83 -32.30
C LEU A 361 -0.09 11.48 -30.82
N PRO A 362 0.86 10.60 -30.47
CA PRO A 362 1.11 10.40 -29.03
C PRO A 362 1.60 11.66 -28.34
N THR A 363 2.45 12.42 -29.01
CA THR A 363 2.94 13.67 -28.44
C THR A 363 1.81 14.68 -28.35
N TYR A 364 0.94 14.74 -29.35
CA TYR A 364 -0.23 15.60 -29.31
C TYR A 364 -1.16 15.26 -28.14
N VAL A 365 -1.32 13.97 -27.84
CA VAL A 365 -2.09 13.57 -26.66
C VAL A 365 -1.37 13.96 -25.37
N ALA A 366 -0.04 13.85 -25.35
CA ALA A 366 0.70 14.26 -24.16
C ALA A 366 0.62 15.77 -23.93
N GLU A 367 0.59 16.59 -24.98
CA GLU A 367 0.42 18.02 -24.81
C GLU A 367 -1.01 18.41 -24.45
N ASN A 368 -2.01 17.73 -25.03
CA ASN A 368 -3.38 18.18 -24.87
C ASN A 368 -4.26 17.27 -24.03
N GLY A 369 -4.19 15.96 -24.23
CA GLY A 369 -4.97 15.05 -23.41
C GLY A 369 -6.36 14.73 -23.94
N PHE A 370 -6.57 14.81 -25.24
CA PHE A 370 -7.83 14.41 -25.85
C PHE A 370 -7.81 12.92 -26.21
N ILE A 371 -9.00 12.34 -26.33
CA ILE A 371 -9.12 10.94 -26.82
C ILE A 371 -9.32 11.13 -28.31
N CYS A 372 -8.39 10.65 -29.11
CA CYS A 372 -8.42 10.96 -30.54
C CYS A 372 -8.69 9.75 -31.42
N ASN A 373 -9.84 9.71 -32.09
CA ASN A 373 -10.15 8.63 -33.05
C ASN A 373 -9.94 9.24 -34.39
N MET A 374 -9.08 8.65 -35.18
CA MET A 374 -8.74 9.26 -36.48
C MET A 374 -8.74 8.14 -37.49
N MET A 375 -9.70 8.18 -38.40
CA MET A 375 -9.80 7.08 -39.39
C MET A 375 -8.97 7.47 -40.59
N ASN A 376 -8.46 6.49 -41.31
CA ASN A 376 -7.68 6.77 -42.51
C ASN A 376 -6.52 7.72 -42.22
N ALA A 377 -5.84 7.46 -41.11
CA ALA A 377 -4.83 8.38 -40.57
C ALA A 377 -3.76 8.85 -41.56
N PRO A 378 -3.27 8.04 -42.52
CA PRO A 378 -2.33 8.60 -43.51
C PRO A 378 -2.95 9.57 -44.49
N ALA A 379 -4.28 9.68 -44.55
CA ALA A 379 -4.93 10.69 -45.37
C ALA A 379 -5.03 12.04 -44.68
N ASP A 380 -4.80 12.10 -43.37
CA ASP A 380 -4.74 13.38 -42.68
C ASP A 380 -3.50 14.16 -43.08
N GLU A 381 -3.56 15.48 -42.88
CA GLU A 381 -2.47 16.38 -43.22
C GLU A 381 -1.66 16.83 -42.01
N TYR A 382 -2.28 16.92 -40.84
CA TYR A 382 -1.57 17.38 -39.65
C TYR A 382 -0.55 16.34 -39.18
N PHE A 383 -1.00 15.12 -38.93
CA PHE A 383 -0.15 14.09 -38.36
C PHE A 383 0.59 13.32 -39.45
N THR A 384 1.91 13.22 -39.30
CA THR A 384 2.78 12.63 -40.31
C THR A 384 2.80 11.10 -40.25
N PHE A 385 1.63 10.48 -40.17
CA PHE A 385 1.53 9.03 -40.12
C PHE A 385 2.20 8.36 -41.31
N GLN A 386 2.90 7.26 -41.02
CA GLN A 386 3.61 6.51 -42.05
C GLN A 386 2.65 5.92 -43.05
N LYS A 387 2.88 6.20 -44.34
CA LYS A 387 2.03 5.72 -45.41
C LYS A 387 2.36 4.29 -45.83
N GLY A 388 3.39 3.69 -45.25
CA GLY A 388 3.85 2.39 -45.66
C GLY A 388 4.20 1.50 -44.49
N PRO A 389 4.77 0.33 -44.76
CA PRO A 389 5.17 -0.57 -43.68
C PRO A 389 6.18 0.05 -42.73
N VAL A 390 6.05 -0.27 -41.44
CA VAL A 390 6.88 0.32 -40.41
C VAL A 390 7.89 -0.68 -39.85
N ASP A 391 7.58 -1.98 -39.85
CA ASP A 391 8.50 -3.02 -39.39
C ASP A 391 8.86 -3.96 -40.53
N GLU A 392 8.78 -3.48 -41.77
CA GLU A 392 8.95 -4.26 -43.00
C GLU A 392 7.99 -5.44 -43.09
N THR A 393 7.10 -5.61 -42.12
CA THR A 393 6.18 -6.73 -42.08
C THR A 393 4.91 -6.47 -42.87
N GLY A 394 4.78 -5.29 -43.48
CA GLY A 394 3.62 -4.96 -44.28
C GLY A 394 2.42 -4.45 -43.52
N TRP A 395 2.55 -4.15 -42.22
CA TRP A 395 1.47 -3.53 -41.46
C TRP A 395 1.48 -2.02 -41.64
N VAL A 396 0.33 -1.47 -42.01
CA VAL A 396 0.19 -0.04 -42.22
C VAL A 396 -0.84 0.50 -41.23
N ILE A 397 -0.61 1.74 -40.79
CA ILE A 397 -1.59 2.41 -39.93
C ILE A 397 -2.81 2.77 -40.74
N LYS A 398 -3.98 2.40 -40.24
CA LYS A 398 -5.26 2.71 -40.88
C LYS A 398 -6.16 3.54 -39.96
N ASN A 399 -6.46 3.04 -38.76
CA ASN A 399 -7.23 3.77 -37.77
C ASN A 399 -6.43 3.87 -36.48
N VAL A 400 -6.60 4.98 -35.76
CA VAL A 400 -5.84 5.22 -34.53
C VAL A 400 -6.77 5.76 -33.46
N LEU A 401 -6.64 5.22 -32.25
CA LEU A 401 -7.38 5.69 -31.07
C LEU A 401 -6.38 5.87 -29.93
N SER A 402 -6.11 7.12 -29.55
CA SER A 402 -5.16 7.42 -28.49
C SER A 402 -5.84 8.08 -27.31
N LEU A 403 -5.47 7.64 -26.09
CA LEU A 403 -6.00 8.16 -24.83
C LEU A 403 -4.89 8.40 -23.81
N PRO A 404 -4.98 9.48 -23.03
CA PRO A 404 -4.05 9.70 -21.91
C PRO A 404 -4.45 9.03 -20.62
N ILE A 405 -3.46 8.43 -19.95
CA ILE A 405 -3.61 7.97 -18.57
C ILE A 405 -3.24 9.10 -17.61
N VAL A 406 -4.08 9.32 -16.60
CA VAL A 406 -3.92 10.47 -15.70
C VAL A 406 -3.78 10.02 -14.25
N ASN A 407 -3.04 10.81 -13.48
CA ASN A 407 -3.02 10.73 -12.02
C ASN A 407 -4.35 11.16 -11.41
N LYS A 408 -4.43 10.96 -10.09
CA LYS A 408 -5.50 11.54 -9.30
C LYS A 408 -5.56 13.06 -9.45
N LYS A 409 -4.44 13.68 -9.81
CA LYS A 409 -4.35 15.13 -9.95
C LYS A 409 -4.55 15.61 -11.38
N GLU A 410 -5.06 14.75 -12.26
CA GLU A 410 -5.15 14.96 -13.71
C GLU A 410 -3.80 15.03 -14.41
N ASP A 411 -2.71 14.58 -13.78
CA ASP A 411 -1.40 14.63 -14.41
C ASP A 411 -1.22 13.43 -15.32
N ILE A 412 -0.87 13.69 -16.58
CA ILE A 412 -0.70 12.64 -17.59
C ILE A 412 0.57 11.83 -17.30
N VAL A 413 0.39 10.60 -16.82
CA VAL A 413 1.51 9.68 -16.68
C VAL A 413 1.87 9.02 -18.01
N GLY A 414 0.89 8.78 -18.86
CA GLY A 414 1.20 8.07 -20.08
C GLY A 414 0.13 8.29 -21.11
N VAL A 415 0.42 7.80 -22.31
CA VAL A 415 -0.51 7.86 -23.44
C VAL A 415 -0.60 6.46 -24.02
N ALA A 416 -1.81 5.92 -24.07
CA ALA A 416 -2.10 4.66 -24.73
C ALA A 416 -2.62 4.92 -26.12
N THR A 417 -2.04 4.27 -27.12
CA THR A 417 -2.48 4.39 -28.50
C THR A 417 -2.86 3.00 -29.00
N PHE A 418 -4.14 2.84 -29.35
CA PHE A 418 -4.68 1.62 -29.95
C PHE A 418 -4.78 1.79 -31.45
N TYR A 419 -4.11 0.91 -32.20
CA TYR A 419 -4.12 0.93 -33.66
C TYR A 419 -5.20 0.01 -34.22
N ASN A 420 -5.18 -0.14 -35.55
CA ASN A 420 -6.24 -0.69 -36.39
C ASN A 420 -7.00 -1.86 -35.78
N ARG A 421 -8.33 -1.77 -35.84
CA ARG A 421 -9.20 -2.80 -35.30
C ARG A 421 -9.06 -4.10 -36.10
N LYS A 422 -9.06 -5.23 -35.40
CA LYS A 422 -8.99 -6.54 -36.04
C LYS A 422 -10.06 -6.73 -37.12
N ASP A 423 -11.26 -6.22 -36.91
CA ASP A 423 -12.29 -6.31 -37.94
C ASP A 423 -12.05 -5.38 -39.12
N GLY A 424 -11.05 -4.50 -39.05
CA GLY A 424 -10.81 -3.52 -40.08
C GLY A 424 -11.79 -2.37 -40.15
N LYS A 425 -12.93 -2.45 -39.48
CA LYS A 425 -13.82 -1.31 -39.39
C LYS A 425 -13.15 -0.17 -38.63
N PRO A 426 -13.45 1.08 -38.97
CA PRO A 426 -13.01 2.20 -38.13
C PRO A 426 -13.54 2.10 -36.72
N PHE A 427 -12.73 2.59 -35.77
CA PHE A 427 -13.14 2.65 -34.37
C PHE A 427 -14.40 3.50 -34.20
N ASP A 428 -15.37 2.95 -33.49
CA ASP A 428 -16.60 3.64 -33.14
C ASP A 428 -16.64 3.86 -31.62
N GLU A 429 -17.69 4.55 -31.18
CA GLU A 429 -17.87 4.89 -29.77
C GLU A 429 -17.81 3.69 -28.83
N HIS A 430 -18.10 2.48 -29.32
CA HIS A 430 -18.02 1.30 -28.46
C HIS A 430 -16.59 0.96 -28.07
N ASP A 431 -15.68 0.90 -29.03
CA ASP A 431 -14.27 0.67 -28.70
C ASP A 431 -13.63 1.86 -27.99
N GLU A 432 -14.07 3.08 -28.30
CA GLU A 432 -13.73 4.23 -27.47
C GLU A 432 -14.14 4.02 -26.02
N TYR A 433 -15.35 3.50 -25.79
CA TYR A 433 -15.81 3.24 -24.43
C TYR A 433 -14.98 2.17 -23.74
N ILE A 434 -14.66 1.10 -24.46
CA ILE A 434 -13.83 0.02 -23.90
C ILE A 434 -12.46 0.54 -23.49
N THR A 435 -11.79 1.24 -24.41
CA THR A 435 -10.44 1.71 -24.13
C THR A 435 -10.40 2.83 -23.11
N GLU A 436 -11.43 3.68 -23.04
CA GLU A 436 -11.49 4.67 -21.98
C GLU A 436 -11.71 4.04 -20.61
N THR A 437 -12.50 2.97 -20.51
CA THR A 437 -12.64 2.33 -19.20
C THR A 437 -11.35 1.61 -18.78
N LEU A 438 -10.64 1.01 -19.73
CA LEU A 438 -9.33 0.45 -19.40
C LEU A 438 -8.34 1.52 -18.94
N THR A 439 -8.24 2.61 -19.70
CA THR A 439 -7.35 3.71 -19.34
C THR A 439 -7.71 4.33 -17.99
N GLN A 440 -9.00 4.49 -17.71
CA GLN A 440 -9.43 4.99 -16.40
C GLN A 440 -9.03 4.05 -15.27
N PHE A 441 -9.19 2.74 -15.47
CA PHE A 441 -8.76 1.80 -14.43
C PHE A 441 -7.25 1.87 -14.20
N LEU A 442 -6.47 1.97 -15.27
CA LEU A 442 -5.03 2.14 -15.12
C LEU A 442 -4.68 3.41 -14.37
N GLY A 443 -5.34 4.53 -14.69
CA GLY A 443 -5.09 5.77 -13.97
C GLY A 443 -5.47 5.71 -12.50
N TRP A 444 -6.49 4.92 -12.16
CA TRP A 444 -6.81 4.72 -10.75
C TRP A 444 -5.80 3.82 -10.04
N SER A 445 -5.23 2.85 -10.74
CA SER A 445 -4.33 1.87 -10.14
C SER A 445 -3.03 2.47 -9.58
N LEU A 446 -2.69 3.70 -9.93
CA LEU A 446 -1.47 4.35 -9.45
C LEU A 446 -1.36 4.54 -7.94
N LEU A 447 -2.47 4.45 -7.19
CA LEU A 447 -2.38 4.40 -5.74
C LEU A 447 -1.45 3.30 -5.24
N ASN A 448 -1.47 2.14 -5.90
CA ASN A 448 -0.61 1.04 -5.48
C ASN A 448 0.86 1.36 -5.72
N THR A 449 1.19 1.96 -6.86
CA THR A 449 2.57 2.39 -7.10
C THR A 449 3.05 3.41 -6.07
N ASP A 450 2.25 4.47 -5.83
CA ASP A 450 2.65 5.47 -4.85
C ASP A 450 2.82 4.86 -3.45
N THR A 451 1.99 3.88 -3.12
CA THR A 451 2.12 3.20 -1.84
C THR A 451 3.37 2.33 -1.79
N TYR A 452 3.70 1.65 -2.90
CA TYR A 452 4.92 0.86 -2.96
C TYR A 452 6.17 1.71 -2.76
N ASP A 453 6.23 2.88 -3.41
CA ASP A 453 7.35 3.79 -3.19
C ASP A 453 7.42 4.28 -1.75
N LYS A 454 6.26 4.59 -1.15
CA LYS A 454 6.28 5.03 0.24
C LYS A 454 6.66 3.89 1.20
N MET A 455 6.33 2.65 0.85
CA MET A 455 6.80 1.50 1.62
C MET A 455 8.30 1.39 1.61
N ASN A 456 8.90 1.44 0.42
CA ASN A 456 10.36 1.32 0.33
C ASN A 456 11.07 2.45 1.05
N LYS A 457 10.56 3.69 0.93
CA LYS A 457 11.17 4.80 1.67
C LYS A 457 11.04 4.66 3.19
N LEU A 458 9.88 4.19 3.67
CA LEU A 458 9.72 4.03 5.12
C LEU A 458 10.58 2.90 5.66
N GLU A 459 10.63 1.78 4.95
CA GLU A 459 11.51 0.68 5.35
C GLU A 459 12.96 1.13 5.44
N ASN A 460 13.48 1.76 4.38
CA ASN A 460 14.87 2.19 4.38
C ASN A 460 15.16 3.19 5.50
N ARG A 461 14.27 4.18 5.71
CA ARG A 461 14.49 5.14 6.79
C ARG A 461 14.47 4.48 8.17
N LYS A 462 13.57 3.52 8.38
CA LYS A 462 13.55 2.78 9.63
C LYS A 462 14.86 2.04 9.85
N ASP A 463 15.33 1.30 8.85
CA ASP A 463 16.54 0.50 9.01
C ASP A 463 17.77 1.37 9.29
N ILE A 464 17.87 2.52 8.60
CA ILE A 464 18.96 3.47 8.87
C ILE A 464 18.89 3.99 10.30
N ALA A 465 17.70 4.40 10.75
CA ALA A 465 17.58 4.94 12.10
C ALA A 465 17.89 3.90 13.17
N GLN A 466 17.45 2.66 12.97
CA GLN A 466 17.77 1.60 13.92
C GLN A 466 19.25 1.28 13.97
N GLU A 467 19.92 1.23 12.81
CA GLU A 467 21.37 0.98 12.82
C GLU A 467 22.14 2.10 13.51
N MET A 468 21.80 3.36 13.21
CA MET A 468 22.50 4.48 13.84
C MET A 468 22.26 4.52 15.35
N LEU A 469 21.04 4.24 15.78
CA LEU A 469 20.75 4.08 17.20
C LEU A 469 21.60 2.99 17.84
N MET A 470 21.61 1.79 17.25
CA MET A 470 22.36 0.69 17.84
C MET A 470 23.85 0.99 17.90
N ASN A 471 24.39 1.63 16.88
CA ASN A 471 25.79 2.07 16.93
C ASN A 471 26.05 3.07 18.06
N GLN A 472 25.17 4.05 18.23
CA GLN A 472 25.33 5.02 19.32
C GLN A 472 25.25 4.35 20.70
N THR A 473 24.28 3.47 20.90
CA THR A 473 24.09 2.87 22.21
C THR A 473 25.18 1.85 22.57
N LYS A 474 25.73 1.14 21.57
CA LYS A 474 26.72 0.10 21.84
C LYS A 474 27.95 0.65 22.57
N ALA A 475 28.44 -0.12 23.53
CA ALA A 475 29.60 0.28 24.34
C ALA A 475 30.88 0.26 23.50
N THR A 476 31.65 1.35 23.59
CA THR A 476 32.87 1.48 22.84
C THR A 476 33.93 0.49 23.38
N PRO A 477 34.95 0.16 22.58
CA PRO A 477 36.01 -0.73 23.08
C PRO A 477 36.73 -0.24 24.32
N GLU A 478 36.79 1.07 24.55
CA GLU A 478 37.33 1.57 25.81
C GLU A 478 36.49 1.12 27.00
N GLU A 479 35.16 1.16 26.84
CA GLU A 479 34.27 0.71 27.92
C GLU A 479 34.47 -0.77 28.24
N ILE A 480 34.72 -1.58 27.22
CA ILE A 480 35.08 -2.98 27.45
C ILE A 480 36.42 -3.07 28.18
N LYS A 481 37.45 -2.44 27.62
CA LYS A 481 38.78 -2.47 28.23
C LYS A 481 38.79 -1.92 29.64
N SER A 482 37.83 -1.05 29.98
CA SER A 482 37.70 -0.57 31.35
C SER A 482 37.40 -1.71 32.33
N ILE A 483 36.75 -2.77 31.85
CA ILE A 483 36.41 -3.92 32.68
C ILE A 483 37.25 -5.14 32.31
N LEU A 484 37.14 -5.61 31.07
CA LEU A 484 37.95 -6.72 30.58
C LEU A 484 39.36 -6.21 30.32
N LYS A 485 40.14 -6.09 31.41
CA LYS A 485 41.48 -5.54 31.37
C LYS A 485 42.50 -6.51 30.78
N PHE A 486 42.19 -7.05 29.59
CA PHE A 486 43.11 -7.96 28.92
C PHE A 486 44.41 -7.27 28.53
N GLN A 487 44.33 -6.01 28.10
CA GLN A 487 45.53 -5.27 27.72
C GLN A 487 46.52 -5.14 28.88
N GLU A 488 46.03 -4.84 30.08
CA GLU A 488 46.87 -4.64 31.24
C GLU A 488 47.40 -5.94 31.85
N LYS A 489 46.99 -7.10 31.35
CA LYS A 489 47.38 -8.36 31.96
C LYS A 489 47.93 -9.40 30.99
N LEU A 490 47.63 -9.29 29.69
CA LEU A 490 48.16 -10.24 28.71
C LEU A 490 49.16 -9.63 27.74
N ASN A 491 49.31 -8.30 27.75
CA ASN A 491 50.33 -7.59 26.97
C ASN A 491 50.16 -7.83 25.46
N VAL A 492 48.91 -7.89 25.01
CA VAL A 492 48.63 -8.11 23.59
C VAL A 492 48.30 -6.76 22.97
N ASP A 493 47.32 -6.08 23.55
CA ASP A 493 46.96 -4.70 23.25
C ASP A 493 46.43 -4.44 21.84
N VAL A 494 46.44 -5.44 20.96
CA VAL A 494 46.10 -5.27 19.55
C VAL A 494 44.94 -6.16 19.12
N ILE A 495 45.00 -7.44 19.45
CA ILE A 495 44.03 -8.42 18.97
C ILE A 495 43.60 -9.28 20.16
N ASP A 496 42.31 -9.59 20.24
CA ASP A 496 41.82 -10.56 21.21
C ASP A 496 42.06 -11.99 20.72
N ASP A 497 43.34 -12.32 20.55
CA ASP A 497 43.78 -13.65 20.17
C ASP A 497 43.85 -14.61 21.35
N CYS A 498 43.74 -14.11 22.57
CA CYS A 498 43.82 -14.96 23.75
C CYS A 498 42.59 -15.85 23.87
N GLU A 499 42.82 -17.06 24.37
CA GLU A 499 41.75 -18.04 24.53
C GLU A 499 40.77 -17.62 25.61
N GLU A 500 39.55 -18.16 25.49
CA GLU A 500 38.48 -17.89 26.44
C GLU A 500 38.86 -18.23 27.88
N LYS A 501 39.71 -19.23 28.08
CA LYS A 501 40.21 -19.52 29.43
C LYS A 501 41.06 -18.38 29.97
N GLN A 502 41.87 -17.76 29.11
CA GLN A 502 42.68 -16.63 29.55
C GLN A 502 41.82 -15.43 29.94
N LEU A 503 40.82 -15.10 29.12
CA LEU A 503 39.89 -14.03 29.45
C LEU A 503 39.10 -14.30 30.73
N VAL A 504 38.66 -15.54 30.93
CA VAL A 504 38.00 -15.91 32.18
C VAL A 504 38.94 -15.73 33.37
N ALA A 505 40.19 -16.17 33.23
CA ALA A 505 41.14 -16.10 34.34
C ALA A 505 41.47 -14.65 34.71
N ILE A 506 41.76 -13.82 33.69
CA ILE A 506 42.06 -12.41 33.97
C ILE A 506 40.84 -11.65 34.49
N LEU A 507 39.63 -11.97 34.03
CA LEU A 507 38.47 -11.23 34.53
C LEU A 507 38.07 -11.63 35.95
N LYS A 508 38.13 -12.92 36.28
CA LYS A 508 37.64 -13.39 37.58
C LYS A 508 38.32 -12.73 38.78
N GLU A 509 39.54 -12.22 38.63
CA GLU A 509 40.12 -11.36 39.65
C GLU A 509 39.39 -10.03 39.75
N ASP A 510 39.11 -9.40 38.59
CA ASP A 510 38.63 -8.03 38.58
C ASP A 510 37.22 -7.86 39.15
N LEU A 511 36.36 -8.87 39.07
CA LEU A 511 35.05 -8.74 39.70
C LEU A 511 35.21 -8.75 41.22
N PRO A 512 34.41 -7.97 41.94
CA PRO A 512 34.30 -8.15 43.39
C PRO A 512 33.77 -9.53 43.74
N ASP A 513 34.35 -10.14 44.77
CA ASP A 513 33.85 -11.42 45.25
C ASP A 513 32.41 -11.28 45.75
N PRO A 514 31.54 -12.23 45.43
CA PRO A 514 30.12 -12.08 45.79
C PRO A 514 29.84 -12.11 47.29
N ARG A 515 30.75 -12.64 48.10
CA ARG A 515 30.52 -12.69 49.55
C ARG A 515 30.81 -11.36 50.22
N SER A 516 31.87 -10.67 49.81
CA SER A 516 32.15 -9.36 50.39
C SER A 516 31.15 -8.31 49.90
N ALA A 517 30.69 -8.43 48.66
CA ALA A 517 29.65 -7.54 48.16
C ALA A 517 28.26 -7.90 48.66
N GLU A 518 28.13 -9.00 49.44
CA GLU A 518 26.84 -9.47 49.94
C GLU A 518 25.80 -9.69 48.84
N LEU A 519 26.26 -9.99 47.62
CA LEU A 519 25.37 -10.06 46.47
C LEU A 519 24.31 -11.16 46.58
N TYR A 520 24.58 -12.22 47.34
CA TYR A 520 23.57 -13.24 47.60
C TYR A 520 22.53 -12.82 48.63
N GLU A 521 22.76 -11.75 49.39
CA GLU A 521 21.91 -11.40 50.51
C GLU A 521 20.74 -10.53 50.07
N PHE A 522 19.61 -10.69 50.76
CA PHE A 522 18.39 -9.97 50.45
C PHE A 522 18.46 -8.51 50.86
N ARG A 523 19.43 -8.17 51.71
CA ARG A 523 19.59 -6.84 52.31
C ARG A 523 20.38 -5.88 51.43
N PHE A 524 21.18 -6.40 50.50
CA PHE A 524 22.18 -5.63 49.75
C PHE A 524 21.60 -4.33 49.21
N SER A 525 22.30 -3.23 49.48
CA SER A 525 21.92 -1.89 49.08
C SER A 525 22.93 -1.36 48.07
N ASP A 526 22.43 -0.79 46.97
CA ASP A 526 23.23 -0.35 45.85
C ASP A 526 23.74 1.09 45.98
N PHE A 527 23.45 1.77 47.09
CA PHE A 527 23.93 3.13 47.25
C PHE A 527 25.45 3.27 47.35
N PRO A 528 26.17 2.45 48.12
CA PRO A 528 27.64 2.63 48.15
C PRO A 528 28.35 2.28 46.84
N LEU A 529 27.81 1.37 46.05
CA LEU A 529 28.44 0.98 44.80
C LEU A 529 28.23 2.02 43.71
N THR A 530 29.22 2.11 42.81
CA THR A 530 29.08 2.94 41.61
C THR A 530 28.44 2.11 40.50
N GLU A 531 27.93 2.83 39.49
CA GLU A 531 27.29 2.17 38.35
C GLU A 531 28.25 1.27 37.58
N HIS A 532 29.53 1.64 37.52
CA HIS A 532 30.53 0.74 36.95
C HIS A 532 30.77 -0.46 37.86
N GLY A 533 30.69 -0.24 39.18
CA GLY A 533 30.67 -1.35 40.10
C GLY A 533 29.41 -2.19 39.98
N LEU A 534 28.29 -1.58 39.59
CA LEU A 534 27.10 -2.37 39.30
C LEU A 534 27.27 -3.23 38.07
N ILE A 535 27.95 -2.73 37.03
CA ILE A 535 28.23 -3.57 35.87
C ILE A 535 29.13 -4.74 36.25
N LYS A 536 30.21 -4.46 36.98
CA LYS A 536 31.09 -5.52 37.49
C LYS A 536 30.34 -6.56 38.31
N CYS A 537 29.48 -6.11 39.23
CA CYS A 537 28.66 -7.03 40.00
C CYS A 537 27.70 -7.82 39.14
N GLY A 538 27.14 -7.21 38.09
CA GLY A 538 26.28 -7.96 37.18
C GLY A 538 27.00 -9.10 36.48
N ILE A 539 28.20 -8.83 35.96
CA ILE A 539 29.00 -9.92 35.38
C ILE A 539 29.37 -10.94 36.45
N ARG A 540 29.61 -10.50 37.69
CA ARG A 540 29.80 -11.44 38.80
C ARG A 540 28.58 -12.32 39.04
N LEU A 541 27.38 -11.75 39.00
CA LEU A 541 26.16 -12.55 39.17
C LEU A 541 26.01 -13.58 38.06
N PHE A 542 26.29 -13.19 36.82
CA PHE A 542 26.31 -14.16 35.73
C PHE A 542 27.37 -15.24 35.94
N PHE A 543 28.55 -14.87 36.42
CA PHE A 543 29.58 -15.86 36.75
C PHE A 543 29.13 -16.84 37.84
N GLU A 544 28.47 -16.34 38.89
CA GLU A 544 28.08 -17.20 40.01
C GLU A 544 27.05 -18.25 39.62
N ILE A 545 26.15 -17.94 38.69
CA ILE A 545 25.23 -18.95 38.19
C ILE A 545 25.96 -20.03 37.38
N ASN A 546 27.21 -19.76 36.98
CA ASN A 546 28.02 -20.66 36.15
C ASN A 546 27.29 -20.90 34.83
N VAL A 547 27.25 -19.83 34.03
CA VAL A 547 26.65 -19.84 32.71
C VAL A 547 27.71 -19.84 31.61
N VAL A 548 28.78 -19.06 31.77
CA VAL A 548 29.77 -18.87 30.72
C VAL A 548 30.37 -20.21 30.25
N GLU A 549 30.74 -21.08 31.20
CA GLU A 549 31.33 -22.36 30.82
C GLU A 549 30.34 -23.30 30.14
N LYS A 550 29.10 -23.35 30.61
CA LYS A 550 28.16 -24.33 30.07
C LYS A 550 27.65 -23.96 28.69
N PHE A 551 27.19 -22.73 28.51
CA PHE A 551 26.60 -22.29 27.25
C PHE A 551 27.59 -21.59 26.33
N LYS A 552 28.86 -21.52 26.72
CA LYS A 552 29.94 -20.99 25.89
C LYS A 552 29.73 -19.52 25.53
N VAL A 553 29.32 -18.73 26.50
CA VAL A 553 29.05 -17.31 26.29
C VAL A 553 30.39 -16.59 26.34
N PRO A 554 30.87 -16.00 25.24
CA PRO A 554 32.18 -15.34 25.28
C PRO A 554 32.20 -14.18 26.25
N VAL A 555 33.36 -13.96 26.86
CA VAL A 555 33.47 -13.01 27.96
C VAL A 555 33.45 -11.57 27.47
N GLU A 556 34.03 -11.29 26.30
CA GLU A 556 33.98 -9.95 25.74
C GLU A 556 32.57 -9.56 25.34
N VAL A 557 31.86 -10.47 24.67
CA VAL A 557 30.47 -10.18 24.31
C VAL A 557 29.59 -10.11 25.56
N LEU A 558 29.90 -10.88 26.60
CA LEU A 558 29.20 -10.76 27.88
C LEU A 558 29.36 -9.37 28.48
N THR A 559 30.60 -8.90 28.62
CA THR A 559 30.83 -7.57 29.18
C THR A 559 30.22 -6.46 28.32
N ARG A 560 30.38 -6.58 27.00
CA ARG A 560 29.77 -5.61 26.09
C ARG A 560 28.26 -5.57 26.25
N TRP A 561 27.62 -6.74 26.29
CA TRP A 561 26.17 -6.79 26.43
C TRP A 561 25.71 -6.18 27.75
N MET A 562 26.41 -6.47 28.86
CA MET A 562 26.08 -5.80 30.12
C MET A 562 26.20 -4.29 30.03
N TYR A 563 27.26 -3.78 29.40
CA TYR A 563 27.44 -2.34 29.32
C TYR A 563 26.40 -1.68 28.41
N THR A 564 26.08 -2.33 27.29
CA THR A 564 25.05 -1.81 26.40
C THR A 564 23.67 -1.84 27.03
N VAL A 565 23.38 -2.87 27.82
CA VAL A 565 22.12 -2.92 28.56
C VAL A 565 22.05 -1.79 29.57
N ARG A 566 23.14 -1.57 30.33
CA ARG A 566 23.20 -0.40 31.21
C ARG A 566 22.93 0.91 30.46
N LYS A 567 23.64 1.15 29.35
CA LYS A 567 23.47 2.38 28.62
C LYS A 567 22.11 2.51 27.97
N GLY A 568 21.43 1.40 27.71
CA GLY A 568 20.06 1.45 27.21
C GLY A 568 19.03 1.84 28.24
N TYR A 569 19.33 1.68 29.53
CA TYR A 569 18.55 2.35 30.56
C TYR A 569 18.83 3.85 30.54
N ARG A 570 17.76 4.63 30.47
CA ARG A 570 17.83 6.08 30.56
C ARG A 570 18.20 6.53 31.97
N ALA A 571 18.51 7.83 32.08
CA ALA A 571 18.85 8.46 33.34
C ALA A 571 17.65 8.90 34.16
N VAL A 572 16.51 8.20 34.03
CA VAL A 572 15.31 8.60 34.75
C VAL A 572 15.49 8.36 36.25
N THR A 573 14.62 8.98 37.05
CA THR A 573 14.81 9.06 38.49
C THR A 573 14.73 7.70 39.18
N TYR A 574 13.91 6.79 38.68
CA TYR A 574 13.81 5.46 39.27
C TYR A 574 14.01 4.33 38.26
N HIS A 575 13.46 4.46 37.06
CA HIS A 575 13.65 3.46 36.02
C HIS A 575 15.02 3.59 35.34
N ASN A 576 16.03 4.01 36.09
CA ASN A 576 17.39 3.98 35.60
C ASN A 576 18.02 2.61 35.83
N TRP A 577 19.29 2.51 35.45
CA TRP A 577 20.06 1.26 35.56
C TRP A 577 20.08 0.66 36.96
N ARG A 578 20.00 1.48 38.01
CA ARG A 578 19.95 0.91 39.36
C ARG A 578 18.72 0.05 39.61
N HIS A 579 17.55 0.45 39.09
CA HIS A 579 16.37 -0.41 39.24
C HIS A 579 16.53 -1.72 38.50
N GLY A 580 17.03 -1.69 37.27
CA GLY A 580 17.28 -2.92 36.54
C GLY A 580 18.29 -3.82 37.23
N PHE A 581 19.33 -3.22 37.82
CA PHE A 581 20.31 -4.01 38.54
C PHE A 581 19.74 -4.61 39.82
N ASN A 582 18.97 -3.85 40.60
CA ASN A 582 18.36 -4.42 41.79
C ASN A 582 17.34 -5.52 41.45
N VAL A 583 16.62 -5.39 40.33
CA VAL A 583 15.74 -6.48 39.90
C VAL A 583 16.53 -7.71 39.49
N GLY A 584 17.63 -7.53 38.75
CA GLY A 584 18.48 -8.65 38.42
C GLY A 584 19.14 -9.31 39.62
N GLN A 585 19.53 -8.51 40.62
CA GLN A 585 20.03 -9.07 41.87
C GLN A 585 18.95 -9.80 42.64
N THR A 586 17.70 -9.31 42.60
CA THR A 586 16.62 -10.05 43.25
C THR A 586 16.37 -11.38 42.54
N MET A 587 16.50 -11.39 41.22
CA MET A 587 16.37 -12.65 40.47
C MET A 587 17.47 -13.62 40.85
N PHE A 588 18.70 -13.13 40.95
CA PHE A 588 19.81 -13.95 41.41
C PHE A 588 19.58 -14.50 42.81
N THR A 589 19.23 -13.65 43.76
CA THR A 589 19.11 -14.09 45.15
C THR A 589 17.90 -15.01 45.36
N LEU A 590 16.79 -14.77 44.67
CA LEU A 590 15.67 -15.72 44.70
C LEU A 590 16.06 -17.07 44.09
N LEU A 591 16.79 -17.05 42.98
CA LEU A 591 17.29 -18.30 42.41
C LEU A 591 18.17 -19.05 43.40
N MET A 592 19.20 -18.38 43.92
CA MET A 592 20.21 -19.06 44.75
C MET A 592 19.76 -19.20 46.20
N THR A 593 19.56 -18.08 46.90
CA THR A 593 19.31 -18.11 48.33
C THR A 593 17.85 -18.43 48.63
N GLY A 594 16.92 -17.93 47.81
CA GLY A 594 15.55 -18.40 47.89
C GLY A 594 15.36 -19.83 47.41
N ARG A 595 16.36 -20.42 46.77
CA ARG A 595 16.41 -21.83 46.37
C ARG A 595 15.35 -22.21 45.35
N LEU A 596 14.81 -21.23 44.61
CA LEU A 596 13.79 -21.49 43.59
C LEU A 596 14.38 -22.03 42.30
N LYS A 597 15.70 -21.96 42.13
CA LYS A 597 16.35 -22.56 40.98
C LYS A 597 16.13 -24.06 40.90
N LYS A 598 15.62 -24.68 41.97
CA LYS A 598 15.34 -26.11 41.92
C LYS A 598 14.28 -26.43 40.88
N TYR A 599 13.45 -25.44 40.49
CA TYR A 599 12.46 -25.69 39.45
C TYR A 599 12.94 -25.39 38.04
N TYR A 600 14.04 -24.66 37.88
CA TYR A 600 14.47 -24.16 36.58
C TYR A 600 15.84 -24.71 36.21
N THR A 601 15.98 -25.10 34.95
CA THR A 601 17.28 -25.46 34.40
C THR A 601 18.20 -24.23 34.41
N ASP A 602 19.51 -24.49 34.40
CA ASP A 602 20.49 -23.40 34.27
C ASP A 602 20.28 -22.57 33.02
N LEU A 603 19.79 -23.18 31.93
CA LEU A 603 19.38 -22.40 30.76
C LEU A 603 18.23 -21.47 31.09
N GLU A 604 17.22 -21.99 31.79
CA GLU A 604 16.11 -21.16 32.20
C GLU A 604 16.53 -20.11 33.22
N ALA A 605 17.45 -20.44 34.13
CA ALA A 605 17.99 -19.44 35.04
C ALA A 605 18.73 -18.33 34.30
N PHE A 606 19.49 -18.69 33.28
CA PHE A 606 20.21 -17.70 32.48
C PHE A 606 19.25 -16.78 31.74
N ALA A 607 18.20 -17.35 31.15
CA ALA A 607 17.20 -16.53 30.47
C ALA A 607 16.44 -15.61 31.42
N MET A 608 16.00 -16.13 32.58
CA MET A 608 15.34 -15.27 33.56
C MET A 608 16.25 -14.16 34.07
N LEU A 609 17.54 -14.44 34.30
CA LEU A 609 18.40 -13.36 34.80
C LEU A 609 18.63 -12.29 33.73
N ALA A 610 18.81 -12.69 32.47
CA ALA A 610 18.93 -11.71 31.40
C ALA A 610 17.66 -10.89 31.22
N ALA A 611 16.50 -11.54 31.28
CA ALA A 611 15.22 -10.83 31.20
C ALA A 611 15.01 -9.91 32.39
N ALA A 612 15.43 -10.33 33.59
CA ALA A 612 15.34 -9.45 34.75
C ALA A 612 16.19 -8.20 34.59
N PHE A 613 17.41 -8.35 34.07
CA PHE A 613 18.21 -7.15 33.78
C PHE A 613 17.64 -6.28 32.66
N CYS A 614 16.86 -6.85 31.72
CA CYS A 614 16.32 -6.06 30.63
C CYS A 614 14.83 -5.73 30.75
N HIS A 615 14.19 -6.09 31.86
CA HIS A 615 12.74 -5.98 31.96
C HIS A 615 12.20 -4.55 31.87
N ASP A 616 13.06 -3.54 32.02
CA ASP A 616 12.67 -2.15 31.89
C ASP A 616 13.62 -1.38 30.99
N ILE A 617 14.23 -2.07 30.03
CA ILE A 617 15.17 -1.43 29.11
C ILE A 617 14.51 -0.34 28.28
N ASP A 618 15.17 0.82 28.24
CA ASP A 618 14.69 2.05 27.60
C ASP A 618 13.29 2.43 28.04
N HIS A 619 12.97 2.17 29.31
CA HIS A 619 11.76 2.72 29.90
C HIS A 619 11.85 4.24 29.88
N ARG A 620 10.92 4.87 29.17
CA ARG A 620 10.95 6.33 29.01
C ARG A 620 10.73 7.08 30.30
N GLY A 621 10.07 6.48 31.27
CA GLY A 621 9.73 7.14 32.51
C GLY A 621 8.26 7.40 32.72
N THR A 622 7.37 6.62 32.09
CA THR A 622 5.94 6.91 32.02
C THR A 622 5.18 5.59 32.08
N ASN A 623 3.88 5.67 32.32
CA ASN A 623 3.04 4.49 32.49
C ASN A 623 2.32 4.13 31.19
N ASN A 624 1.82 2.89 31.13
CA ASN A 624 1.03 2.44 29.98
C ASN A 624 -0.22 3.31 29.77
N LEU A 625 -0.85 3.73 30.86
CA LEU A 625 -1.94 4.70 30.76
C LEU A 625 -1.47 5.99 30.10
N TYR A 626 -0.26 6.43 30.42
CA TYR A 626 0.27 7.62 29.76
C TYR A 626 0.48 7.38 28.26
N GLN A 627 1.00 6.20 27.88
CA GLN A 627 1.18 5.91 26.47
C GLN A 627 -0.14 5.90 25.72
N MET A 628 -1.18 5.28 26.30
CA MET A 628 -2.49 5.26 25.66
C MET A 628 -3.08 6.66 25.58
N LYS A 629 -3.01 7.42 26.68
CA LYS A 629 -3.57 8.77 26.70
C LYS A 629 -2.79 9.72 25.80
N SER A 630 -1.48 9.57 25.72
CA SER A 630 -0.68 10.42 24.84
C SER A 630 -0.71 9.94 23.39
N THR A 631 -1.37 8.82 23.10
CA THR A 631 -1.47 8.24 21.75
C THR A 631 -0.10 7.95 21.15
N SER A 632 0.88 7.67 22.00
CA SER A 632 2.28 7.48 21.65
C SER A 632 2.45 6.47 20.52
N PRO A 633 3.51 6.59 19.71
CA PRO A 633 3.79 5.56 18.70
C PRO A 633 3.89 4.16 19.28
N LEU A 634 4.37 4.04 20.51
CA LEU A 634 4.36 2.75 21.21
C LEU A 634 2.94 2.22 21.38
N ALA A 635 2.00 3.08 21.75
CA ALA A 635 0.61 2.64 21.92
C ALA A 635 -0.08 2.28 20.61
N ARG A 636 0.23 2.98 19.53
CA ARG A 636 -0.32 2.60 18.22
C ARG A 636 0.40 1.42 17.59
N LEU A 637 1.61 1.10 18.03
CA LEU A 637 2.33 -0.07 17.55
C LEU A 637 1.95 -1.33 18.33
N HIS A 638 1.92 -1.25 19.66
CA HIS A 638 1.63 -2.38 20.53
C HIS A 638 0.30 -2.12 21.22
N GLY A 639 -0.70 -2.94 20.91
CA GLY A 639 -2.04 -2.64 21.39
C GLY A 639 -2.23 -2.82 22.89
N SER A 640 -1.58 -3.83 23.47
CA SER A 640 -1.69 -4.10 24.90
C SER A 640 -0.31 -4.37 25.49
N SER A 641 -0.16 -4.07 26.79
CA SER A 641 1.11 -4.20 27.50
C SER A 641 2.21 -3.41 26.81
N ILE A 642 1.90 -2.14 26.54
CA ILE A 642 2.64 -1.32 25.58
C ILE A 642 4.13 -1.27 25.91
N LEU A 643 4.45 -0.87 27.13
CA LEU A 643 5.86 -0.75 27.53
C LEU A 643 6.53 -2.11 27.69
N GLU A 644 5.79 -3.13 28.14
CA GLU A 644 6.39 -4.45 28.28
C GLU A 644 6.75 -5.02 26.91
N ARG A 645 5.89 -4.83 25.93
CA ARG A 645 6.22 -5.23 24.57
C ARG A 645 7.35 -4.40 23.99
N HIS A 646 7.44 -3.11 24.32
CA HIS A 646 8.61 -2.33 23.91
C HIS A 646 9.91 -2.86 24.51
N HIS A 647 9.91 -3.13 25.82
CA HIS A 647 11.10 -3.72 26.45
C HIS A 647 11.48 -5.06 25.83
N LEU A 648 10.49 -5.89 25.52
CA LEU A 648 10.78 -7.16 24.89
C LEU A 648 11.35 -6.98 23.49
N GLU A 649 10.75 -6.10 22.69
CA GLU A 649 11.26 -5.83 21.34
C GLU A 649 12.68 -5.28 21.38
N TYR A 650 12.99 -4.39 22.33
CA TYR A 650 14.32 -3.81 22.39
C TYR A 650 15.36 -4.77 22.96
N SER A 651 14.99 -5.61 23.93
CA SER A 651 15.92 -6.64 24.39
C SER A 651 16.22 -7.66 23.30
N LYS A 652 15.21 -8.05 22.52
CA LYS A 652 15.46 -8.90 21.37
C LYS A 652 16.32 -8.21 20.31
N THR A 653 16.10 -6.90 20.10
CA THR A 653 16.95 -6.14 19.18
C THR A 653 18.41 -6.12 19.64
N LEU A 654 18.65 -5.95 20.95
CA LEU A 654 20.01 -6.08 21.46
C LEU A 654 20.57 -7.48 21.25
N LEU A 655 19.75 -8.51 21.46
CA LEU A 655 20.21 -9.87 21.22
C LEU A 655 20.37 -10.22 19.75
N GLN A 656 19.88 -9.39 18.83
CA GLN A 656 20.02 -9.67 17.41
C GLN A 656 21.46 -9.53 16.94
N ASP A 657 22.17 -8.50 17.39
CA ASP A 657 23.56 -8.32 17.02
C ASP A 657 24.42 -9.47 17.49
N GLU A 658 25.20 -10.05 16.57
CA GLU A 658 26.20 -11.05 16.93
C GLU A 658 27.16 -10.53 17.99
N SER A 659 27.54 -9.26 17.89
CA SER A 659 28.42 -8.67 18.90
C SER A 659 27.81 -8.73 20.29
N LEU A 660 26.48 -8.64 20.39
CA LEU A 660 25.79 -8.57 21.66
C LEU A 660 25.03 -9.86 22.01
N ASN A 661 25.05 -10.86 21.14
CA ASN A 661 24.25 -12.07 21.35
C ASN A 661 24.96 -12.96 22.35
N ILE A 662 24.57 -12.87 23.62
CA ILE A 662 25.05 -13.79 24.65
C ILE A 662 24.41 -15.17 24.52
N PHE A 663 23.52 -15.33 23.55
CA PHE A 663 22.85 -16.60 23.27
C PHE A 663 23.28 -17.20 21.94
N GLN A 664 24.34 -16.66 21.33
CA GLN A 664 24.81 -17.16 20.04
C GLN A 664 25.21 -18.62 20.09
N ASN A 665 25.84 -19.06 21.17
CA ASN A 665 26.31 -20.43 21.30
C ASN A 665 25.24 -21.38 21.84
N LEU A 666 23.98 -21.13 21.53
CA LEU A 666 22.87 -21.99 21.91
C LEU A 666 22.40 -22.80 20.70
N ASN A 667 21.68 -23.88 20.97
CA ASN A 667 20.94 -24.54 19.91
C ASN A 667 19.76 -23.68 19.47
N LYS A 668 19.28 -23.95 18.25
CA LYS A 668 18.09 -23.26 17.74
C LYS A 668 16.90 -23.43 18.67
N ARG A 669 16.65 -24.65 19.14
CA ARG A 669 15.59 -24.87 20.11
C ARG A 669 15.88 -24.19 21.44
N GLN A 670 17.15 -24.12 21.87
CA GLN A 670 17.39 -23.38 23.15
C GLN A 670 17.05 -21.89 22.95
N PHE A 671 17.44 -21.27 21.85
CA PHE A 671 17.04 -19.87 21.68
C PHE A 671 15.53 -19.83 21.62
N GLU A 672 14.90 -20.74 20.92
CA GLU A 672 13.43 -20.64 20.83
C GLU A 672 12.90 -20.63 22.25
N THR A 673 13.51 -21.40 23.14
CA THR A 673 13.19 -21.44 24.56
C THR A 673 13.54 -20.13 25.28
N VAL A 674 14.75 -19.60 25.04
CA VAL A 674 15.15 -18.33 25.63
C VAL A 674 14.21 -17.20 25.22
N ILE A 675 13.84 -17.16 23.95
CA ILE A 675 12.93 -16.12 23.46
C ILE A 675 11.55 -16.24 24.12
N HIS A 676 11.06 -17.46 24.29
CA HIS A 676 9.78 -17.64 24.96
C HIS A 676 9.84 -17.24 26.44
N LEU A 677 10.91 -17.60 27.14
CA LEU A 677 11.09 -17.12 28.51
C LEU A 677 11.22 -15.61 28.60
N PHE A 678 11.92 -14.98 27.64
CA PHE A 678 12.00 -13.52 27.61
C PHE A 678 10.61 -12.92 27.44
N GLU A 679 9.82 -13.48 26.53
CA GLU A 679 8.47 -13.00 26.28
C GLU A 679 7.60 -13.11 27.52
N VAL A 680 7.48 -14.32 28.06
CA VAL A 680 6.63 -14.52 29.23
C VAL A 680 7.10 -13.66 30.42
N ALA A 681 8.41 -13.55 30.63
CA ALA A 681 8.90 -12.79 31.78
C ALA A 681 8.66 -11.29 31.65
N ILE A 682 8.93 -10.72 30.47
CA ILE A 682 8.77 -9.27 30.33
C ILE A 682 7.29 -8.89 30.26
N ILE A 683 6.48 -9.65 29.53
CA ILE A 683 5.05 -9.35 29.55
C ILE A 683 4.46 -9.63 30.93
N ALA A 684 5.01 -10.59 31.67
CA ALA A 684 4.67 -10.84 33.06
C ALA A 684 5.14 -9.75 34.01
N THR A 685 5.96 -8.81 33.55
CA THR A 685 6.20 -7.62 34.35
C THR A 685 5.04 -6.61 34.29
N ASP A 686 4.04 -6.83 33.44
CA ASP A 686 2.78 -6.10 33.50
C ASP A 686 1.97 -6.52 34.72
N LEU A 687 1.72 -5.59 35.64
CA LEU A 687 1.00 -5.91 36.88
C LEU A 687 -0.47 -6.25 36.68
N ALA A 688 -1.11 -5.79 35.60
CA ALA A 688 -2.47 -6.25 35.32
C ALA A 688 -2.50 -7.76 35.06
N LEU A 689 -1.47 -8.28 34.39
CA LEU A 689 -1.34 -9.72 34.17
C LEU A 689 -1.08 -10.43 35.49
N TYR A 690 -0.23 -9.85 36.32
CA TYR A 690 -0.01 -10.35 37.67
C TYR A 690 -1.31 -10.48 38.45
N PHE A 691 -2.11 -9.42 38.48
CA PHE A 691 -3.39 -9.47 39.18
C PHE A 691 -4.33 -10.52 38.61
N LYS A 692 -4.38 -10.65 37.28
CA LYS A 692 -5.19 -11.72 36.68
C LYS A 692 -4.72 -13.12 37.07
N LYS A 693 -3.41 -13.34 37.20
CA LYS A 693 -2.89 -14.70 37.41
C LYS A 693 -2.53 -15.02 38.85
N ARG A 694 -2.70 -14.06 39.77
CA ARG A 694 -2.59 -14.32 41.20
C ARG A 694 -3.39 -15.53 41.65
N THR A 695 -4.66 -15.64 41.22
CA THR A 695 -5.50 -16.75 41.68
C THR A 695 -4.98 -18.10 41.21
N MET A 696 -4.40 -18.15 40.01
CA MET A 696 -3.85 -19.40 39.52
C MET A 696 -2.56 -19.76 40.24
N PHE A 697 -1.71 -18.77 40.50
CA PHE A 697 -0.53 -19.01 41.33
C PHE A 697 -0.90 -19.47 42.74
N GLN A 698 -1.94 -18.87 43.32
CA GLN A 698 -2.40 -19.28 44.63
C GLN A 698 -2.90 -20.72 44.65
N LYS A 699 -3.66 -21.11 43.62
CA LYS A 699 -4.02 -22.53 43.47
C LYS A 699 -2.81 -23.44 43.32
N ILE A 700 -1.79 -22.99 42.59
CA ILE A 700 -0.55 -23.77 42.47
C ILE A 700 0.13 -23.95 43.83
N VAL A 701 0.25 -22.86 44.59
CA VAL A 701 0.87 -22.94 45.90
C VAL A 701 0.06 -23.81 46.86
N ASP A 702 -1.26 -23.67 46.85
CA ASP A 702 -2.12 -24.51 47.69
C ASP A 702 -1.99 -25.99 47.34
N ALA A 703 -1.96 -26.32 46.06
CA ALA A 703 -1.73 -27.71 45.67
C ALA A 703 -0.33 -28.20 46.00
N CYS A 704 0.65 -27.30 46.00
CA CYS A 704 2.02 -27.68 46.36
C CYS A 704 2.27 -27.72 47.87
N GLU A 705 1.39 -27.15 48.67
CA GLU A 705 1.56 -27.16 50.12
C GLU A 705 1.18 -28.49 50.75
N GLN A 706 0.15 -29.16 50.23
CA GLN A 706 -0.28 -30.43 50.80
C GLN A 706 0.66 -31.58 50.48
N MET A 707 1.62 -31.38 49.59
CA MET A 707 2.54 -32.46 49.23
C MET A 707 3.47 -32.77 50.38
N GLN A 708 3.55 -34.05 50.76
CA GLN A 708 4.29 -34.46 51.94
C GLN A 708 5.79 -34.43 51.74
N THR A 709 6.25 -34.55 50.49
CA THR A 709 7.67 -34.66 50.18
C THR A 709 8.11 -33.45 49.36
N GLU A 710 9.28 -32.91 49.69
CA GLU A 710 9.88 -31.85 48.89
C GLU A 710 10.09 -32.30 47.44
N GLU A 711 10.60 -33.52 47.25
CA GLU A 711 10.82 -34.04 45.90
C GLU A 711 9.50 -34.24 45.16
N GLU A 712 8.43 -34.57 45.89
CA GLU A 712 7.10 -34.62 45.27
C GLU A 712 6.66 -33.25 44.77
N ALA A 713 6.86 -32.21 45.58
CA ALA A 713 6.60 -30.84 45.12
C ALA A 713 7.42 -30.47 43.89
N ILE A 714 8.72 -30.79 43.89
CA ILE A 714 9.57 -30.54 42.74
C ILE A 714 9.03 -31.24 41.49
N LYS A 715 8.67 -32.51 41.62
CA LYS A 715 8.05 -33.25 40.52
C LYS A 715 6.79 -32.56 40.02
N TYR A 716 5.88 -32.21 40.95
CA TYR A 716 4.61 -31.59 40.59
C TYR A 716 4.79 -30.30 39.80
N VAL A 717 5.75 -29.47 40.20
CA VAL A 717 5.98 -28.22 39.45
C VAL A 717 6.69 -28.49 38.13
N THR A 718 7.69 -29.37 38.12
CA THR A 718 8.55 -29.50 36.96
C THR A 718 7.85 -30.18 35.78
N VAL A 719 6.91 -31.09 36.06
CA VAL A 719 6.23 -31.80 34.97
C VAL A 719 5.33 -30.90 34.13
N ASP A 720 4.92 -29.74 34.65
CA ASP A 720 3.94 -28.91 33.94
C ASP A 720 4.55 -27.59 33.50
N PRO A 721 4.74 -27.38 32.19
CA PRO A 721 5.32 -26.09 31.73
C PRO A 721 4.54 -24.86 32.14
N THR A 722 3.20 -24.93 32.15
CA THR A 722 2.39 -23.76 32.48
C THR A 722 2.54 -23.35 33.94
N LYS A 723 2.66 -24.32 34.85
CA LYS A 723 2.90 -23.99 36.24
C LYS A 723 4.26 -23.32 36.45
N LYS A 724 5.27 -23.79 35.74
CA LYS A 724 6.58 -23.14 35.79
C LYS A 724 6.51 -21.72 35.23
N GLU A 725 5.77 -21.52 34.14
CA GLU A 725 5.60 -20.19 33.58
C GLU A 725 4.89 -19.25 34.55
N ILE A 726 3.84 -19.72 35.22
CA ILE A 726 3.15 -18.90 36.20
C ILE A 726 4.04 -18.55 37.38
N ILE A 727 4.78 -19.54 37.89
CA ILE A 727 5.71 -19.26 38.99
C ILE A 727 6.81 -18.29 38.55
N MET A 728 7.31 -18.42 37.33
CA MET A 728 8.31 -17.47 36.83
C MET A 728 7.76 -16.05 36.74
N ALA A 729 6.51 -15.92 36.29
CA ALA A 729 5.84 -14.62 36.28
C ALA A 729 5.72 -14.03 37.69
N MET A 730 5.35 -14.87 38.65
CA MET A 730 5.27 -14.44 40.03
C MET A 730 6.63 -14.09 40.62
N MET A 731 7.67 -14.81 40.23
CA MET A 731 9.01 -14.45 40.67
C MET A 731 9.40 -13.09 40.13
N MET A 732 9.16 -12.85 38.84
CA MET A 732 9.49 -11.55 38.25
C MET A 732 8.67 -10.41 38.83
N THR A 733 7.49 -10.70 39.41
CA THR A 733 6.78 -9.63 40.11
C THR A 733 7.30 -9.44 41.53
N ALA A 734 7.77 -10.51 42.18
CA ALA A 734 8.43 -10.34 43.47
C ALA A 734 9.70 -9.52 43.29
N CYS A 735 10.43 -9.78 42.21
CA CYS A 735 11.65 -9.04 41.88
C CYS A 735 11.37 -7.58 41.58
N ASP A 736 10.30 -7.27 40.85
CA ASP A 736 10.08 -5.88 40.46
C ASP A 736 9.85 -5.00 41.68
N LEU A 737 9.09 -5.47 42.66
CA LEU A 737 8.63 -4.66 43.79
C LEU A 737 9.46 -4.92 45.04
N SER A 738 10.67 -5.44 44.86
CA SER A 738 11.53 -5.91 45.95
C SER A 738 11.89 -4.82 46.95
N ALA A 739 12.16 -3.60 46.47
CA ALA A 739 12.41 -2.45 47.33
C ALA A 739 11.52 -2.31 48.55
N ILE A 740 10.26 -2.76 48.47
CA ILE A 740 9.39 -2.67 49.64
C ILE A 740 9.92 -3.55 50.77
N THR A 741 10.62 -4.63 50.41
CA THR A 741 11.17 -5.58 51.37
C THR A 741 12.54 -5.15 51.90
N LYS A 742 13.19 -4.21 51.24
CA LYS A 742 14.48 -3.71 51.68
C LYS A 742 14.34 -2.92 52.99
N PRO A 743 15.43 -2.80 53.75
CA PRO A 743 15.39 -2.00 54.98
C PRO A 743 14.83 -0.60 54.78
N TRP A 744 14.27 -0.05 55.87
CA TRP A 744 13.57 1.22 55.85
C TRP A 744 14.36 2.36 55.21
N GLU A 745 15.66 2.46 55.49
CA GLU A 745 16.49 3.44 54.79
C GLU A 745 16.38 3.31 53.27
N VAL A 746 16.63 2.11 52.75
CA VAL A 746 16.54 1.87 51.31
C VAL A 746 15.12 2.07 50.80
N GLN A 747 14.14 1.57 51.53
CA GLN A 747 12.75 1.73 51.11
C GLN A 747 12.36 3.20 51.05
N SER A 748 12.80 3.99 52.03
CA SER A 748 12.46 5.42 52.05
C SER A 748 13.09 6.16 50.88
N GLN A 749 14.34 5.84 50.55
CA GLN A 749 14.95 6.45 49.36
C GLN A 749 14.24 6.03 48.08
N VAL A 750 14.02 4.72 47.89
CA VAL A 750 13.39 4.23 46.66
C VAL A 750 11.96 4.75 46.52
N ALA A 751 11.21 4.80 47.62
CA ALA A 751 9.89 5.40 47.61
C ALA A 751 9.92 6.88 47.27
N LEU A 752 10.95 7.60 47.73
CA LEU A 752 11.14 8.97 47.24
C LEU A 752 11.38 9.01 45.74
N MET A 753 12.19 8.09 45.21
CA MET A 753 12.46 8.07 43.77
C MET A 753 11.20 7.81 42.94
N VAL A 754 10.41 6.80 43.34
CA VAL A 754 9.17 6.52 42.59
C VAL A 754 8.18 7.66 42.76
N ALA A 755 8.13 8.28 43.94
CA ALA A 755 7.25 9.42 44.12
C ALA A 755 7.63 10.59 43.22
N ASN A 756 8.93 10.87 43.08
CA ASN A 756 9.38 11.88 42.13
C ASN A 756 9.03 11.52 40.68
N GLU A 757 9.30 10.27 40.28
CA GLU A 757 8.93 9.83 38.94
C GLU A 757 7.43 9.99 38.67
N PHE A 758 6.61 9.62 39.63
CA PHE A 758 5.16 9.79 39.51
C PHE A 758 4.73 11.25 39.51
N TRP A 759 5.43 12.11 40.25
CA TRP A 759 5.16 13.54 40.23
C TRP A 759 5.46 14.15 38.87
N GLU A 760 6.58 13.80 38.26
CA GLU A 760 6.87 14.34 36.93
C GLU A 760 5.99 13.73 35.84
N GLN A 761 5.53 12.50 36.03
CA GLN A 761 4.47 11.98 35.18
C GLN A 761 3.18 12.80 35.31
N GLY A 762 2.79 13.12 36.53
CA GLY A 762 1.60 13.93 36.72
C GLY A 762 1.74 15.34 36.19
N ASP A 763 2.95 15.90 36.24
CA ASP A 763 3.20 17.20 35.61
C ASP A 763 3.14 17.13 34.09
N LEU A 764 3.62 16.03 33.50
CA LEU A 764 3.39 15.80 32.07
C LEU A 764 1.91 15.66 31.73
N GLU A 765 1.17 14.90 32.52
CA GLU A 765 -0.27 14.76 32.30
C GLU A 765 -1.00 16.08 32.41
N ARG A 766 -0.69 16.89 33.43
CA ARG A 766 -1.39 18.16 33.58
C ARG A 766 -0.94 19.20 32.54
N THR A 767 0.29 19.10 32.05
CA THR A 767 0.82 20.14 31.17
C THR A 767 0.60 19.81 29.70
N VAL A 768 0.95 18.60 29.28
CA VAL A 768 0.80 18.22 27.87
C VAL A 768 -0.62 17.76 27.58
N LEU A 769 -1.09 16.75 28.31
CA LEU A 769 -2.42 16.20 28.09
C LEU A 769 -3.53 17.04 28.70
N GLN A 770 -3.18 18.06 29.49
CA GLN A 770 -4.11 19.01 30.10
C GLN A 770 -5.20 18.35 30.94
N GLN A 771 -4.87 17.25 31.62
CA GLN A 771 -5.83 16.52 32.43
C GLN A 771 -5.40 16.54 33.88
N GLN A 772 -6.37 16.44 34.78
CA GLN A 772 -6.07 16.26 36.19
C GLN A 772 -5.47 14.88 36.44
N PRO A 773 -4.27 14.81 37.03
CA PRO A 773 -3.71 13.51 37.41
C PRO A 773 -4.43 12.85 38.57
N ILE A 774 -4.29 11.54 38.65
CA ILE A 774 -4.69 10.76 39.82
C ILE A 774 -3.90 11.23 41.04
N PRO A 775 -4.43 11.09 42.25
CA PRO A 775 -3.72 11.57 43.45
C PRO A 775 -2.34 10.94 43.65
N MET A 776 -2.08 9.76 43.12
CA MET A 776 -0.74 9.20 43.16
C MET A 776 0.23 9.98 42.27
N MET A 777 -0.24 10.43 41.11
CA MET A 777 0.58 11.22 40.21
C MET A 777 0.70 12.69 40.61
N ASP A 778 -0.15 13.17 41.53
CA ASP A 778 -0.24 14.58 41.86
C ASP A 778 0.76 14.99 42.94
N ARG A 779 1.56 16.03 42.65
CA ARG A 779 2.42 16.64 43.66
C ARG A 779 1.64 17.19 44.84
N ASN A 780 0.40 17.65 44.60
CA ASN A 780 -0.39 18.26 45.67
C ASN A 780 -0.71 17.29 46.79
N LYS A 781 -0.66 15.99 46.53
CA LYS A 781 -0.92 14.98 47.54
C LYS A 781 0.38 14.37 48.06
N ARG A 782 1.48 15.12 47.95
CA ARG A 782 2.79 14.64 48.38
C ARG A 782 2.79 14.02 49.78
N ASP A 783 2.21 14.73 50.76
CA ASP A 783 2.18 14.23 52.12
C ASP A 783 1.24 13.04 52.30
N GLU A 784 0.41 12.76 51.30
CA GLU A 784 -0.43 11.57 51.26
C GLU A 784 0.31 10.35 50.72
N LEU A 785 1.53 10.54 50.19
CA LEU A 785 2.43 9.47 49.77
C LEU A 785 2.45 8.26 50.71
N PRO A 786 2.78 8.40 52.01
CA PRO A 786 2.90 7.19 52.84
C PRO A 786 1.62 6.39 52.98
N LYS A 787 0.46 7.05 53.00
CA LYS A 787 -0.80 6.31 53.08
C LYS A 787 -1.06 5.53 51.82
N LEU A 788 -0.81 6.13 50.67
CA LEU A 788 -0.90 5.39 49.42
C LEU A 788 0.13 4.29 49.38
N GLN A 789 1.31 4.53 49.96
CA GLN A 789 2.30 3.46 50.06
C GLN A 789 1.74 2.30 50.86
N VAL A 790 1.06 2.58 51.97
CA VAL A 790 0.38 1.52 52.72
C VAL A 790 -0.60 0.78 51.83
N GLY A 791 -1.36 1.51 51.01
CA GLY A 791 -2.29 0.86 50.11
C GLY A 791 -1.60 -0.01 49.07
N PHE A 792 -0.39 0.37 48.65
CA PHE A 792 0.36 -0.50 47.76
C PHE A 792 0.89 -1.72 48.49
N ILE A 793 1.18 -1.59 49.78
CA ILE A 793 1.71 -2.71 50.56
C ILE A 793 0.67 -3.81 50.74
N ASP A 794 -0.58 -3.43 50.96
CA ASP A 794 -1.53 -4.54 51.17
C ASP A 794 -2.05 -5.13 49.83
N PHE A 795 -2.55 -4.31 48.90
CA PHE A 795 -3.19 -4.82 47.64
C PHE A 795 -2.25 -5.60 46.70
N VAL A 796 -1.00 -5.18 46.53
CA VAL A 796 -0.12 -5.84 45.51
C VAL A 796 1.05 -6.67 46.06
N CYS A 797 1.75 -6.25 47.11
CA CYS A 797 2.94 -6.96 47.56
C CYS A 797 2.69 -8.05 48.60
N THR A 798 1.76 -7.89 49.53
CA THR A 798 1.69 -8.98 50.56
C THR A 798 1.47 -10.30 49.90
N PHE A 799 0.57 -10.36 48.95
CA PHE A 799 0.25 -11.67 48.36
C PHE A 799 1.42 -12.23 47.67
N VAL A 800 2.16 -11.40 46.96
CA VAL A 800 3.22 -12.04 46.14
C VAL A 800 4.16 -12.60 47.18
N TYR A 801 4.33 -11.89 48.30
CA TYR A 801 5.36 -12.25 49.27
C TYR A 801 4.88 -13.26 50.31
N LYS A 802 3.62 -13.17 50.77
CA LYS A 802 3.09 -14.20 51.66
C LYS A 802 2.99 -15.56 50.97
N GLU A 803 2.49 -15.58 49.73
CA GLU A 803 2.42 -16.84 48.99
C GLU A 803 3.79 -17.42 48.68
N PHE A 804 4.80 -16.58 48.41
CA PHE A 804 6.17 -17.10 48.29
C PHE A 804 6.73 -17.61 49.61
N SER A 805 6.43 -16.94 50.73
CA SER A 805 6.86 -17.47 52.03
C SER A 805 6.19 -18.79 52.36
N ARG A 806 4.93 -18.96 51.96
CA ARG A 806 4.29 -20.28 52.08
C ARG A 806 4.90 -21.29 51.13
N PHE A 807 5.21 -20.87 49.90
CA PHE A 807 5.78 -21.76 48.90
C PHE A 807 7.15 -22.25 49.34
N HIS A 808 8.04 -21.32 49.69
CA HIS A 808 9.31 -21.66 50.32
C HIS A 808 9.55 -20.70 51.47
N LYS A 809 9.89 -21.22 52.64
CA LYS A 809 10.16 -20.41 53.81
C LYS A 809 11.39 -19.53 53.69
N GLU A 810 12.29 -19.83 52.75
CA GLU A 810 13.48 -19.01 52.53
C GLU A 810 13.18 -17.59 52.04
N ILE A 811 12.01 -17.35 51.46
CA ILE A 811 11.61 -16.00 51.05
C ILE A 811 10.77 -15.37 52.16
N THR A 812 10.67 -16.07 53.28
CA THR A 812 10.06 -15.50 54.49
C THR A 812 10.60 -14.13 54.90
N PRO A 813 11.91 -13.87 54.94
CA PRO A 813 12.35 -12.52 55.38
C PRO A 813 11.91 -11.39 54.48
N MET A 814 11.59 -11.64 53.21
CA MET A 814 11.15 -10.55 52.35
C MET A 814 9.81 -10.01 52.82
N LEU A 815 8.95 -10.90 53.31
CA LEU A 815 7.71 -10.46 53.93
C LEU A 815 7.99 -9.75 55.23
N SER A 816 9.03 -10.21 55.96
CA SER A 816 9.38 -9.52 57.18
C SER A 816 9.77 -8.09 56.86
N GLY A 817 10.55 -7.90 55.78
CA GLY A 817 10.97 -6.55 55.46
C GLY A 817 9.77 -5.68 55.15
N LEU A 818 8.81 -6.26 54.41
CA LEU A 818 7.59 -5.52 54.09
C LEU A 818 6.86 -5.16 55.37
N GLN A 819 6.81 -6.09 56.31
CA GLN A 819 6.05 -5.87 57.52
C GLN A 819 6.64 -4.71 58.30
N ASN A 820 7.98 -4.68 58.41
CA ASN A 820 8.60 -3.56 59.10
C ASN A 820 8.33 -2.27 58.35
N ASN A 821 8.45 -2.32 57.02
CA ASN A 821 8.29 -1.10 56.26
C ASN A 821 6.87 -0.60 56.35
N ARG A 822 5.91 -1.52 56.46
CA ARG A 822 4.52 -1.10 56.59
C ARG A 822 4.29 -0.35 57.88
N VAL A 823 4.97 -0.77 58.96
CA VAL A 823 4.79 -0.08 60.22
C VAL A 823 5.29 1.35 60.09
N GLU A 824 6.45 1.53 59.45
CA GLU A 824 6.96 2.88 59.26
C GLU A 824 6.02 3.70 58.37
N TRP A 825 5.51 3.09 57.30
CA TRP A 825 4.54 3.80 56.47
C TRP A 825 3.26 4.12 57.23
N LYS A 826 2.86 3.26 58.17
CA LYS A 826 1.72 3.63 58.99
C LYS A 826 2.05 4.78 59.95
N SER A 827 3.25 4.76 60.53
CA SER A 827 3.66 5.83 61.44
C SER A 827 3.57 7.22 60.81
N LEU A 828 4.11 7.39 59.61
CA LEU A 828 4.01 8.69 58.95
C LEU A 828 2.57 9.05 58.61
N ALA A 829 1.72 8.05 58.34
CA ALA A 829 0.31 8.37 58.13
C ALA A 829 -0.32 8.86 59.41
N ASP A 830 0.08 8.28 60.55
CA ASP A 830 -0.42 8.80 61.81
C ASP A 830 0.13 10.19 62.07
N GLU A 831 1.38 10.46 61.66
CA GLU A 831 1.89 11.82 61.74
C GLU A 831 1.11 12.76 60.83
N TYR A 832 0.57 12.23 59.72
CA TYR A 832 -0.29 13.08 58.91
C TYR A 832 -1.67 13.20 59.53
N ASP A 833 -2.13 12.16 60.22
CA ASP A 833 -3.37 12.25 61.00
C ASP A 833 -3.27 13.33 62.08
N ALA A 834 -2.12 13.42 62.74
CA ALA A 834 -1.87 14.53 63.65
C ALA A 834 -1.91 15.87 62.91
N LYS A 835 -1.31 15.95 61.72
CA LYS A 835 -1.19 17.23 61.04
C LYS A 835 -2.51 17.80 60.52
N MET A 836 -3.32 16.99 59.83
CA MET A 836 -4.54 17.59 59.28
C MET A 836 -5.62 17.82 60.33
N LYS A 837 -5.63 17.01 61.40
CA LYS A 837 -6.70 17.16 62.39
C LYS A 837 -6.55 18.41 63.23
N VAL A 838 -5.32 18.88 63.45
CA VAL A 838 -5.11 20.14 64.17
C VAL A 838 -5.20 21.31 63.20
N LEU B 66 -55.91 -18.90 -48.18
CA LEU B 66 -56.43 -17.98 -47.17
C LEU B 66 -55.84 -18.29 -45.79
N THR B 67 -55.69 -19.59 -45.50
CA THR B 67 -55.03 -19.99 -44.25
C THR B 67 -53.58 -19.52 -44.21
N GLN B 68 -52.88 -19.63 -45.34
CA GLN B 68 -51.50 -19.14 -45.40
C GLN B 68 -51.44 -17.63 -45.22
N VAL B 69 -52.34 -16.89 -45.87
CA VAL B 69 -52.34 -15.43 -45.76
C VAL B 69 -52.63 -15.00 -44.32
N GLU B 70 -53.68 -15.55 -43.71
CA GLU B 70 -54.02 -15.20 -42.33
C GLU B 70 -52.93 -15.62 -41.36
N GLU B 71 -52.30 -16.77 -41.58
CA GLU B 71 -51.21 -17.19 -40.69
C GLU B 71 -50.00 -16.28 -40.82
N SER B 72 -49.64 -15.90 -42.05
CA SER B 72 -48.53 -14.97 -42.25
C SER B 72 -48.82 -13.61 -41.63
N ALA B 73 -50.05 -13.10 -41.79
CA ALA B 73 -50.43 -11.84 -41.17
C ALA B 73 -50.38 -11.90 -39.64
N LEU B 74 -50.92 -12.97 -39.05
CA LEU B 74 -50.91 -13.09 -37.60
C LEU B 74 -49.49 -13.31 -37.05
N CYS B 75 -48.60 -13.92 -37.83
CA CYS B 75 -47.21 -14.02 -37.39
C CYS B 75 -46.43 -12.72 -37.60
N LEU B 76 -46.81 -11.92 -38.59
CA LEU B 76 -46.29 -10.56 -38.69
C LEU B 76 -46.69 -9.72 -37.48
N GLU B 77 -47.98 -9.74 -37.14
CA GLU B 77 -48.45 -9.02 -35.96
C GLU B 77 -47.81 -9.56 -34.68
N LEU B 78 -47.64 -10.87 -34.58
CA LEU B 78 -46.86 -11.48 -33.51
C LEU B 78 -45.45 -10.89 -33.41
N LEU B 79 -44.77 -10.77 -34.54
CA LEU B 79 -43.42 -10.17 -34.52
C LEU B 79 -43.46 -8.70 -34.14
N TRP B 80 -44.47 -7.97 -34.57
CA TRP B 80 -44.59 -6.57 -34.19
C TRP B 80 -44.87 -6.38 -32.70
N THR B 81 -45.58 -7.31 -32.06
CA THR B 81 -45.82 -7.19 -30.62
C THR B 81 -44.53 -7.19 -29.81
N VAL B 82 -43.45 -7.80 -30.32
CA VAL B 82 -42.18 -7.73 -29.62
C VAL B 82 -41.42 -6.44 -29.92
N GLN B 83 -41.80 -5.71 -30.98
CA GLN B 83 -41.22 -4.41 -31.25
C GLN B 83 -41.84 -3.29 -30.43
N GLU B 84 -43.02 -3.51 -29.85
CA GLU B 84 -43.67 -2.51 -29.02
C GLU B 84 -42.89 -2.29 -27.73
N GLU B 85 -42.02 -1.28 -27.73
CA GLU B 85 -41.19 -0.97 -26.57
C GLU B 85 -42.06 -0.66 -25.35
N GLY B 86 -41.75 -1.32 -24.24
CA GLY B 86 -42.56 -1.27 -23.05
C GLY B 86 -43.51 -2.43 -22.89
N GLY B 87 -43.71 -3.23 -23.94
CA GLY B 87 -44.44 -4.47 -23.82
C GLY B 87 -43.60 -5.56 -23.19
N THR B 88 -44.20 -6.74 -23.05
CA THR B 88 -43.48 -7.88 -22.53
C THR B 88 -43.48 -9.02 -23.54
N PRO B 89 -42.39 -9.79 -23.61
CA PRO B 89 -42.37 -10.96 -24.50
C PRO B 89 -43.37 -12.04 -24.12
N GLU B 90 -43.69 -12.17 -22.82
CA GLU B 90 -44.70 -13.12 -22.38
C GLU B 90 -46.05 -12.86 -23.03
N GLN B 91 -46.37 -11.60 -23.34
CA GLN B 91 -47.60 -11.30 -24.08
C GLN B 91 -47.55 -11.88 -25.48
N GLY B 92 -46.46 -11.67 -26.20
CA GLY B 92 -46.32 -12.24 -27.53
C GLY B 92 -46.37 -13.75 -27.54
N VAL B 93 -45.69 -14.39 -26.59
CA VAL B 93 -45.77 -15.84 -26.48
C VAL B 93 -47.17 -16.30 -26.11
N HIS B 94 -47.88 -15.53 -25.28
CA HIS B 94 -49.29 -15.81 -25.00
C HIS B 94 -50.16 -15.78 -26.25
N ARG B 95 -49.95 -14.77 -27.10
CA ARG B 95 -50.65 -14.74 -28.39
C ARG B 95 -50.29 -15.93 -29.26
N ALA B 96 -49.00 -16.28 -29.30
CA ALA B 96 -48.55 -17.44 -30.07
C ALA B 96 -49.19 -18.73 -29.58
N LEU B 97 -49.25 -18.94 -28.26
CA LEU B 97 -49.96 -20.10 -27.72
C LEU B 97 -51.45 -20.08 -28.04
N GLN B 98 -52.08 -18.91 -28.01
CA GLN B 98 -53.50 -18.85 -28.37
C GLN B 98 -53.72 -19.27 -29.81
N ARG B 99 -52.88 -18.80 -30.73
CA ARG B 99 -52.97 -19.22 -32.12
C ARG B 99 -52.67 -20.71 -32.29
N LEU B 100 -51.63 -21.20 -31.61
CA LEU B 100 -51.30 -22.63 -31.65
C LEU B 100 -52.46 -23.49 -31.17
N ALA B 101 -53.01 -23.18 -30.00
CA ALA B 101 -54.15 -23.93 -29.46
C ALA B 101 -55.35 -23.89 -30.39
N HIS B 102 -55.62 -22.73 -31.03
CA HIS B 102 -56.71 -22.67 -31.99
C HIS B 102 -56.45 -23.53 -33.22
N LEU B 103 -55.25 -23.45 -33.79
CA LEU B 103 -54.94 -24.24 -34.99
C LEU B 103 -54.89 -25.74 -34.71
N LEU B 104 -54.16 -26.15 -33.67
CA LEU B 104 -53.94 -27.55 -33.38
C LEU B 104 -55.13 -28.25 -32.77
N GLN B 105 -56.15 -27.52 -32.33
CA GLN B 105 -57.32 -28.07 -31.65
C GLN B 105 -56.92 -28.81 -30.38
N ALA B 106 -55.92 -28.28 -29.68
CA ALA B 106 -55.53 -28.78 -28.36
C ALA B 106 -56.07 -27.82 -27.30
N ASP B 107 -55.92 -28.23 -26.04
CA ASP B 107 -56.30 -27.38 -24.93
C ASP B 107 -55.14 -27.26 -23.94
N ARG B 108 -55.21 -26.21 -23.12
CA ARG B 108 -54.32 -26.00 -21.98
C ARG B 108 -52.84 -26.05 -22.36
N CYS B 109 -52.49 -25.38 -23.44
CA CYS B 109 -51.07 -25.17 -23.76
C CYS B 109 -50.39 -24.40 -22.63
N SER B 110 -49.09 -24.62 -22.47
CA SER B 110 -48.32 -23.88 -21.47
C SER B 110 -46.85 -23.86 -21.86
N MET B 111 -46.09 -22.98 -21.21
CA MET B 111 -44.64 -23.02 -21.32
C MET B 111 -44.02 -23.06 -19.92
N PHE B 112 -42.88 -23.73 -19.81
CA PHE B 112 -42.08 -23.77 -18.60
C PHE B 112 -40.75 -23.11 -18.91
N LEU B 113 -40.50 -21.94 -18.33
CA LEU B 113 -39.17 -21.35 -18.37
C LEU B 113 -38.17 -22.21 -17.61
N CYS B 114 -36.98 -22.33 -18.17
CA CYS B 114 -35.88 -22.98 -17.47
C CYS B 114 -35.13 -21.99 -16.59
N ARG B 115 -34.61 -22.50 -15.48
CA ARG B 115 -33.68 -21.76 -14.64
C ARG B 115 -32.53 -22.69 -14.26
N SER B 116 -31.45 -22.10 -13.76
CA SER B 116 -30.38 -22.85 -13.14
C SER B 116 -30.08 -22.25 -11.78
N ARG B 117 -30.07 -23.10 -10.75
CA ARG B 117 -29.71 -22.69 -9.41
C ARG B 117 -28.71 -23.68 -8.86
N ASN B 118 -27.69 -23.19 -8.17
CA ASN B 118 -26.62 -24.00 -7.58
C ASN B 118 -25.85 -24.80 -8.62
N GLY B 119 -26.01 -24.51 -9.91
CA GLY B 119 -25.50 -25.34 -10.98
C GLY B 119 -26.34 -26.51 -11.39
N ILE B 120 -27.54 -26.67 -10.83
CA ILE B 120 -28.47 -27.69 -11.31
C ILE B 120 -29.63 -27.00 -12.02
N PRO B 121 -30.16 -27.60 -13.10
CA PRO B 121 -31.26 -26.98 -13.84
C PRO B 121 -32.62 -27.38 -13.31
N GLU B 122 -33.59 -26.48 -13.53
CA GLU B 122 -34.97 -26.73 -13.17
C GLU B 122 -35.88 -26.06 -14.19
N VAL B 123 -37.15 -26.42 -14.16
CA VAL B 123 -38.17 -25.78 -14.98
C VAL B 123 -39.28 -25.25 -14.08
N ALA B 124 -39.96 -24.21 -14.55
CA ALA B 124 -41.11 -23.65 -13.84
C ALA B 124 -42.13 -23.11 -14.83
N SER B 125 -43.40 -23.43 -14.60
CA SER B 125 -44.47 -22.98 -15.48
C SER B 125 -44.63 -21.46 -15.40
N ARG B 126 -44.88 -20.82 -16.56
CA ARG B 126 -45.13 -19.36 -16.55
C ARG B 126 -46.56 -19.01 -16.98
N LEU B 127 -47.16 -19.77 -17.90
CA LEU B 127 -48.54 -19.46 -18.39
C LEU B 127 -49.41 -20.71 -18.29
N LEU B 128 -50.34 -20.80 -17.33
CA LEU B 128 -51.11 -22.03 -17.35
C LEU B 128 -52.51 -21.81 -17.93
N ASP B 129 -53.13 -22.91 -18.33
CA ASP B 129 -54.52 -22.95 -18.79
C ASP B 129 -54.79 -22.02 -19.97
N VAL B 130 -53.78 -21.78 -20.80
CA VAL B 130 -53.95 -20.91 -21.96
C VAL B 130 -54.92 -21.56 -22.93
N THR B 131 -56.00 -20.84 -23.25
CA THR B 131 -57.02 -21.25 -24.20
C THR B 131 -57.34 -20.07 -25.12
N PRO B 132 -57.72 -20.34 -26.37
CA PRO B 132 -58.18 -19.24 -27.24
C PRO B 132 -59.26 -18.40 -26.59
N THR B 133 -59.16 -17.08 -26.76
CA THR B 133 -60.09 -16.09 -26.20
C THR B 133 -60.03 -16.09 -24.66
N SER B 134 -58.82 -16.10 -24.13
CA SER B 134 -58.60 -16.07 -22.69
C SER B 134 -57.88 -14.78 -22.29
N LYS B 135 -58.07 -14.39 -21.03
CA LYS B 135 -57.35 -13.26 -20.47
C LYS B 135 -55.91 -13.62 -20.17
N PHE B 136 -55.00 -12.71 -20.53
CA PHE B 136 -53.58 -12.93 -20.27
C PHE B 136 -53.26 -12.88 -18.77
N GLU B 137 -53.93 -12.00 -18.03
CA GLU B 137 -53.72 -11.90 -16.59
C GLU B 137 -54.07 -13.20 -15.87
N ASP B 138 -55.19 -13.82 -16.24
CA ASP B 138 -55.57 -15.09 -15.62
C ASP B 138 -54.65 -16.23 -16.02
N ASN B 139 -54.14 -16.22 -17.25
CA ASN B 139 -53.27 -17.31 -17.68
C ASN B 139 -51.87 -17.22 -17.09
N LEU B 140 -51.31 -16.02 -16.96
CA LEU B 140 -49.98 -15.88 -16.38
C LEU B 140 -49.98 -16.23 -14.89
N VAL B 141 -49.07 -17.12 -14.51
CA VAL B 141 -48.82 -17.47 -13.11
C VAL B 141 -47.55 -16.78 -12.63
N GLY B 142 -47.61 -16.21 -11.43
CA GLY B 142 -46.47 -15.56 -10.82
C GLY B 142 -45.42 -16.54 -10.32
N PRO B 143 -44.18 -16.07 -10.15
CA PRO B 143 -43.13 -16.93 -9.62
C PRO B 143 -43.40 -17.44 -8.21
N ASP B 144 -44.32 -16.81 -7.47
CA ASP B 144 -44.72 -17.29 -6.15
C ASP B 144 -45.77 -18.39 -6.23
N LYS B 145 -46.29 -18.69 -7.41
CA LYS B 145 -47.30 -19.71 -7.59
C LYS B 145 -46.87 -20.79 -8.57
N GLU B 146 -45.75 -20.58 -9.27
CA GLU B 146 -45.22 -21.57 -10.21
C GLU B 146 -44.87 -22.86 -9.50
N VAL B 147 -44.82 -23.94 -10.27
CA VAL B 147 -44.46 -25.26 -9.77
C VAL B 147 -43.11 -25.61 -10.36
N VAL B 148 -42.13 -25.81 -9.48
CA VAL B 148 -40.75 -26.04 -9.86
C VAL B 148 -40.51 -27.54 -9.99
N PHE B 149 -39.88 -27.95 -11.10
CA PHE B 149 -39.51 -29.35 -11.31
C PHE B 149 -38.03 -29.45 -11.62
N PRO B 150 -37.26 -30.22 -10.86
CA PRO B 150 -35.90 -30.56 -11.29
C PRO B 150 -35.91 -31.41 -12.55
N LEU B 151 -34.76 -31.37 -13.24
CA LEU B 151 -34.64 -32.06 -14.53
C LEU B 151 -34.77 -33.57 -14.38
N ASP B 152 -34.36 -34.13 -13.24
CA ASP B 152 -34.42 -35.57 -13.04
C ASP B 152 -35.85 -36.09 -12.92
N ILE B 153 -36.81 -35.21 -12.64
CA ILE B 153 -38.21 -35.59 -12.58
C ILE B 153 -38.97 -34.91 -13.71
N GLY B 154 -40.13 -35.45 -14.03
CA GLY B 154 -41.05 -34.85 -14.97
C GLY B 154 -40.66 -34.94 -16.44
N ILE B 155 -41.68 -34.99 -17.30
CA ILE B 155 -41.43 -35.00 -18.74
C ILE B 155 -40.78 -33.69 -19.17
N VAL B 156 -41.13 -32.58 -18.50
CA VAL B 156 -40.51 -31.29 -18.84
C VAL B 156 -39.02 -31.33 -18.51
N GLY B 157 -38.67 -31.97 -17.39
CA GLY B 157 -37.26 -32.18 -17.08
C GLY B 157 -36.54 -33.08 -18.07
N TRP B 158 -37.17 -34.19 -18.46
CA TRP B 158 -36.55 -35.06 -19.46
C TRP B 158 -36.42 -34.39 -20.83
N ALA B 159 -37.38 -33.56 -21.21
CA ALA B 159 -37.26 -32.78 -22.44
C ALA B 159 -36.14 -31.76 -22.35
N ALA B 160 -36.00 -31.07 -21.21
CA ALA B 160 -34.91 -30.13 -21.04
C ALA B 160 -33.55 -30.81 -21.07
N HIS B 161 -33.44 -31.99 -20.44
CA HIS B 161 -32.19 -32.76 -20.51
C HIS B 161 -31.88 -33.22 -21.93
N THR B 162 -32.84 -33.88 -22.58
CA THR B 162 -32.60 -34.46 -23.89
C THR B 162 -32.46 -33.43 -25.00
N LYS B 163 -32.96 -32.20 -24.80
CA LYS B 163 -32.92 -31.14 -25.80
C LYS B 163 -33.52 -31.58 -27.14
N LYS B 164 -34.50 -32.48 -27.11
CA LYS B 164 -35.09 -33.03 -28.32
C LYS B 164 -36.59 -33.25 -28.11
N THR B 165 -37.27 -33.52 -29.21
CA THR B 165 -38.71 -33.79 -29.18
C THR B 165 -39.03 -35.11 -28.49
N HIS B 166 -40.06 -35.08 -27.63
CA HIS B 166 -40.60 -36.26 -26.98
C HIS B 166 -42.12 -36.24 -27.15
N ASN B 167 -42.66 -37.12 -27.99
CA ASN B 167 -44.10 -37.28 -28.15
C ASN B 167 -44.54 -38.54 -27.40
N VAL B 168 -45.29 -38.35 -26.32
CA VAL B 168 -45.83 -39.45 -25.54
C VAL B 168 -47.35 -39.34 -25.54
N PRO B 169 -48.06 -40.33 -26.10
CA PRO B 169 -49.53 -40.22 -26.20
C PRO B 169 -50.25 -40.48 -24.90
N ASP B 170 -49.81 -41.47 -24.13
CA ASP B 170 -50.40 -41.79 -22.83
C ASP B 170 -49.35 -41.52 -21.76
N VAL B 171 -49.68 -40.60 -20.84
CA VAL B 171 -48.78 -40.26 -19.74
C VAL B 171 -48.45 -41.47 -18.88
N LYS B 172 -49.34 -42.46 -18.83
CA LYS B 172 -49.07 -43.67 -18.06
C LYS B 172 -48.04 -44.60 -18.71
N LYS B 173 -47.65 -44.33 -19.96
CA LYS B 173 -46.67 -45.18 -20.63
C LYS B 173 -45.25 -44.68 -20.48
N ASN B 174 -45.05 -43.45 -20.01
CA ASN B 174 -43.73 -42.92 -19.74
C ASN B 174 -43.52 -42.78 -18.23
N SER B 175 -42.39 -43.30 -17.74
CA SER B 175 -42.03 -43.15 -16.34
C SER B 175 -41.71 -41.72 -15.95
N HIS B 176 -41.45 -40.86 -16.94
CA HIS B 176 -41.20 -39.43 -16.68
C HIS B 176 -42.45 -38.64 -16.32
N PHE B 177 -43.64 -39.23 -16.38
CA PHE B 177 -44.85 -38.52 -16.01
C PHE B 177 -44.76 -38.03 -14.56
N SER B 178 -45.06 -36.75 -14.35
CA SER B 178 -45.13 -36.16 -13.01
C SER B 178 -46.59 -35.95 -12.65
N ASP B 179 -47.02 -36.56 -11.54
CA ASP B 179 -48.36 -36.39 -10.99
C ASP B 179 -48.54 -35.08 -10.23
N PHE B 180 -47.45 -34.36 -9.93
CA PHE B 180 -47.48 -33.31 -8.92
C PHE B 180 -48.50 -32.22 -9.27
N MET B 181 -48.39 -31.65 -10.48
CA MET B 181 -49.32 -30.59 -10.86
C MET B 181 -50.70 -31.14 -11.20
N ASP B 182 -50.79 -32.35 -11.73
CA ASP B 182 -52.08 -32.96 -11.98
C ASP B 182 -52.94 -33.09 -10.72
N LYS B 183 -52.32 -33.40 -9.58
CA LYS B 183 -53.03 -33.31 -8.29
C LYS B 183 -53.10 -31.89 -7.73
N GLN B 184 -52.13 -31.03 -8.06
CA GLN B 184 -52.18 -29.65 -7.57
C GLN B 184 -53.37 -28.89 -8.14
N THR B 185 -53.65 -29.06 -9.42
CA THR B 185 -54.73 -28.33 -10.09
C THR B 185 -56.00 -29.14 -10.29
N GLY B 186 -55.95 -30.46 -10.15
CA GLY B 186 -57.13 -31.28 -10.39
C GLY B 186 -57.50 -31.45 -11.85
N TYR B 187 -56.52 -31.49 -12.75
CA TYR B 187 -56.73 -31.70 -14.16
C TYR B 187 -56.14 -33.05 -14.58
N VAL B 188 -56.74 -33.67 -15.58
CA VAL B 188 -56.32 -34.99 -16.05
C VAL B 188 -55.67 -34.83 -17.41
N THR B 189 -54.52 -35.48 -17.59
CA THR B 189 -53.73 -35.39 -18.80
C THR B 189 -53.59 -36.73 -19.48
N LYS B 190 -53.74 -36.73 -20.82
CA LYS B 190 -53.86 -37.96 -21.59
C LYS B 190 -53.23 -37.81 -22.97
N ASN B 191 -52.35 -36.83 -23.17
CA ASN B 191 -51.68 -36.55 -24.43
C ASN B 191 -50.57 -35.52 -24.20
N LEU B 192 -49.35 -35.81 -24.65
CA LEU B 192 -48.25 -34.87 -24.40
C LEU B 192 -47.26 -34.86 -25.55
N LEU B 193 -46.92 -33.65 -26.01
CA LEU B 193 -45.92 -33.40 -27.03
C LEU B 193 -44.95 -32.36 -26.50
N ALA B 194 -43.65 -32.68 -26.52
CA ALA B 194 -42.61 -31.81 -25.99
C ALA B 194 -41.55 -31.49 -27.03
N THR B 195 -41.13 -30.23 -27.07
CA THR B 195 -39.95 -29.77 -27.79
C THR B 195 -39.36 -28.58 -27.06
N PRO B 196 -38.14 -28.67 -26.56
CA PRO B 196 -37.50 -27.53 -25.89
C PRO B 196 -37.14 -26.43 -26.89
N ILE B 197 -37.28 -25.18 -26.43
CA ILE B 197 -36.69 -24.04 -27.15
C ILE B 197 -35.20 -24.01 -26.83
N VAL B 198 -34.38 -24.50 -27.75
CA VAL B 198 -32.93 -24.54 -27.57
C VAL B 198 -32.28 -23.54 -28.52
N VAL B 199 -31.57 -22.57 -27.94
CA VAL B 199 -30.78 -21.61 -28.71
C VAL B 199 -29.40 -21.51 -28.07
N GLY B 200 -28.37 -21.44 -28.90
CA GLY B 200 -27.01 -21.29 -28.40
C GLY B 200 -26.52 -22.38 -27.46
N LYS B 201 -27.08 -23.60 -27.57
CA LYS B 201 -26.84 -24.73 -26.68
C LYS B 201 -27.43 -24.51 -25.28
N GLU B 202 -28.37 -23.59 -25.13
CA GLU B 202 -29.07 -23.34 -23.89
C GLU B 202 -30.57 -23.53 -24.10
N VAL B 203 -31.25 -24.07 -23.10
CA VAL B 203 -32.69 -24.28 -23.15
C VAL B 203 -33.37 -23.12 -22.42
N LEU B 204 -34.27 -22.43 -23.12
CA LEU B 204 -34.96 -21.28 -22.55
C LEU B 204 -36.34 -21.64 -22.00
N ALA B 205 -37.15 -22.35 -22.77
CA ALA B 205 -38.46 -22.78 -22.32
C ALA B 205 -38.76 -24.13 -22.96
N VAL B 206 -39.49 -24.97 -22.23
CA VAL B 206 -40.12 -26.15 -22.79
C VAL B 206 -41.62 -25.91 -22.95
N ILE B 207 -42.08 -26.00 -24.21
CA ILE B 207 -43.51 -25.72 -24.53
C ILE B 207 -44.31 -27.02 -24.47
N MET B 208 -45.53 -26.92 -23.99
CA MET B 208 -46.30 -28.18 -23.81
C MET B 208 -47.66 -28.09 -24.50
N ALA B 209 -48.02 -29.13 -25.23
CA ALA B 209 -49.39 -29.22 -25.79
C ALA B 209 -50.03 -30.40 -25.06
N VAL B 210 -51.26 -30.27 -24.55
CA VAL B 210 -51.80 -31.38 -23.79
C VAL B 210 -53.22 -31.65 -24.25
N ASN B 211 -53.67 -32.90 -24.05
CA ASN B 211 -55.07 -33.32 -24.17
C ASN B 211 -55.75 -32.77 -25.43
N LYS B 212 -55.24 -33.24 -26.57
CA LYS B 212 -55.94 -33.02 -27.84
C LYS B 212 -57.39 -33.47 -27.74
N VAL B 213 -58.30 -32.51 -27.91
CA VAL B 213 -59.71 -32.78 -27.63
C VAL B 213 -60.33 -33.67 -28.71
N ASN B 214 -59.92 -33.52 -29.96
CA ASN B 214 -60.54 -34.24 -31.07
C ASN B 214 -59.76 -35.47 -31.52
N ALA B 215 -58.65 -35.81 -30.86
CA ALA B 215 -57.87 -36.96 -31.28
C ALA B 215 -57.07 -37.48 -30.11
N SER B 216 -56.64 -38.75 -30.22
CA SER B 216 -55.88 -39.42 -29.18
C SER B 216 -54.39 -39.43 -29.46
N GLU B 217 -53.94 -38.65 -30.45
CA GLU B 217 -52.53 -38.64 -30.85
C GLU B 217 -52.27 -37.33 -31.57
N PHE B 218 -51.03 -36.83 -31.43
CA PHE B 218 -50.52 -35.78 -32.29
C PHE B 218 -49.76 -36.41 -33.46
N SER B 219 -50.26 -36.20 -34.68
CA SER B 219 -49.62 -36.74 -35.87
C SER B 219 -48.44 -35.88 -36.31
N LYS B 220 -47.71 -36.40 -37.31
CA LYS B 220 -46.46 -35.78 -37.74
C LYS B 220 -46.65 -34.39 -38.37
N GLN B 221 -47.76 -34.15 -39.07
CA GLN B 221 -48.07 -32.80 -39.53
C GLN B 221 -48.29 -31.84 -38.36
N ASP B 222 -48.91 -32.33 -37.28
CA ASP B 222 -49.04 -31.52 -36.08
C ASP B 222 -47.67 -31.20 -35.49
N GLU B 223 -46.75 -32.17 -35.50
CA GLU B 223 -45.37 -31.93 -35.10
C GLU B 223 -44.69 -30.88 -35.98
N GLU B 224 -44.88 -30.94 -37.30
CA GLU B 224 -44.26 -29.95 -38.19
C GLU B 224 -44.80 -28.54 -37.98
N VAL B 225 -46.13 -28.40 -37.82
CA VAL B 225 -46.70 -27.08 -37.54
C VAL B 225 -46.24 -26.57 -36.18
N PHE B 226 -46.18 -27.47 -35.19
CA PHE B 226 -45.67 -27.11 -33.87
C PHE B 226 -44.22 -26.66 -33.93
N SER B 227 -43.41 -27.34 -34.73
CA SER B 227 -42.01 -26.95 -34.95
C SER B 227 -41.88 -25.56 -35.57
N LYS B 228 -42.72 -25.24 -36.56
CA LYS B 228 -42.63 -23.90 -37.16
C LYS B 228 -43.09 -22.80 -36.20
N TYR B 229 -44.19 -23.03 -35.48
CA TYR B 229 -44.60 -22.06 -34.47
C TYR B 229 -43.57 -21.95 -33.34
N LEU B 230 -42.90 -23.05 -33.00
CA LEU B 230 -41.83 -23.00 -32.02
C LEU B 230 -40.58 -22.32 -32.55
N ASN B 231 -40.35 -22.34 -33.86
CA ASN B 231 -39.29 -21.50 -34.42
C ASN B 231 -39.60 -20.01 -34.25
N PHE B 232 -40.84 -19.61 -34.44
CA PHE B 232 -41.21 -18.22 -34.15
C PHE B 232 -41.14 -17.88 -32.65
N VAL B 233 -41.58 -18.81 -31.79
CA VAL B 233 -41.42 -18.63 -30.36
C VAL B 233 -39.96 -18.58 -29.95
N SER B 234 -39.11 -19.38 -30.60
CA SER B 234 -37.67 -19.33 -30.37
C SER B 234 -37.07 -18.00 -30.77
N ILE B 235 -37.53 -17.41 -31.87
CA ILE B 235 -37.11 -16.06 -32.23
C ILE B 235 -37.45 -15.06 -31.13
N ILE B 236 -38.69 -15.10 -30.63
CA ILE B 236 -39.09 -14.18 -29.57
C ILE B 236 -38.27 -14.39 -28.30
N LEU B 237 -38.16 -15.65 -27.87
CA LEU B 237 -37.44 -15.96 -26.64
C LEU B 237 -35.95 -15.66 -26.73
N ARG B 238 -35.32 -15.87 -27.89
CA ARG B 238 -33.93 -15.49 -28.03
C ARG B 238 -33.75 -13.98 -28.05
N LEU B 239 -34.72 -13.22 -28.58
CA LEU B 239 -34.63 -11.77 -28.49
C LEU B 239 -34.65 -11.31 -27.03
N HIS B 240 -35.59 -11.85 -26.25
CA HIS B 240 -35.64 -11.52 -24.83
C HIS B 240 -34.39 -11.98 -24.09
N HIS B 241 -33.87 -13.17 -24.43
CA HIS B 241 -32.63 -13.66 -23.83
C HIS B 241 -31.44 -12.74 -24.12
N THR B 242 -31.29 -12.30 -25.37
CA THR B 242 -30.20 -11.37 -25.69
C THR B 242 -30.33 -10.05 -24.95
N SER B 243 -31.55 -9.52 -24.82
CA SER B 243 -31.72 -8.31 -24.03
C SER B 243 -31.39 -8.53 -22.55
N TYR B 244 -31.77 -9.68 -22.01
CA TYR B 244 -31.49 -9.94 -20.59
C TYR B 244 -30.00 -10.14 -20.33
N MET B 245 -29.31 -10.87 -21.21
CA MET B 245 -27.87 -11.04 -21.04
C MET B 245 -27.10 -9.74 -21.20
N TYR B 246 -27.54 -8.87 -22.12
CA TYR B 246 -26.96 -7.53 -22.18
C TYR B 246 -27.16 -6.77 -20.87
N ASN B 247 -28.37 -6.82 -20.31
CA ASN B 247 -28.61 -6.18 -19.02
C ASN B 247 -27.71 -6.74 -17.91
N ILE B 248 -27.54 -8.06 -17.89
CA ILE B 248 -26.69 -8.70 -16.88
C ILE B 248 -25.24 -8.24 -16.98
N GLU B 249 -24.70 -8.25 -18.20
CA GLU B 249 -23.31 -7.81 -18.36
C GLU B 249 -23.11 -6.32 -18.14
N SER B 250 -24.09 -5.49 -18.47
CA SER B 250 -24.04 -4.08 -18.08
C SER B 250 -24.00 -3.90 -16.56
N ARG B 251 -24.82 -4.66 -15.84
CA ARG B 251 -24.75 -4.62 -14.38
C ARG B 251 -23.36 -5.03 -13.87
N ARG B 252 -22.86 -6.18 -14.33
CA ARG B 252 -21.55 -6.64 -13.86
C ARG B 252 -20.42 -5.66 -14.16
N SER B 253 -20.39 -5.09 -15.36
CA SER B 253 -19.41 -4.06 -15.72
C SER B 253 -19.49 -2.84 -14.81
N GLN B 254 -20.70 -2.33 -14.57
CA GLN B 254 -20.83 -1.18 -13.68
C GLN B 254 -20.41 -1.51 -12.25
N ILE B 255 -20.75 -2.72 -11.79
CA ILE B 255 -20.33 -3.18 -10.47
C ILE B 255 -18.82 -3.12 -10.33
N LEU B 256 -18.10 -3.70 -11.31
CA LEU B 256 -16.64 -3.72 -11.22
C LEU B 256 -16.04 -2.32 -11.33
N MET B 257 -16.58 -1.48 -12.21
CA MET B 257 -16.04 -0.14 -12.37
C MET B 257 -16.21 0.69 -11.10
N TRP B 258 -17.36 0.61 -10.46
CA TRP B 258 -17.57 1.34 -9.21
C TRP B 258 -16.77 0.78 -8.05
N SER B 259 -16.64 -0.55 -7.96
CA SER B 259 -15.83 -1.13 -6.91
C SER B 259 -14.36 -0.73 -7.05
N ALA B 260 -13.84 -0.71 -8.29
CA ALA B 260 -12.48 -0.25 -8.51
C ALA B 260 -12.31 1.23 -8.18
N ASN B 261 -13.25 2.07 -8.60
CA ASN B 261 -13.19 3.49 -8.24
C ASN B 261 -13.13 3.69 -6.73
N LYS B 262 -13.92 2.94 -5.97
CA LYS B 262 -13.95 3.13 -4.52
C LYS B 262 -12.80 2.46 -3.77
N VAL B 263 -12.24 1.37 -4.29
CA VAL B 263 -11.08 0.77 -3.61
C VAL B 263 -9.83 1.60 -3.76
N PHE B 264 -9.55 2.12 -4.95
CA PHE B 264 -8.38 2.96 -5.18
C PHE B 264 -8.54 4.40 -4.71
N GLU B 265 -9.67 4.75 -4.08
CA GLU B 265 -9.88 6.12 -3.64
C GLU B 265 -8.92 6.52 -2.54
N GLU B 266 -8.38 5.55 -1.76
CA GLU B 266 -7.47 5.76 -0.59
C GLU B 266 -7.00 4.41 -0.04
N LEU B 267 -6.03 4.33 0.86
CA LEU B 267 -5.65 3.02 1.48
C LEU B 267 -6.36 2.98 2.84
N THR B 268 -7.15 1.95 3.13
CA THR B 268 -7.96 1.96 4.36
C THR B 268 -8.07 0.58 4.87
N ASP B 269 -8.79 0.41 5.98
CA ASP B 269 -9.02 -0.88 6.60
C ASP B 269 -10.12 -1.66 5.87
N VAL B 270 -10.21 -2.96 6.22
CA VAL B 270 -11.22 -3.86 5.64
C VAL B 270 -12.63 -3.28 5.76
N GLU B 271 -13.01 -2.86 6.97
CA GLU B 271 -14.38 -2.42 7.22
C GLU B 271 -14.75 -1.22 6.37
N ARG B 272 -13.89 -0.20 6.35
CA ARG B 272 -14.16 1.02 5.61
C ARG B 272 -14.21 0.74 4.10
N GLN B 273 -13.23 -0.02 3.60
CA GLN B 273 -13.14 -0.28 2.17
C GLN B 273 -14.31 -1.11 1.67
N PHE B 274 -14.68 -2.16 2.41
CA PHE B 274 -15.84 -2.97 2.02
C PHE B 274 -17.14 -2.18 2.13
N HIS B 275 -17.27 -1.33 3.15
CA HIS B 275 -18.48 -0.51 3.24
C HIS B 275 -18.60 0.46 2.08
N LYS B 276 -17.50 1.11 1.69
CA LYS B 276 -17.52 1.97 0.51
C LYS B 276 -17.92 1.21 -0.75
N ALA B 277 -17.27 0.06 -0.99
CA ALA B 277 -17.55 -0.71 -2.20
C ALA B 277 -19.01 -1.17 -2.25
N LEU B 278 -19.47 -1.84 -1.19
CA LEU B 278 -20.84 -2.34 -1.15
C LEU B 278 -21.87 -1.22 -1.22
N TYR B 279 -21.63 -0.10 -0.54
CA TYR B 279 -22.59 1.00 -0.59
C TYR B 279 -22.63 1.65 -1.97
N THR B 280 -21.52 1.66 -2.71
CA THR B 280 -21.58 2.20 -4.06
C THR B 280 -22.29 1.24 -5.03
N VAL B 281 -22.00 -0.06 -4.92
CA VAL B 281 -22.61 -1.06 -5.82
C VAL B 281 -24.06 -1.38 -5.47
N ARG B 282 -24.54 -0.92 -4.31
CA ARG B 282 -25.92 -0.98 -3.87
C ARG B 282 -26.98 -0.89 -4.97
N SER B 283 -26.91 0.15 -5.80
CA SER B 283 -27.91 0.36 -6.86
C SER B 283 -27.85 -0.72 -7.93
N TYR B 284 -26.75 -1.45 -8.04
CA TYR B 284 -26.59 -2.45 -9.10
C TYR B 284 -26.76 -3.88 -8.63
N LEU B 285 -26.68 -4.16 -7.31
CA LEU B 285 -27.04 -5.50 -6.85
C LEU B 285 -28.49 -5.83 -7.17
N ASN B 286 -29.40 -4.86 -7.03
CA ASN B 286 -30.83 -5.01 -7.29
C ASN B 286 -31.48 -6.04 -6.37
N CYS B 287 -30.93 -6.23 -5.17
CA CYS B 287 -31.55 -7.04 -4.15
C CYS B 287 -32.38 -6.14 -3.23
N GLU B 288 -33.40 -6.72 -2.60
CA GLU B 288 -34.16 -5.98 -1.61
C GLU B 288 -33.38 -5.79 -0.31
N ARG B 289 -32.47 -6.71 -0.01
CA ARG B 289 -31.73 -6.64 1.25
C ARG B 289 -30.46 -7.46 1.11
N TYR B 290 -29.37 -6.96 1.68
CA TYR B 290 -28.16 -7.78 1.79
C TYR B 290 -27.30 -7.25 2.93
N SER B 291 -26.41 -8.14 3.40
CA SER B 291 -25.53 -7.81 4.51
C SER B 291 -24.19 -8.51 4.32
N ILE B 292 -23.21 -8.06 5.09
CA ILE B 292 -21.89 -8.67 5.15
C ILE B 292 -21.50 -8.85 6.61
N GLY B 293 -21.02 -10.03 6.96
CA GLY B 293 -20.45 -10.30 8.27
C GLY B 293 -18.96 -10.58 8.16
N LEU B 294 -18.19 -9.83 8.94
CA LEU B 294 -16.75 -9.98 9.03
C LEU B 294 -16.39 -10.87 10.22
N LEU B 295 -15.61 -11.90 9.96
CA LEU B 295 -15.15 -12.80 11.01
C LEU B 295 -13.92 -12.26 11.70
N ASP B 296 -13.78 -12.61 12.98
CA ASP B 296 -12.53 -12.36 13.70
C ASP B 296 -11.38 -13.06 13.00
N MET B 297 -10.28 -12.33 12.80
CA MET B 297 -9.12 -12.85 12.09
C MET B 297 -7.98 -13.33 12.99
N THR B 298 -8.03 -13.07 14.30
CA THR B 298 -7.01 -13.60 15.21
C THR B 298 -6.97 -15.12 15.20
N LYS B 299 -5.76 -15.66 14.99
CA LYS B 299 -5.53 -17.09 14.84
C LYS B 299 -4.91 -17.72 16.08
N GLU B 300 -3.90 -17.07 16.66
CA GLU B 300 -3.22 -17.57 17.85
C GLU B 300 -3.62 -16.73 19.07
N LYS B 301 -3.56 -17.35 20.23
CA LYS B 301 -3.86 -16.70 21.50
C LYS B 301 -2.58 -16.32 22.24
N GLU B 302 -2.72 -15.39 23.17
CA GLU B 302 -1.66 -15.08 24.12
C GLU B 302 -1.46 -16.21 25.12
N PHE B 303 -0.21 -16.40 25.52
CA PHE B 303 0.14 -17.48 26.45
C PHE B 303 -0.65 -17.40 27.75
N TYR B 304 -0.94 -16.20 28.24
CA TYR B 304 -1.67 -16.04 29.49
C TYR B 304 -3.15 -16.32 29.36
N ASP B 305 -3.71 -16.27 28.15
CA ASP B 305 -5.05 -16.74 27.91
C ASP B 305 -5.11 -18.21 27.53
N GLU B 306 -3.98 -18.78 27.11
CA GLU B 306 -3.87 -20.21 26.91
C GLU B 306 -3.65 -21.00 28.20
N TRP B 307 -3.00 -20.39 29.20
CA TRP B 307 -2.77 -21.07 30.49
C TRP B 307 -4.01 -21.75 31.09
N PRO B 308 -5.17 -21.10 31.23
CA PRO B 308 -6.33 -21.84 31.77
C PRO B 308 -6.80 -22.97 30.87
N ILE B 309 -6.60 -22.85 29.56
CA ILE B 309 -6.98 -23.94 28.66
C ILE B 309 -6.03 -25.13 28.83
N LYS B 310 -4.74 -24.86 28.97
CA LYS B 310 -3.76 -25.94 29.08
C LYS B 310 -3.81 -26.61 30.44
N LEU B 311 -4.03 -25.83 31.51
CA LEU B 311 -4.19 -26.43 32.83
C LEU B 311 -5.54 -27.12 32.97
N GLY B 312 -6.60 -26.53 32.44
CA GLY B 312 -7.90 -27.19 32.41
C GLY B 312 -9.02 -26.49 33.17
N GLU B 313 -8.80 -25.25 33.59
CA GLU B 313 -9.84 -24.49 34.27
C GLU B 313 -11.06 -24.25 33.38
N VAL B 314 -10.88 -24.12 32.07
CA VAL B 314 -11.98 -23.87 31.15
C VAL B 314 -11.99 -24.98 30.10
N GLU B 315 -13.17 -25.56 29.89
CA GLU B 315 -13.37 -26.56 28.85
C GLU B 315 -12.96 -26.02 27.48
N PRO B 316 -12.39 -26.87 26.62
CA PRO B 316 -12.06 -26.42 25.26
C PRO B 316 -13.29 -25.99 24.47
N TYR B 317 -13.12 -24.93 23.69
CA TYR B 317 -14.21 -24.39 22.88
C TYR B 317 -14.74 -25.41 21.89
N LYS B 318 -16.06 -25.61 21.92
CA LYS B 318 -16.75 -26.52 21.03
C LYS B 318 -17.87 -25.75 20.34
N GLY B 319 -17.90 -25.79 19.01
CA GLY B 319 -18.84 -25.01 18.25
C GLY B 319 -18.39 -24.83 16.81
N PRO B 320 -19.05 -23.92 16.08
CA PRO B 320 -18.70 -23.70 14.69
C PRO B 320 -17.25 -23.27 14.50
N LYS B 321 -16.62 -23.82 13.46
CA LYS B 321 -15.25 -23.48 13.10
C LYS B 321 -15.16 -23.22 11.60
N THR B 322 -14.39 -22.20 11.23
CA THR B 322 -14.05 -21.99 9.83
C THR B 322 -13.10 -23.10 9.37
N PRO B 323 -12.97 -23.31 8.05
CA PRO B 323 -12.06 -24.35 7.57
C PRO B 323 -10.60 -24.14 7.98
N ASP B 324 -10.19 -22.90 8.24
CA ASP B 324 -8.85 -22.68 8.79
C ASP B 324 -8.75 -23.18 10.22
N GLY B 325 -9.84 -23.08 10.98
CA GLY B 325 -9.89 -23.56 12.35
C GLY B 325 -10.24 -22.49 13.36
N ARG B 326 -10.22 -21.22 12.98
CA ARG B 326 -10.63 -20.15 13.86
C ARG B 326 -12.08 -20.31 14.28
N GLU B 327 -12.40 -19.86 15.49
CA GLU B 327 -13.78 -19.80 15.94
C GLU B 327 -14.59 -18.88 15.04
N VAL B 328 -15.80 -19.29 14.70
CA VAL B 328 -16.71 -18.47 13.91
C VAL B 328 -17.27 -17.40 14.84
N ASN B 329 -16.67 -16.22 14.81
CA ASN B 329 -17.11 -15.07 15.59
C ASN B 329 -17.24 -13.89 14.64
N PHE B 330 -18.47 -13.58 14.25
CA PHE B 330 -18.75 -12.38 13.46
C PHE B 330 -18.53 -11.17 14.35
N TYR B 331 -17.36 -10.53 14.24
CA TYR B 331 -17.08 -9.40 15.09
C TYR B 331 -17.79 -8.13 14.64
N LYS B 332 -18.22 -8.06 13.39
CA LYS B 332 -18.96 -6.90 12.91
C LYS B 332 -19.94 -7.33 11.83
N ILE B 333 -21.15 -6.80 11.87
CA ILE B 333 -22.16 -7.00 10.84
C ILE B 333 -22.50 -5.65 10.23
N ILE B 334 -22.62 -5.59 8.91
CA ILE B 334 -23.03 -4.40 8.19
C ILE B 334 -24.29 -4.73 7.40
N ASP B 335 -25.43 -4.19 7.83
CA ASP B 335 -26.72 -4.40 7.16
C ASP B 335 -27.01 -3.25 6.20
N TYR B 336 -27.36 -3.61 4.96
CA TYR B 336 -27.84 -2.68 3.94
C TYR B 336 -29.30 -3.00 3.69
N ILE B 337 -30.20 -2.15 4.16
CA ILE B 337 -31.63 -2.33 3.99
C ILE B 337 -32.07 -1.52 2.79
N LEU B 338 -32.48 -2.20 1.72
CA LEU B 338 -32.86 -1.54 0.48
C LEU B 338 -34.36 -1.58 0.21
N HIS B 339 -35.14 -2.19 1.09
CA HIS B 339 -36.58 -2.29 0.86
C HIS B 339 -37.28 -0.97 1.17
N GLY B 340 -36.86 -0.28 2.24
CA GLY B 340 -37.46 1.00 2.58
C GLY B 340 -36.54 1.89 3.38
N LYS B 341 -36.65 3.20 3.12
CA LYS B 341 -35.89 4.27 3.77
C LYS B 341 -34.39 4.22 3.49
N GLU B 342 -33.92 3.12 2.88
CA GLU B 342 -32.52 2.95 2.46
C GLU B 342 -31.55 3.14 3.63
N GLU B 343 -31.85 2.50 4.75
CA GLU B 343 -31.03 2.64 5.95
C GLU B 343 -29.87 1.66 5.94
N ILE B 344 -28.71 2.13 6.39
CA ILE B 344 -27.54 1.28 6.64
C ILE B 344 -27.29 1.25 8.14
N LYS B 345 -27.02 0.06 8.69
CA LYS B 345 -26.55 -0.01 10.08
C LYS B 345 -25.32 -0.90 10.17
N VAL B 346 -24.53 -0.64 11.21
CA VAL B 346 -23.37 -1.47 11.59
C VAL B 346 -23.54 -1.90 13.03
N ILE B 347 -23.46 -3.20 13.27
CA ILE B 347 -23.54 -3.80 14.60
C ILE B 347 -22.21 -4.44 14.97
N PRO B 348 -21.41 -3.80 15.81
CA PRO B 348 -20.23 -4.45 16.38
C PRO B 348 -20.62 -5.49 17.43
N THR B 349 -19.89 -6.60 17.44
CA THR B 349 -20.15 -7.79 18.26
C THR B 349 -21.64 -8.15 18.32
N PRO B 350 -22.27 -8.42 17.16
CA PRO B 350 -23.70 -8.75 17.13
C PRO B 350 -24.00 -10.00 17.95
N PRO B 351 -25.15 -10.03 18.62
CA PRO B 351 -25.56 -11.25 19.32
C PRO B 351 -25.92 -12.36 18.35
N ALA B 352 -25.92 -13.58 18.88
CA ALA B 352 -26.34 -14.74 18.09
C ALA B 352 -27.81 -14.68 17.68
N ASP B 353 -28.63 -13.87 18.34
CA ASP B 353 -30.00 -13.67 17.94
C ASP B 353 -30.18 -12.62 16.84
N HIS B 354 -29.08 -12.11 16.28
CA HIS B 354 -29.17 -11.20 15.15
C HIS B 354 -29.92 -11.86 14.01
N TRP B 355 -30.82 -11.09 13.37
CA TRP B 355 -31.74 -11.63 12.38
C TRP B 355 -31.04 -12.24 11.17
N THR B 356 -29.81 -11.83 10.86
CA THR B 356 -29.06 -12.53 9.83
C THR B 356 -28.54 -13.88 10.35
N LEU B 357 -28.05 -13.91 11.59
CA LEU B 357 -27.45 -15.11 12.18
C LEU B 357 -28.47 -16.06 12.79
N ILE B 358 -29.71 -15.63 13.03
CA ILE B 358 -30.74 -16.51 13.58
C ILE B 358 -30.93 -17.74 12.71
N SER B 359 -31.00 -17.56 11.39
CA SER B 359 -30.84 -18.68 10.49
C SER B 359 -29.39 -19.12 10.45
N GLY B 360 -29.17 -20.42 10.43
CA GLY B 360 -27.82 -20.96 10.38
C GLY B 360 -27.03 -20.67 9.11
N LEU B 361 -27.65 -20.05 8.10
CA LEU B 361 -27.01 -19.98 6.80
C LEU B 361 -25.70 -19.19 6.78
N PRO B 362 -25.60 -17.97 7.38
CA PRO B 362 -24.28 -17.31 7.37
C PRO B 362 -23.22 -18.11 8.11
N THR B 363 -23.61 -18.74 9.21
CA THR B 363 -22.67 -19.58 9.95
C THR B 363 -22.31 -20.83 9.17
N TYR B 364 -23.28 -21.41 8.47
CA TYR B 364 -23.02 -22.52 7.56
C TYR B 364 -22.04 -22.15 6.45
N VAL B 365 -22.14 -20.93 5.91
CA VAL B 365 -21.18 -20.48 4.91
C VAL B 365 -19.81 -20.22 5.52
N ALA B 366 -19.76 -19.69 6.74
CA ALA B 366 -18.50 -19.50 7.42
C ALA B 366 -17.81 -20.83 7.74
N GLU B 367 -18.60 -21.84 8.08
CA GLU B 367 -18.06 -23.18 8.32
C GLU B 367 -17.61 -23.86 7.03
N ASN B 368 -18.37 -23.72 5.96
CA ASN B 368 -18.13 -24.52 4.76
C ASN B 368 -17.61 -23.74 3.56
N GLY B 369 -18.15 -22.56 3.28
CA GLY B 369 -17.68 -21.77 2.17
C GLY B 369 -18.34 -22.06 0.83
N PHE B 370 -19.56 -22.58 0.84
CA PHE B 370 -20.33 -22.79 -0.38
C PHE B 370 -21.10 -21.53 -0.75
N ILE B 371 -21.60 -21.51 -1.99
CA ILE B 371 -22.50 -20.48 -2.47
C ILE B 371 -23.92 -21.03 -2.34
N CYS B 372 -24.71 -20.45 -1.49
CA CYS B 372 -25.99 -21.09 -1.22
C CYS B 372 -27.17 -20.32 -1.79
N ASN B 373 -27.80 -20.84 -2.84
CA ASN B 373 -29.04 -20.21 -3.36
C ASN B 373 -30.14 -21.09 -2.87
N MET B 374 -31.01 -20.54 -2.06
CA MET B 374 -32.13 -21.32 -1.50
C MET B 374 -33.40 -20.59 -1.90
N MET B 375 -34.34 -21.29 -2.53
CA MET B 375 -35.61 -20.59 -2.81
C MET B 375 -36.56 -21.05 -1.73
N ASN B 376 -37.44 -20.18 -1.31
CA ASN B 376 -38.41 -20.49 -0.25
C ASN B 376 -37.71 -20.87 1.05
N ALA B 377 -36.70 -20.07 1.41
CA ALA B 377 -35.91 -20.32 2.61
C ALA B 377 -36.71 -20.62 3.89
N PRO B 378 -37.81 -19.93 4.21
CA PRO B 378 -38.60 -20.35 5.39
C PRO B 378 -39.35 -21.66 5.20
N ALA B 379 -39.46 -22.18 3.99
CA ALA B 379 -40.05 -23.50 3.81
C ALA B 379 -39.03 -24.62 4.01
N ASP B 380 -37.74 -24.31 4.00
CA ASP B 380 -36.74 -25.30 4.37
C ASP B 380 -36.78 -25.57 5.87
N GLU B 381 -36.36 -26.77 6.24
CA GLU B 381 -36.38 -27.23 7.62
C GLU B 381 -35.01 -27.24 8.29
N TYR B 382 -33.94 -27.22 7.50
CA TYR B 382 -32.60 -27.31 8.06
C TYR B 382 -32.16 -26.00 8.73
N PHE B 383 -32.31 -24.88 8.03
CA PHE B 383 -31.69 -23.63 8.47
C PHE B 383 -32.56 -22.80 9.41
N THR B 384 -33.80 -23.21 9.65
CA THR B 384 -34.73 -22.52 10.55
C THR B 384 -34.80 -21.01 10.30
N PHE B 385 -35.07 -20.65 9.05
CA PHE B 385 -35.30 -19.26 8.69
C PHE B 385 -36.56 -18.72 9.37
N GLN B 386 -36.59 -17.40 9.56
CA GLN B 386 -37.78 -16.74 10.08
C GLN B 386 -38.98 -16.93 9.15
N LYS B 387 -39.95 -17.73 9.60
CA LYS B 387 -41.19 -17.89 8.84
C LYS B 387 -42.01 -16.61 8.84
N GLY B 388 -42.04 -15.90 9.96
CA GLY B 388 -42.73 -14.63 10.04
C GLY B 388 -41.90 -13.46 9.55
N PRO B 389 -42.40 -12.25 9.77
CA PRO B 389 -41.60 -11.04 9.54
C PRO B 389 -40.30 -11.05 10.33
N VAL B 390 -39.25 -10.53 9.71
CA VAL B 390 -37.95 -10.43 10.37
C VAL B 390 -37.99 -9.36 11.47
N ASP B 391 -38.64 -8.23 11.21
CA ASP B 391 -38.67 -7.13 12.16
C ASP B 391 -40.09 -6.56 12.20
N GLU B 392 -40.25 -5.42 12.87
CA GLU B 392 -41.53 -4.73 12.95
C GLU B 392 -42.11 -4.42 11.57
N THR B 393 -41.26 -4.20 10.57
CA THR B 393 -41.74 -4.01 9.21
C THR B 393 -42.03 -5.38 8.60
N GLY B 394 -43.11 -5.46 7.82
CA GLY B 394 -43.51 -6.71 7.20
C GLY B 394 -42.64 -7.19 6.05
N TRP B 395 -41.35 -7.35 6.30
CA TRP B 395 -40.45 -7.99 5.35
C TRP B 395 -40.18 -9.43 5.77
N VAL B 396 -40.37 -10.35 4.83
CA VAL B 396 -40.15 -11.77 5.07
C VAL B 396 -39.12 -12.28 4.07
N ILE B 397 -38.32 -13.25 4.51
CA ILE B 397 -37.35 -13.85 3.62
C ILE B 397 -38.07 -14.77 2.64
N LYS B 398 -37.77 -14.60 1.36
CA LYS B 398 -38.36 -15.40 0.30
C LYS B 398 -37.30 -16.22 -0.42
N ASN B 399 -36.27 -15.59 -0.96
CA ASN B 399 -35.12 -16.26 -1.55
C ASN B 399 -33.87 -15.76 -0.85
N VAL B 400 -32.81 -16.56 -0.89
CA VAL B 400 -31.54 -16.16 -0.29
C VAL B 400 -30.37 -16.65 -1.15
N LEU B 401 -29.29 -15.88 -1.11
CA LEU B 401 -28.05 -16.20 -1.81
C LEU B 401 -26.90 -15.73 -0.93
N SER B 402 -26.16 -16.67 -0.35
CA SER B 402 -25.02 -16.34 0.50
C SER B 402 -23.71 -16.81 -0.13
N LEU B 403 -22.69 -15.96 -0.06
CA LEU B 403 -21.36 -16.23 -0.59
C LEU B 403 -20.30 -15.77 0.42
N PRO B 404 -19.19 -16.50 0.53
CA PRO B 404 -18.09 -16.02 1.36
C PRO B 404 -17.17 -15.06 0.63
N ILE B 405 -16.54 -14.17 1.40
CA ILE B 405 -15.40 -13.40 0.96
C ILE B 405 -14.14 -14.12 1.41
N VAL B 406 -13.19 -14.26 0.49
CA VAL B 406 -12.07 -15.17 0.66
C VAL B 406 -10.76 -14.39 0.58
N ASN B 407 -9.89 -14.60 1.56
CA ASN B 407 -8.55 -14.04 1.59
C ASN B 407 -7.66 -14.67 0.50
N LYS B 408 -6.49 -14.07 0.30
CA LYS B 408 -5.50 -14.65 -0.62
C LYS B 408 -5.13 -16.07 -0.24
N LYS B 409 -5.16 -16.41 1.05
CA LYS B 409 -4.76 -17.73 1.52
C LYS B 409 -5.93 -18.71 1.62
N GLU B 410 -7.07 -18.40 0.99
CA GLU B 410 -8.37 -19.06 1.10
C GLU B 410 -9.07 -18.87 2.45
N ASP B 411 -8.52 -18.09 3.37
CA ASP B 411 -9.21 -17.82 4.62
C ASP B 411 -10.53 -17.09 4.35
N ILE B 412 -11.56 -17.47 5.08
CA ILE B 412 -12.88 -16.82 4.99
C ILE B 412 -12.81 -15.54 5.82
N VAL B 413 -12.70 -14.40 5.16
CA VAL B 413 -12.72 -13.12 5.86
C VAL B 413 -14.14 -12.73 6.24
N GLY B 414 -15.12 -12.99 5.38
CA GLY B 414 -16.48 -12.66 5.71
C GLY B 414 -17.45 -13.50 4.91
N VAL B 415 -18.74 -13.25 5.16
CA VAL B 415 -19.83 -13.87 4.43
C VAL B 415 -20.80 -12.78 3.99
N ALA B 416 -21.04 -12.68 2.68
CA ALA B 416 -22.05 -11.79 2.13
C ALA B 416 -23.32 -12.57 1.86
N THR B 417 -24.45 -12.09 2.40
CA THR B 417 -25.74 -12.71 2.19
C THR B 417 -26.67 -11.74 1.48
N PHE B 418 -27.16 -12.14 0.31
CA PHE B 418 -28.14 -11.38 -0.47
C PHE B 418 -29.49 -12.07 -0.35
N TYR B 419 -30.47 -11.38 0.22
CA TYR B 419 -31.83 -11.89 0.32
C TYR B 419 -32.62 -11.57 -0.94
N ASN B 420 -33.93 -11.84 -0.90
CA ASN B 420 -34.84 -11.86 -2.05
C ASN B 420 -34.65 -10.68 -3.00
N ARG B 421 -34.80 -10.97 -4.29
CA ARG B 421 -34.65 -9.98 -5.35
C ARG B 421 -35.69 -8.87 -5.22
N LYS B 422 -35.45 -7.77 -5.94
CA LYS B 422 -36.43 -6.68 -5.99
C LYS B 422 -37.75 -7.10 -6.61
N ASP B 423 -37.72 -7.98 -7.59
CA ASP B 423 -38.93 -8.66 -8.04
C ASP B 423 -39.02 -10.03 -7.38
N GLY B 424 -40.16 -10.69 -7.59
CA GLY B 424 -40.43 -11.95 -6.92
C GLY B 424 -39.66 -13.15 -7.44
N LYS B 425 -38.95 -13.04 -8.55
CA LYS B 425 -38.31 -14.21 -9.14
C LYS B 425 -37.24 -14.77 -8.20
N PRO B 426 -37.06 -16.08 -8.15
CA PRO B 426 -35.90 -16.66 -7.48
C PRO B 426 -34.59 -16.21 -8.13
N PHE B 427 -33.51 -16.34 -7.38
CA PHE B 427 -32.18 -16.04 -7.89
C PHE B 427 -31.79 -17.04 -8.97
N ASP B 428 -31.46 -16.53 -10.15
CA ASP B 428 -30.91 -17.32 -11.24
C ASP B 428 -29.39 -17.33 -11.17
N GLU B 429 -28.79 -18.13 -12.05
CA GLU B 429 -27.33 -18.21 -12.14
C GLU B 429 -26.69 -16.87 -12.48
N HIS B 430 -27.42 -15.96 -13.12
CA HIS B 430 -26.84 -14.67 -13.49
C HIS B 430 -26.60 -13.79 -12.27
N ASP B 431 -27.49 -13.84 -11.28
CA ASP B 431 -27.25 -13.13 -10.03
C ASP B 431 -26.16 -13.78 -9.20
N GLU B 432 -26.06 -15.12 -9.24
CA GLU B 432 -24.91 -15.80 -8.65
C GLU B 432 -23.61 -15.34 -9.29
N TYR B 433 -23.60 -15.15 -10.61
CA TYR B 433 -22.42 -14.68 -11.32
C TYR B 433 -22.04 -13.26 -10.90
N ILE B 434 -23.04 -12.37 -10.84
CA ILE B 434 -22.81 -11.00 -10.41
C ILE B 434 -22.24 -10.95 -8.99
N THR B 435 -22.91 -11.64 -8.05
CA THR B 435 -22.49 -11.57 -6.65
C THR B 435 -21.13 -12.22 -6.43
N GLU B 436 -20.82 -13.31 -7.15
CA GLU B 436 -19.48 -13.88 -7.05
C GLU B 436 -18.40 -12.97 -7.62
N THR B 437 -18.68 -12.19 -8.66
CA THR B 437 -17.66 -11.24 -9.11
C THR B 437 -17.45 -10.11 -8.11
N LEU B 438 -18.52 -9.68 -7.44
CA LEU B 438 -18.35 -8.67 -6.39
C LEU B 438 -17.52 -9.20 -5.22
N THR B 439 -17.86 -10.41 -4.72
CA THR B 439 -17.11 -10.96 -3.60
C THR B 439 -15.67 -11.30 -3.96
N GLN B 440 -15.39 -11.68 -5.21
CA GLN B 440 -14.01 -11.83 -5.63
C GLN B 440 -13.26 -10.51 -5.63
N PHE B 441 -13.90 -9.43 -6.08
CA PHE B 441 -13.23 -8.13 -6.06
C PHE B 441 -12.91 -7.69 -4.62
N LEU B 442 -13.82 -7.91 -3.68
CA LEU B 442 -13.50 -7.60 -2.28
C LEU B 442 -12.38 -8.48 -1.73
N GLY B 443 -12.38 -9.77 -2.06
CA GLY B 443 -11.31 -10.64 -1.65
C GLY B 443 -9.96 -10.26 -2.25
N TRP B 444 -9.95 -9.53 -3.35
CA TRP B 444 -8.70 -9.01 -3.87
C TRP B 444 -8.28 -7.69 -3.21
N SER B 445 -9.23 -6.80 -2.91
CA SER B 445 -8.89 -5.54 -2.23
C SER B 445 -8.45 -5.73 -0.77
N LEU B 446 -8.63 -6.93 -0.23
CA LEU B 446 -7.95 -7.28 1.03
C LEU B 446 -6.44 -7.04 0.99
N LEU B 447 -5.81 -7.15 -0.19
CA LEU B 447 -4.38 -6.80 -0.31
C LEU B 447 -4.11 -5.34 0.01
N ASN B 448 -5.00 -4.44 -0.41
CA ASN B 448 -4.83 -3.04 -0.02
C ASN B 448 -5.02 -2.86 1.48
N THR B 449 -5.90 -3.63 2.09
CA THR B 449 -6.08 -3.47 3.54
C THR B 449 -4.87 -3.97 4.34
N ASP B 450 -4.29 -5.10 3.92
CA ASP B 450 -3.08 -5.58 4.57
C ASP B 450 -1.90 -4.65 4.36
N THR B 451 -1.82 -4.02 3.18
CA THR B 451 -0.80 -3.01 2.95
C THR B 451 -0.96 -1.82 3.86
N TYR B 452 -2.19 -1.36 4.09
CA TYR B 452 -2.42 -0.25 5.02
C TYR B 452 -1.96 -0.58 6.44
N ASP B 453 -2.26 -1.78 6.91
CA ASP B 453 -1.81 -2.15 8.26
C ASP B 453 -0.28 -2.23 8.36
N LYS B 454 0.37 -2.80 7.34
CA LYS B 454 1.84 -2.76 7.28
C LYS B 454 2.38 -1.34 7.28
N MET B 455 1.71 -0.43 6.55
CA MET B 455 2.11 0.97 6.51
C MET B 455 2.14 1.59 7.90
N ASN B 456 1.06 1.42 8.66
CA ASN B 456 1.00 2.01 9.99
C ASN B 456 2.05 1.42 10.93
N LYS B 457 2.25 0.09 10.88
CA LYS B 457 3.28 -0.51 11.72
C LYS B 457 4.69 -0.02 11.37
N LEU B 458 4.99 0.13 10.08
CA LEU B 458 6.31 0.60 9.69
C LEU B 458 6.55 2.04 10.10
N GLU B 459 5.55 2.91 9.91
CA GLU B 459 5.68 4.30 10.33
C GLU B 459 5.94 4.41 11.82
N ASN B 460 5.14 3.72 12.64
CA ASN B 460 5.36 3.74 14.09
C ASN B 460 6.74 3.23 14.49
N ARG B 461 7.17 2.11 13.91
CA ARG B 461 8.49 1.57 14.25
C ARG B 461 9.62 2.54 13.89
N LYS B 462 9.52 3.18 12.73
CA LYS B 462 10.50 4.20 12.36
C LYS B 462 10.53 5.34 13.38
N ASP B 463 9.36 5.90 13.71
CA ASP B 463 9.33 7.07 14.59
C ASP B 463 9.86 6.75 15.99
N ILE B 464 9.56 5.55 16.49
CA ILE B 464 10.14 5.09 17.76
C ILE B 464 11.66 4.99 17.68
N ALA B 465 12.18 4.36 16.63
CA ALA B 465 13.62 4.19 16.52
C ALA B 465 14.35 5.53 16.39
N GLN B 466 13.77 6.47 15.64
CA GLN B 466 14.37 7.79 15.52
C GLN B 466 14.36 8.56 16.84
N GLU B 467 13.26 8.49 17.60
CA GLU B 467 13.24 9.16 18.89
C GLU B 467 14.26 8.56 19.88
N MET B 468 14.34 7.24 19.94
CA MET B 468 15.30 6.61 20.85
C MET B 468 16.73 6.92 20.46
N LEU B 469 17.04 6.92 19.16
CA LEU B 469 18.33 7.40 18.66
C LEU B 469 18.63 8.81 19.12
N MET B 470 17.72 9.75 18.86
CA MET B 470 17.95 11.15 19.18
C MET B 470 18.17 11.35 20.68
N ASN B 471 17.40 10.65 21.51
CA ASN B 471 17.62 10.71 22.95
C ASN B 471 19.01 10.18 23.34
N GLN B 472 19.43 9.07 22.75
CA GLN B 472 20.77 8.56 23.05
C GLN B 472 21.88 9.52 22.62
N THR B 473 21.76 10.11 21.43
CA THR B 473 22.85 10.94 20.90
C THR B 473 22.94 12.28 21.62
N LYS B 474 21.80 12.86 22.01
CA LYS B 474 21.80 14.18 22.63
C LYS B 474 22.70 14.23 23.87
N ALA B 475 23.42 15.34 24.00
CA ALA B 475 24.32 15.55 25.13
C ALA B 475 23.55 15.66 26.44
N THR B 476 24.07 14.98 27.47
CA THR B 476 23.47 15.01 28.79
C THR B 476 23.72 16.36 29.44
N PRO B 477 22.93 16.71 30.47
CA PRO B 477 23.17 17.98 31.19
C PRO B 477 24.55 18.11 31.82
N GLU B 478 25.19 17.01 32.20
CA GLU B 478 26.56 17.09 32.69
C GLU B 478 27.52 17.54 31.60
N GLU B 479 27.35 17.04 30.37
CA GLU B 479 28.21 17.49 29.27
C GLU B 479 27.97 18.95 28.90
N ILE B 480 26.75 19.45 29.04
CA ILE B 480 26.52 20.89 28.93
C ILE B 480 27.26 21.64 30.03
N LYS B 481 27.04 21.22 31.27
CA LYS B 481 27.62 21.91 32.43
C LYS B 481 29.14 21.92 32.38
N SER B 482 29.74 20.92 31.73
CA SER B 482 31.20 20.90 31.55
C SER B 482 31.71 22.07 30.73
N ILE B 483 30.92 22.56 29.77
CA ILE B 483 31.28 23.79 29.08
C ILE B 483 30.68 24.99 29.79
N LEU B 484 29.35 25.01 29.92
CA LEU B 484 28.66 26.14 30.54
C LEU B 484 28.60 25.91 32.04
N LYS B 485 29.70 26.23 32.72
CA LYS B 485 29.79 26.07 34.16
C LYS B 485 28.99 27.11 34.93
N PHE B 486 27.69 27.22 34.67
CA PHE B 486 26.84 28.14 35.41
C PHE B 486 26.76 27.75 36.89
N GLN B 487 26.60 26.45 37.19
CA GLN B 487 26.37 26.02 38.56
C GLN B 487 27.52 26.39 39.49
N GLU B 488 28.76 26.13 39.07
CA GLU B 488 29.91 26.41 39.91
C GLU B 488 30.36 27.86 39.88
N LYS B 489 29.74 28.72 39.08
CA LYS B 489 30.16 30.12 39.01
C LYS B 489 29.06 31.12 39.35
N LEU B 490 27.84 30.89 38.89
CA LEU B 490 26.74 31.80 39.18
C LEU B 490 26.04 31.53 40.49
N ASN B 491 26.33 30.41 41.15
CA ASN B 491 25.66 29.99 42.38
C ASN B 491 24.16 29.86 42.17
N VAL B 492 23.79 29.19 41.07
CA VAL B 492 22.40 29.01 40.69
C VAL B 492 22.04 27.54 40.84
N ASP B 493 20.75 27.28 40.98
CA ASP B 493 20.23 25.92 41.10
C ASP B 493 20.33 25.19 39.76
N VAL B 494 19.74 23.99 39.71
CA VAL B 494 19.69 23.23 38.47
C VAL B 494 18.82 23.92 37.43
N ILE B 495 17.76 24.60 37.87
CA ILE B 495 16.85 25.27 36.96
C ILE B 495 17.52 26.56 36.47
N ASP B 496 17.62 26.71 35.15
CA ASP B 496 18.21 27.91 34.56
C ASP B 496 17.16 29.01 34.50
N ASP B 497 17.33 30.02 35.37
CA ASP B 497 16.54 31.25 35.33
C ASP B 497 17.43 32.46 35.09
N CYS B 498 18.70 32.23 34.77
CA CYS B 498 19.66 33.30 34.55
C CYS B 498 19.35 34.06 33.25
N GLU B 499 19.74 35.32 33.22
CA GLU B 499 19.59 36.13 32.02
C GLU B 499 20.50 35.64 30.91
N GLU B 500 20.00 35.73 29.68
CA GLU B 500 20.79 35.38 28.50
C GLU B 500 22.09 36.18 28.42
N LYS B 501 22.03 37.48 28.77
CA LYS B 501 23.24 38.30 28.76
C LYS B 501 24.20 37.87 29.86
N GLN B 502 23.68 37.48 31.02
CA GLN B 502 24.53 36.98 32.08
C GLN B 502 25.18 35.65 31.71
N LEU B 503 24.43 34.76 31.06
CA LEU B 503 25.00 33.52 30.54
C LEU B 503 26.07 33.78 29.48
N VAL B 504 25.86 34.79 28.63
CA VAL B 504 26.91 35.21 27.70
C VAL B 504 28.15 35.67 28.44
N ALA B 505 27.98 36.54 29.44
CA ALA B 505 29.11 37.08 30.17
C ALA B 505 29.90 35.99 30.90
N ILE B 506 29.19 35.07 31.55
CA ILE B 506 29.87 33.99 32.27
C ILE B 506 30.55 33.02 31.31
N LEU B 507 29.93 32.71 30.17
CA LEU B 507 30.60 31.80 29.24
C LEU B 507 31.84 32.42 28.60
N LYS B 508 31.75 33.70 28.19
CA LYS B 508 32.79 34.31 27.37
C LYS B 508 34.16 34.35 28.04
N GLU B 509 34.23 34.24 29.37
CA GLU B 509 35.50 34.01 30.05
C GLU B 509 36.07 32.63 29.70
N ASP B 510 35.23 31.60 29.75
CA ASP B 510 35.72 30.22 29.77
C ASP B 510 36.22 29.69 28.43
N LEU B 511 35.81 30.27 27.31
CA LEU B 511 36.36 29.83 26.03
C LEU B 511 37.82 30.27 25.89
N PRO B 512 38.64 29.47 25.21
CA PRO B 512 39.97 29.94 24.79
C PRO B 512 39.87 31.21 23.95
N ASP B 513 40.76 32.16 24.23
CA ASP B 513 40.77 33.41 23.47
C ASP B 513 41.12 33.11 22.01
N PRO B 514 40.50 33.82 21.06
CA PRO B 514 40.73 33.49 19.64
C PRO B 514 42.10 33.91 19.11
N ARG B 515 42.85 34.73 19.84
CA ARG B 515 44.17 35.14 19.38
C ARG B 515 45.27 34.18 19.79
N SER B 516 45.19 33.59 20.98
CA SER B 516 46.06 32.47 21.28
C SER B 516 45.55 31.22 20.55
N ALA B 517 46.42 30.22 20.49
CA ALA B 517 46.23 28.97 19.75
C ALA B 517 45.92 29.16 18.27
N GLU B 518 46.14 30.37 17.73
CA GLU B 518 46.09 30.60 16.28
C GLU B 518 44.74 30.25 15.67
N LEU B 519 43.64 30.56 16.37
CA LEU B 519 42.31 30.18 15.90
C LEU B 519 41.96 30.79 14.54
N TYR B 520 42.41 32.01 14.27
CA TYR B 520 42.19 32.62 12.96
C TYR B 520 43.18 32.17 11.89
N GLU B 521 44.27 31.52 12.27
CA GLU B 521 45.35 31.24 11.35
C GLU B 521 45.16 29.93 10.59
N PHE B 522 45.73 29.89 9.39
CA PHE B 522 45.70 28.73 8.51
C PHE B 522 46.60 27.61 9.01
N ARG B 523 47.50 27.91 9.94
CA ARG B 523 48.48 26.98 10.48
C ARG B 523 47.92 26.04 11.55
N PHE B 524 46.70 26.33 12.04
CA PHE B 524 46.05 25.62 13.14
C PHE B 524 46.28 24.11 13.11
N SER B 525 46.75 23.58 14.23
CA SER B 525 46.97 22.15 14.43
C SER B 525 46.12 21.68 15.60
N ASP B 526 45.29 20.66 15.36
CA ASP B 526 44.38 20.13 16.36
C ASP B 526 45.01 19.09 17.29
N PHE B 527 46.20 18.61 16.97
CA PHE B 527 46.87 17.60 17.80
C PHE B 527 47.08 18.01 19.25
N PRO B 528 47.60 19.19 19.59
CA PRO B 528 47.76 19.55 21.00
C PRO B 528 46.49 19.93 21.73
N LEU B 529 45.32 19.92 21.08
CA LEU B 529 44.07 20.20 21.75
C LEU B 529 43.30 18.92 22.05
N THR B 530 42.70 18.87 23.24
CA THR B 530 41.71 17.86 23.55
C THR B 530 40.37 18.19 22.88
N GLU B 531 39.55 17.14 22.69
CA GLU B 531 38.25 17.30 22.06
C GLU B 531 37.33 18.21 22.87
N HIS B 532 37.50 18.26 24.19
CA HIS B 532 36.77 19.24 24.98
C HIS B 532 37.21 20.66 24.64
N GLY B 533 38.52 20.82 24.36
CA GLY B 533 39.01 22.07 23.83
C GLY B 533 38.53 22.34 22.42
N LEU B 534 38.29 21.30 21.63
CA LEU B 534 37.66 21.50 20.33
C LEU B 534 36.24 22.02 20.45
N ILE B 535 35.45 21.48 21.37
CA ILE B 535 34.09 22.01 21.57
C ILE B 535 34.12 23.47 22.02
N LYS B 536 34.98 23.76 23.01
CA LYS B 536 35.14 25.14 23.46
C LYS B 536 35.61 26.07 22.34
N CYS B 537 36.58 25.65 21.53
CA CYS B 537 37.00 26.46 20.39
C CYS B 537 35.92 26.63 19.34
N GLY B 538 35.09 25.59 19.11
CA GLY B 538 33.99 25.75 18.18
C GLY B 538 32.95 26.77 18.63
N ILE B 539 32.60 26.73 19.92
CA ILE B 539 31.71 27.75 20.47
C ILE B 539 32.37 29.13 20.41
N ARG B 540 33.69 29.19 20.63
CA ARG B 540 34.45 30.41 20.41
C ARG B 540 34.35 30.91 18.97
N LEU B 541 34.49 30.01 17.99
CA LEU B 541 34.39 30.40 16.59
C LEU B 541 33.02 30.96 16.25
N PHE B 542 32.02 30.32 16.74
CA PHE B 542 30.71 30.89 16.46
C PHE B 542 30.72 32.21 17.15
N PHE B 543 31.36 32.31 18.32
CA PHE B 543 31.25 33.57 19.11
C PHE B 543 31.88 34.84 18.45
N GLU B 544 33.07 34.75 17.85
CA GLU B 544 33.69 35.91 17.17
C GLU B 544 32.87 36.37 15.96
N ILE B 545 32.37 35.47 15.13
CA ILE B 545 31.48 35.89 14.01
C ILE B 545 30.33 36.77 14.57
N ASN B 546 30.12 36.85 15.88
CA ASN B 546 29.08 37.67 16.52
C ASN B 546 27.73 37.28 15.93
N VAL B 547 27.35 36.03 16.25
CA VAL B 547 26.07 35.49 15.83
C VAL B 547 25.07 35.38 16.99
N VAL B 548 25.53 35.12 18.21
CA VAL B 548 24.60 34.86 19.32
C VAL B 548 23.70 36.06 19.57
N GLU B 549 24.29 37.26 19.75
CA GLU B 549 23.49 38.46 19.97
C GLU B 549 22.71 38.91 18.74
N LYS B 550 23.26 38.73 17.54
CA LYS B 550 22.54 39.14 16.33
C LYS B 550 21.29 38.30 16.06
N PHE B 551 21.43 36.98 16.14
CA PHE B 551 20.36 36.05 15.79
C PHE B 551 19.58 35.53 16.98
N LYS B 552 19.96 35.93 18.20
CA LYS B 552 19.26 35.60 19.44
C LYS B 552 19.28 34.11 19.74
N VAL B 553 20.34 33.41 19.34
CA VAL B 553 20.39 31.98 19.62
C VAL B 553 20.75 31.79 21.09
N PRO B 554 20.08 30.90 21.81
CA PRO B 554 20.40 30.72 23.22
C PRO B 554 21.78 30.10 23.40
N VAL B 555 22.47 30.52 24.45
CA VAL B 555 23.83 30.03 24.70
C VAL B 555 23.81 28.55 25.05
N GLU B 556 22.85 28.12 25.85
CA GLU B 556 22.75 26.71 26.22
C GLU B 556 22.35 25.86 25.03
N VAL B 557 21.44 26.36 24.19
CA VAL B 557 21.09 25.69 22.96
C VAL B 557 22.30 25.54 22.04
N LEU B 558 23.07 26.62 21.88
CA LEU B 558 24.31 26.56 21.12
C LEU B 558 25.28 25.50 21.66
N THR B 559 25.49 25.47 22.98
CA THR B 559 26.44 24.51 23.55
C THR B 559 25.95 23.08 23.40
N ARG B 560 24.66 22.84 23.66
CA ARG B 560 24.12 21.50 23.48
C ARG B 560 24.19 21.06 22.03
N TRP B 561 23.89 21.96 21.09
CA TRP B 561 24.00 21.62 19.68
C TRP B 561 25.43 21.32 19.25
N MET B 562 26.40 22.09 19.75
CA MET B 562 27.80 21.76 19.47
C MET B 562 28.18 20.38 20.03
N TYR B 563 27.68 20.04 21.21
CA TYR B 563 28.09 18.78 21.82
C TYR B 563 27.42 17.58 21.14
N THR B 564 26.14 17.70 20.79
CA THR B 564 25.48 16.64 20.03
C THR B 564 26.02 16.49 18.62
N VAL B 565 26.47 17.58 17.99
CA VAL B 565 27.21 17.46 16.74
C VAL B 565 28.49 16.67 16.94
N ARG B 566 29.25 16.98 18.00
CA ARG B 566 30.43 16.17 18.33
C ARG B 566 30.10 14.69 18.52
N LYS B 567 29.09 14.28 19.29
CA LYS B 567 28.86 12.84 19.56
C LYS B 567 28.22 12.20 18.33
N GLY B 568 27.64 12.98 17.43
CA GLY B 568 27.08 12.51 16.17
C GLY B 568 28.17 11.93 15.34
N TYR B 569 29.32 12.53 15.36
CA TYR B 569 30.41 12.07 14.50
C TYR B 569 31.06 10.92 15.10
N ARG B 570 31.05 9.77 14.44
CA ARG B 570 31.58 8.49 14.90
C ARG B 570 33.07 8.58 15.20
N ALA B 571 33.58 7.54 15.85
CA ALA B 571 34.99 7.43 16.20
C ALA B 571 35.87 6.88 15.08
N VAL B 572 35.49 7.11 13.82
CA VAL B 572 36.28 6.60 12.70
C VAL B 572 37.63 7.30 12.63
N THR B 573 38.57 6.69 11.91
CA THR B 573 39.96 7.14 11.92
C THR B 573 40.14 8.55 11.35
N TYR B 574 39.34 8.93 10.37
CA TYR B 574 39.51 10.27 9.79
C TYR B 574 38.24 11.09 9.74
N HIS B 575 37.11 10.50 9.37
CA HIS B 575 35.82 11.17 9.41
C HIS B 575 35.25 11.24 10.81
N ASN B 576 36.10 11.38 11.82
CA ASN B 576 35.66 11.65 13.18
C ASN B 576 35.45 13.15 13.38
N TRP B 577 35.20 13.53 14.63
CA TRP B 577 35.01 14.93 15.00
C TRP B 577 36.19 15.83 14.62
N ARG B 578 37.41 15.29 14.55
CA ARG B 578 38.55 16.10 14.17
C ARG B 578 38.44 16.68 12.77
N HIS B 579 38.00 15.88 11.80
CA HIS B 579 37.79 16.39 10.45
C HIS B 579 36.68 17.45 10.40
N GLY B 580 35.56 17.19 11.08
CA GLY B 580 34.50 18.19 11.14
C GLY B 580 34.95 19.50 11.75
N PHE B 581 35.74 19.43 12.82
CA PHE B 581 36.25 20.65 13.43
C PHE B 581 37.24 21.38 12.53
N ASN B 582 38.18 20.65 11.91
CA ASN B 582 39.12 21.31 11.01
C ASN B 582 38.42 21.96 9.82
N VAL B 583 37.36 21.33 9.32
CA VAL B 583 36.59 21.94 8.23
C VAL B 583 35.85 23.19 8.71
N GLY B 584 35.28 23.16 9.92
CA GLY B 584 34.67 24.36 10.47
C GLY B 584 35.66 25.47 10.74
N GLN B 585 36.86 25.13 11.22
CA GLN B 585 37.91 26.12 11.37
C GLN B 585 38.37 26.68 10.03
N THR B 586 38.40 25.86 8.99
CA THR B 586 38.74 26.37 7.67
C THR B 586 37.67 27.30 7.13
N MET B 587 36.40 27.00 7.41
CA MET B 587 35.32 27.90 7.02
C MET B 587 35.44 29.23 7.75
N PHE B 588 35.71 29.19 9.05
CA PHE B 588 35.92 30.40 9.82
C PHE B 588 37.10 31.23 9.29
N THR B 589 38.24 30.58 9.05
CA THR B 589 39.43 31.33 8.62
C THR B 589 39.31 31.86 7.19
N LEU B 590 38.67 31.09 6.28
CA LEU B 590 38.39 31.62 4.95
C LEU B 590 37.41 32.79 4.99
N LEU B 591 36.40 32.72 5.85
CA LEU B 591 35.53 33.87 6.03
C LEU B 591 36.31 35.09 6.53
N MET B 592 37.05 34.93 7.63
CA MET B 592 37.64 36.09 8.29
C MET B 592 38.97 36.51 7.66
N THR B 593 39.96 35.62 7.67
CA THR B 593 41.28 35.95 7.15
C THR B 593 41.30 35.92 5.62
N GLY B 594 40.61 34.96 5.01
CA GLY B 594 40.45 34.96 3.57
C GLY B 594 39.59 36.09 3.02
N ARG B 595 38.90 36.83 3.89
CA ARG B 595 38.07 37.98 3.58
C ARG B 595 36.84 37.64 2.76
N LEU B 596 36.52 36.34 2.60
CA LEU B 596 35.34 35.95 1.84
C LEU B 596 34.03 36.27 2.54
N LYS B 597 34.08 36.55 3.86
CA LYS B 597 32.94 37.07 4.59
C LYS B 597 32.32 38.30 3.94
N LYS B 598 33.13 39.09 3.22
CA LYS B 598 32.62 40.26 2.52
C LYS B 598 31.62 39.92 1.42
N TYR B 599 31.58 38.67 0.96
CA TYR B 599 30.60 38.27 -0.03
C TYR B 599 29.27 37.78 0.56
N TYR B 600 29.19 37.56 1.87
CA TYR B 600 28.03 36.90 2.47
C TYR B 600 27.51 37.67 3.67
N THR B 601 26.19 37.60 3.86
CA THR B 601 25.54 38.16 5.02
C THR B 601 25.92 37.36 6.27
N ASP B 602 25.70 37.97 7.44
CA ASP B 602 25.97 37.28 8.70
C ASP B 602 25.13 36.01 8.85
N LEU B 603 23.90 36.02 8.33
CA LEU B 603 23.10 34.81 8.31
C LEU B 603 23.69 33.75 7.40
N GLU B 604 24.18 34.17 6.23
CA GLU B 604 24.82 33.22 5.33
C GLU B 604 26.09 32.66 5.92
N ALA B 605 26.91 33.50 6.57
CA ALA B 605 28.10 33.01 7.28
C ALA B 605 27.74 32.06 8.43
N PHE B 606 26.63 32.33 9.12
CA PHE B 606 26.20 31.42 10.18
C PHE B 606 25.82 30.06 9.61
N ALA B 607 25.16 30.06 8.45
CA ALA B 607 24.89 28.81 7.75
C ALA B 607 26.16 28.13 7.25
N MET B 608 27.13 28.90 6.75
CA MET B 608 28.41 28.31 6.34
C MET B 608 29.08 27.59 7.50
N LEU B 609 29.12 28.19 8.67
CA LEU B 609 29.77 27.53 9.79
C LEU B 609 29.00 26.30 10.27
N ALA B 610 27.68 26.40 10.37
CA ALA B 610 26.92 25.24 10.83
C ALA B 610 27.00 24.07 9.85
N ALA B 611 26.92 24.35 8.54
CA ALA B 611 27.09 23.32 7.53
C ALA B 611 28.51 22.79 7.47
N ALA B 612 29.51 23.64 7.67
CA ALA B 612 30.90 23.20 7.71
C ALA B 612 31.19 22.26 8.87
N PHE B 613 30.58 22.50 10.03
CA PHE B 613 30.72 21.52 11.11
C PHE B 613 29.94 20.24 10.83
N CYS B 614 28.69 20.35 10.36
CA CYS B 614 27.86 19.16 10.24
C CYS B 614 27.94 18.49 8.88
N HIS B 615 28.92 18.89 8.04
CA HIS B 615 28.96 18.39 6.67
C HIS B 615 29.15 16.88 6.62
N ASP B 616 29.93 16.32 7.55
CA ASP B 616 30.27 14.90 7.54
C ASP B 616 29.51 14.09 8.56
N ILE B 617 28.47 14.65 9.19
CA ILE B 617 27.84 14.03 10.35
C ILE B 617 27.36 12.61 10.05
N ASP B 618 27.67 11.69 10.96
CA ASP B 618 27.37 10.26 10.83
C ASP B 618 28.08 9.57 9.69
N HIS B 619 29.12 10.18 9.11
CA HIS B 619 29.87 9.47 8.09
C HIS B 619 30.47 8.20 8.68
N ARG B 620 30.10 7.06 8.11
CA ARG B 620 30.46 5.75 8.64
C ARG B 620 31.89 5.34 8.33
N GLY B 621 32.63 6.11 7.54
CA GLY B 621 33.95 5.72 7.12
C GLY B 621 34.01 5.10 5.73
N THR B 622 32.97 5.27 4.92
CA THR B 622 32.88 4.68 3.59
C THR B 622 32.52 5.74 2.57
N ASN B 623 32.76 5.45 1.29
CA ASN B 623 32.39 6.36 0.23
C ASN B 623 31.12 5.92 -0.49
N ASN B 624 30.64 6.78 -1.40
CA ASN B 624 29.40 6.52 -2.12
C ASN B 624 29.48 5.30 -3.01
N LEU B 625 30.67 5.02 -3.56
CA LEU B 625 30.88 3.77 -4.28
C LEU B 625 30.59 2.56 -3.41
N TYR B 626 31.10 2.56 -2.18
CA TYR B 626 30.79 1.46 -1.27
C TYR B 626 29.30 1.38 -0.94
N GLN B 627 28.64 2.53 -0.79
CA GLN B 627 27.20 2.53 -0.53
C GLN B 627 26.41 1.90 -1.68
N MET B 628 26.72 2.29 -2.91
CA MET B 628 26.09 1.67 -4.08
C MET B 628 26.43 0.19 -4.19
N LYS B 629 27.71 -0.15 -4.09
CA LYS B 629 28.14 -1.54 -4.25
C LYS B 629 27.54 -2.45 -3.19
N SER B 630 27.44 -1.98 -1.94
CA SER B 630 26.87 -2.80 -0.89
C SER B 630 25.35 -2.78 -0.88
N THR B 631 24.72 -2.05 -1.81
CA THR B 631 23.26 -1.87 -1.87
C THR B 631 22.69 -1.36 -0.56
N SER B 632 23.46 -0.52 0.14
CA SER B 632 23.15 0.01 1.46
C SER B 632 21.78 0.66 1.50
N PRO B 633 21.08 0.61 2.64
CA PRO B 633 19.80 1.35 2.75
C PRO B 633 19.91 2.82 2.41
N LEU B 634 21.06 3.43 2.67
CA LEU B 634 21.33 4.79 2.22
C LEU B 634 21.25 4.89 0.70
N ALA B 635 21.86 3.94 -0.02
CA ALA B 635 21.84 3.98 -1.48
C ALA B 635 20.45 3.71 -2.06
N ARG B 636 19.63 2.89 -1.39
CA ARG B 636 18.26 2.67 -1.85
C ARG B 636 17.32 3.79 -1.46
N LEU B 637 17.63 4.54 -0.41
CA LEU B 637 16.82 5.69 -0.05
C LEU B 637 17.19 6.92 -0.89
N HIS B 638 18.47 7.22 -0.97
CA HIS B 638 18.98 8.41 -1.66
C HIS B 638 19.67 7.97 -2.94
N GLY B 639 19.20 8.47 -4.08
CA GLY B 639 19.70 8.03 -5.36
C GLY B 639 21.13 8.45 -5.67
N SER B 640 21.38 9.75 -5.72
CA SER B 640 22.69 10.30 -6.02
C SER B 640 23.17 11.16 -4.86
N SER B 641 24.50 11.25 -4.71
CA SER B 641 25.12 11.97 -3.59
C SER B 641 24.67 11.38 -2.26
N ILE B 642 24.74 10.05 -2.18
CA ILE B 642 24.10 9.28 -1.12
C ILE B 642 24.51 9.77 0.27
N LEU B 643 25.82 9.83 0.53
CA LEU B 643 26.32 10.22 1.84
C LEU B 643 26.09 11.69 2.15
N GLU B 644 26.15 12.56 1.15
CA GLU B 644 25.88 13.97 1.41
C GLU B 644 24.40 14.22 1.67
N ARG B 645 23.53 13.48 0.97
CA ARG B 645 22.12 13.55 1.31
C ARG B 645 21.83 12.98 2.70
N HIS B 646 22.57 11.96 3.13
CA HIS B 646 22.44 11.50 4.52
C HIS B 646 22.91 12.55 5.52
N HIS B 647 24.07 13.15 5.29
CA HIS B 647 24.55 14.24 6.14
C HIS B 647 23.58 15.40 6.22
N LEU B 648 22.95 15.74 5.10
CA LEU B 648 21.96 16.81 5.10
C LEU B 648 20.71 16.41 5.87
N GLU B 649 20.18 15.20 5.63
CA GLU B 649 19.00 14.75 6.34
C GLU B 649 19.24 14.67 7.85
N TYR B 650 20.41 14.19 8.27
CA TYR B 650 20.69 14.08 9.68
C TYR B 650 20.98 15.43 10.33
N SER B 651 21.66 16.35 9.64
CA SER B 651 21.83 17.69 10.17
C SER B 651 20.50 18.42 10.30
N LYS B 652 19.60 18.25 9.34
CA LYS B 652 18.26 18.83 9.46
C LYS B 652 17.46 18.19 10.59
N THR B 653 17.58 16.87 10.76
CA THR B 653 16.97 16.21 11.92
C THR B 653 17.50 16.76 13.23
N LEU B 654 18.82 16.97 13.31
CA LEU B 654 19.41 17.52 14.53
C LEU B 654 18.96 18.94 14.78
N LEU B 655 18.81 19.74 13.73
CA LEU B 655 18.23 21.08 13.86
C LEU B 655 16.73 21.08 14.09
N GLN B 656 16.06 19.93 13.93
CA GLN B 656 14.61 19.91 14.01
C GLN B 656 14.10 19.98 15.44
N ASP B 657 14.80 19.36 16.39
CA ASP B 657 14.46 19.49 17.80
C ASP B 657 14.57 20.94 18.26
N GLU B 658 13.54 21.41 18.95
CA GLU B 658 13.57 22.75 19.57
C GLU B 658 14.75 22.91 20.51
N SER B 659 15.11 21.85 21.25
CA SER B 659 16.24 21.94 22.17
C SER B 659 17.56 22.09 21.44
N LEU B 660 17.63 21.70 20.17
CA LEU B 660 18.84 21.78 19.37
C LEU B 660 18.74 22.77 18.23
N ASN B 661 17.60 23.44 18.07
CA ASN B 661 17.37 24.31 16.92
C ASN B 661 18.10 25.62 17.14
N ILE B 662 19.39 25.64 16.76
CA ILE B 662 20.21 26.83 16.81
C ILE B 662 19.66 27.97 15.95
N PHE B 663 18.71 27.67 15.06
CA PHE B 663 18.06 28.65 14.20
C PHE B 663 16.63 28.94 14.63
N GLN B 664 16.28 28.64 15.89
CA GLN B 664 14.91 28.82 16.34
C GLN B 664 14.49 30.29 16.41
N ASN B 665 15.44 31.21 16.59
CA ASN B 665 15.11 32.60 16.85
C ASN B 665 15.25 33.50 15.62
N LEU B 666 15.19 32.93 14.42
CA LEU B 666 15.18 33.72 13.20
C LEU B 666 13.86 33.55 12.45
N ASN B 667 13.62 34.43 11.49
CA ASN B 667 12.36 34.43 10.76
C ASN B 667 12.23 33.18 9.90
N LYS B 668 10.97 32.81 9.61
CA LYS B 668 10.67 31.71 8.71
C LYS B 668 11.39 31.82 7.38
N ARG B 669 11.38 33.01 6.77
CA ARG B 669 12.14 33.24 5.55
C ARG B 669 13.63 33.01 5.75
N GLN B 670 14.17 33.41 6.91
CA GLN B 670 15.58 33.13 7.20
C GLN B 670 15.83 31.64 7.38
N PHE B 671 14.86 30.90 7.94
CA PHE B 671 15.02 29.46 8.05
C PHE B 671 14.99 28.77 6.69
N GLU B 672 14.08 29.17 5.80
CA GLU B 672 14.10 28.65 4.45
C GLU B 672 15.42 28.96 3.74
N THR B 673 15.95 30.17 3.93
CA THR B 673 17.26 30.51 3.39
C THR B 673 18.36 29.61 3.97
N VAL B 674 18.40 29.46 5.29
CA VAL B 674 19.41 28.60 5.93
C VAL B 674 19.29 27.15 5.49
N ILE B 675 18.07 26.67 5.27
CA ILE B 675 17.89 25.30 4.79
C ILE B 675 18.40 25.13 3.37
N HIS B 676 18.14 26.10 2.50
CA HIS B 676 18.74 26.04 1.16
C HIS B 676 20.25 26.16 1.21
N LEU B 677 20.77 27.01 2.08
CA LEU B 677 22.19 27.11 2.34
C LEU B 677 22.79 25.77 2.75
N PHE B 678 22.14 25.09 3.69
CA PHE B 678 22.59 23.77 4.15
C PHE B 678 22.59 22.76 3.02
N GLU B 679 21.52 22.74 2.23
CA GLU B 679 21.42 21.82 1.10
C GLU B 679 22.54 22.06 0.09
N VAL B 680 22.71 23.31 -0.33
CA VAL B 680 23.77 23.65 -1.27
C VAL B 680 25.14 23.27 -0.73
N ALA B 681 25.43 23.64 0.52
CA ALA B 681 26.74 23.38 1.09
C ALA B 681 27.05 21.88 1.22
N ILE B 682 26.10 21.11 1.72
CA ILE B 682 26.42 19.71 1.98
C ILE B 682 26.40 18.88 0.70
N ILE B 683 25.48 19.17 -0.24
CA ILE B 683 25.54 18.47 -1.52
C ILE B 683 26.76 18.90 -2.32
N ALA B 684 27.16 20.17 -2.23
CA ALA B 684 28.40 20.65 -2.82
C ALA B 684 29.66 20.15 -2.13
N THR B 685 29.53 19.48 -0.99
CA THR B 685 30.68 18.76 -0.44
C THR B 685 31.04 17.55 -1.31
N ASP B 686 30.09 17.03 -2.10
CA ASP B 686 30.37 15.96 -3.05
C ASP B 686 31.33 16.46 -4.13
N LEU B 687 32.47 15.78 -4.27
CA LEU B 687 33.50 16.20 -5.22
C LEU B 687 33.14 15.94 -6.68
N ALA B 688 32.21 15.03 -6.99
CA ALA B 688 31.75 14.91 -8.38
C ALA B 688 31.04 16.18 -8.84
N LEU B 689 30.23 16.78 -7.96
CA LEU B 689 29.61 18.06 -8.27
C LEU B 689 30.64 19.16 -8.38
N TYR B 690 31.62 19.15 -7.48
CA TYR B 690 32.76 20.06 -7.58
C TYR B 690 33.42 19.98 -8.94
N PHE B 691 33.76 18.77 -9.38
CA PHE B 691 34.41 18.61 -10.67
C PHE B 691 33.53 19.07 -11.82
N LYS B 692 32.22 18.82 -11.74
CA LYS B 692 31.30 19.36 -12.75
C LYS B 692 31.29 20.89 -12.79
N LYS B 693 31.39 21.56 -11.65
CA LYS B 693 31.20 23.01 -11.60
C LYS B 693 32.50 23.81 -11.48
N ARG B 694 33.65 23.13 -11.51
CA ARG B 694 34.94 23.80 -11.65
C ARG B 694 34.99 24.80 -12.81
N THR B 695 34.49 24.40 -13.98
CA THR B 695 34.59 25.28 -15.15
C THR B 695 33.75 26.54 -14.99
N MET B 696 32.58 26.41 -14.39
CA MET B 696 31.75 27.58 -14.10
C MET B 696 32.41 28.49 -13.08
N PHE B 697 32.96 27.93 -12.01
CA PHE B 697 33.69 28.76 -11.05
C PHE B 697 34.90 29.46 -11.68
N GLN B 698 35.63 28.74 -12.55
CA GLN B 698 36.73 29.36 -13.28
C GLN B 698 36.26 30.53 -14.13
N LYS B 699 35.13 30.37 -14.84
CA LYS B 699 34.56 31.49 -15.57
C LYS B 699 34.16 32.65 -14.67
N ILE B 700 33.67 32.35 -13.47
CA ILE B 700 33.37 33.40 -12.49
C ILE B 700 34.62 34.15 -12.07
N VAL B 701 35.68 33.43 -11.72
CA VAL B 701 36.93 34.08 -11.30
C VAL B 701 37.53 34.90 -12.44
N ASP B 702 37.57 34.33 -13.65
CA ASP B 702 38.06 35.04 -14.83
C ASP B 702 37.27 36.31 -15.11
N ALA B 703 35.94 36.26 -14.96
CA ALA B 703 35.17 37.49 -15.11
C ALA B 703 35.40 38.47 -13.96
N CYS B 704 35.64 37.98 -12.75
CA CYS B 704 35.85 38.84 -11.59
C CYS B 704 37.23 39.47 -11.54
N GLU B 705 38.22 38.97 -12.30
CA GLU B 705 39.58 39.55 -12.16
C GLU B 705 39.75 40.72 -13.12
N GLN B 706 38.89 40.81 -14.13
CA GLN B 706 39.01 41.88 -15.14
C GLN B 706 38.80 43.22 -14.43
N MET B 707 37.87 43.25 -13.50
CA MET B 707 37.54 44.54 -12.84
C MET B 707 38.73 45.06 -12.01
N GLN B 708 38.92 46.39 -11.97
CA GLN B 708 40.04 47.02 -11.21
C GLN B 708 39.52 47.78 -10.00
N THR B 709 38.36 47.40 -9.47
CA THR B 709 37.78 47.98 -8.27
C THR B 709 37.17 46.88 -7.42
N GLU B 710 37.56 46.85 -6.14
CA GLU B 710 37.04 45.85 -5.22
C GLU B 710 35.53 46.00 -5.03
N GLU B 711 35.04 47.23 -4.95
CA GLU B 711 33.60 47.47 -4.85
C GLU B 711 32.86 46.91 -6.06
N GLU B 712 33.46 47.03 -7.24
CA GLU B 712 32.87 46.44 -8.44
C GLU B 712 32.78 44.92 -8.33
N ALA B 713 33.82 44.27 -7.78
CA ALA B 713 33.76 42.83 -7.54
C ALA B 713 32.65 42.44 -6.55
N ILE B 714 32.51 43.19 -5.45
CA ILE B 714 31.41 42.91 -4.51
C ILE B 714 30.05 43.07 -5.20
N LYS B 715 29.87 44.14 -5.97
CA LYS B 715 28.63 44.30 -6.73
C LYS B 715 28.40 43.14 -7.69
N TYR B 716 29.41 42.81 -8.49
CA TYR B 716 29.28 41.74 -9.49
C TYR B 716 28.88 40.40 -8.89
N VAL B 717 29.49 40.02 -7.76
CA VAL B 717 29.15 38.73 -7.18
C VAL B 717 27.87 38.76 -6.36
N THR B 718 27.62 39.86 -5.63
CA THR B 718 26.49 39.88 -4.70
C THR B 718 25.15 39.89 -5.43
N VAL B 719 25.06 40.56 -6.58
CA VAL B 719 23.78 40.66 -7.28
C VAL B 719 23.28 39.34 -7.84
N ASP B 720 24.15 38.36 -8.06
CA ASP B 720 23.70 37.09 -8.62
C ASP B 720 23.75 36.01 -7.54
N PRO B 721 22.60 35.50 -7.09
CA PRO B 721 22.62 34.38 -6.13
C PRO B 721 23.32 33.12 -6.65
N THR B 722 23.28 32.87 -7.95
CA THR B 722 23.91 31.66 -8.49
C THR B 722 25.43 31.71 -8.39
N LYS B 723 26.02 32.89 -8.64
CA LYS B 723 27.46 33.03 -8.47
C LYS B 723 27.88 32.86 -7.02
N LYS B 724 27.08 33.40 -6.09
CA LYS B 724 27.35 33.19 -4.67
C LYS B 724 27.25 31.72 -4.28
N GLU B 725 26.26 31.01 -4.84
CA GLU B 725 26.13 29.57 -4.58
C GLU B 725 27.32 28.78 -5.12
N ILE B 726 27.82 29.14 -6.29
CA ILE B 726 28.99 28.43 -6.85
C ILE B 726 30.24 28.72 -6.03
N ILE B 727 30.45 29.97 -5.63
CA ILE B 727 31.58 30.30 -4.77
C ILE B 727 31.45 29.62 -3.40
N MET B 728 30.22 29.47 -2.90
CA MET B 728 29.99 28.71 -1.68
C MET B 728 30.37 27.24 -1.84
N ALA B 729 30.00 26.64 -2.97
CA ALA B 729 30.39 25.25 -3.24
C ALA B 729 31.90 25.09 -3.30
N MET B 730 32.57 26.04 -3.94
CA MET B 730 34.02 26.04 -4.01
C MET B 730 34.67 26.29 -2.65
N MET B 731 34.07 27.17 -1.85
CA MET B 731 34.54 27.41 -0.49
C MET B 731 34.50 26.14 0.33
N MET B 732 33.39 25.40 0.27
CA MET B 732 33.28 24.17 1.05
C MET B 732 34.20 23.08 0.52
N THR B 733 34.36 22.97 -0.80
CA THR B 733 35.33 22.03 -1.35
C THR B 733 36.76 22.34 -0.88
N ALA B 734 37.18 23.61 -0.97
CA ALA B 734 38.49 23.96 -0.46
C ALA B 734 38.60 23.74 1.04
N CYS B 735 37.51 23.86 1.78
CA CYS B 735 37.57 23.61 3.22
C CYS B 735 37.75 22.14 3.54
N ASP B 736 37.12 21.26 2.76
CA ASP B 736 37.19 19.84 3.10
C ASP B 736 38.63 19.33 2.99
N LEU B 737 39.35 19.71 1.95
CA LEU B 737 40.67 19.17 1.69
C LEU B 737 41.79 20.03 2.28
N SER B 738 41.42 21.07 3.04
CA SER B 738 42.31 22.04 3.68
C SER B 738 43.47 21.45 4.49
N ALA B 739 43.43 20.16 4.79
CA ALA B 739 44.56 19.53 5.46
C ALA B 739 45.79 19.42 4.56
N ILE B 740 45.60 19.31 3.25
CA ILE B 740 46.74 19.30 2.33
C ILE B 740 47.52 20.61 2.39
N THR B 741 46.91 21.68 2.87
CA THR B 741 47.57 22.98 2.96
C THR B 741 48.23 23.20 4.31
N LYS B 742 48.01 22.29 5.26
CA LYS B 742 48.63 22.37 6.57
C LYS B 742 50.13 22.07 6.45
N PRO B 743 50.93 22.47 7.46
CA PRO B 743 52.35 22.08 7.48
C PRO B 743 52.61 20.59 7.31
N TRP B 744 53.82 20.27 6.84
CA TRP B 744 54.17 18.92 6.40
C TRP B 744 53.90 17.84 7.44
N GLU B 745 54.33 18.06 8.69
CA GLU B 745 54.00 17.12 9.76
C GLU B 745 52.48 16.87 9.88
N VAL B 746 51.69 17.94 9.93
CA VAL B 746 50.25 17.79 10.06
C VAL B 746 49.65 17.13 8.83
N GLN B 747 50.12 17.51 7.65
CA GLN B 747 49.70 16.83 6.42
C GLN B 747 50.04 15.35 6.44
N SER B 748 51.24 15.01 6.87
CA SER B 748 51.66 13.61 6.90
C SER B 748 50.78 12.80 7.85
N GLN B 749 50.47 13.35 9.01
CA GLN B 749 49.61 12.64 9.96
C GLN B 749 48.17 12.50 9.44
N VAL B 750 47.62 13.55 8.84
CA VAL B 750 46.28 13.48 8.29
C VAL B 750 46.21 12.53 7.09
N ALA B 751 47.22 12.55 6.23
CA ALA B 751 47.28 11.60 5.13
C ALA B 751 47.46 10.16 5.60
N LEU B 752 48.18 9.95 6.70
CA LEU B 752 48.22 8.62 7.31
C LEU B 752 46.85 8.18 7.80
N MET B 753 46.14 9.07 8.51
CA MET B 753 44.79 8.73 8.95
C MET B 753 43.84 8.44 7.78
N VAL B 754 43.92 9.24 6.72
CA VAL B 754 43.13 9.00 5.51
C VAL B 754 43.48 7.66 4.87
N ALA B 755 44.78 7.38 4.74
CA ALA B 755 45.20 6.11 4.16
C ALA B 755 44.78 4.93 5.00
N ASN B 756 44.82 5.06 6.33
CA ASN B 756 44.27 4.01 7.19
C ASN B 756 42.79 3.80 7.00
N GLU B 757 42.02 4.89 6.88
CA GLU B 757 40.58 4.75 6.64
C GLU B 757 40.31 4.05 5.32
N PHE B 758 41.06 4.42 4.28
CA PHE B 758 40.88 3.84 2.96
C PHE B 758 41.37 2.39 2.89
N TRP B 759 42.40 2.04 3.66
CA TRP B 759 42.82 0.65 3.74
C TRP B 759 41.80 -0.22 4.46
N GLU B 760 41.19 0.28 5.54
CA GLU B 760 40.15 -0.53 6.19
C GLU B 760 38.88 -0.61 5.34
N GLN B 761 38.60 0.43 4.56
CA GLN B 761 37.58 0.31 3.51
C GLN B 761 37.93 -0.78 2.51
N GLY B 762 39.17 -0.81 2.03
CA GLY B 762 39.54 -1.84 1.08
C GLY B 762 39.51 -3.26 1.65
N ASP B 763 39.85 -3.41 2.92
CA ASP B 763 39.76 -4.73 3.57
C ASP B 763 38.31 -5.15 3.79
N LEU B 764 37.46 -4.21 4.19
CA LEU B 764 36.02 -4.47 4.24
C LEU B 764 35.45 -4.84 2.88
N GLU B 765 35.77 -4.05 1.87
CA GLU B 765 35.25 -4.29 0.52
C GLU B 765 35.72 -5.64 -0.04
N ARG B 766 36.99 -5.98 0.15
CA ARG B 766 37.46 -7.31 -0.27
C ARG B 766 36.81 -8.43 0.54
N THR B 767 36.50 -8.19 1.82
CA THR B 767 35.98 -9.27 2.66
C THR B 767 34.51 -9.54 2.39
N VAL B 768 33.67 -8.49 2.40
CA VAL B 768 32.23 -8.68 2.38
C VAL B 768 31.60 -8.54 0.99
N LEU B 769 32.32 -7.96 0.02
CA LEU B 769 31.84 -7.93 -1.36
C LEU B 769 32.61 -8.87 -2.28
N GLN B 770 33.68 -9.49 -1.80
CA GLN B 770 34.49 -10.43 -2.58
C GLN B 770 34.97 -9.81 -3.89
N GLN B 771 35.35 -8.54 -3.83
CA GLN B 771 35.83 -7.82 -5.00
C GLN B 771 37.23 -7.27 -4.74
N GLN B 772 37.96 -7.03 -5.82
CA GLN B 772 39.26 -6.34 -5.75
C GLN B 772 39.07 -4.84 -5.51
N PRO B 773 39.74 -4.28 -4.51
CA PRO B 773 39.74 -2.82 -4.33
C PRO B 773 40.51 -2.12 -5.45
N ILE B 774 40.16 -0.84 -5.65
CA ILE B 774 40.99 0.06 -6.45
C ILE B 774 42.36 0.20 -5.83
N PRO B 775 43.41 0.49 -6.62
CA PRO B 775 44.77 0.60 -6.05
C PRO B 775 44.90 1.61 -4.94
N MET B 776 44.05 2.64 -4.92
CA MET B 776 44.07 3.61 -3.84
C MET B 776 43.49 3.05 -2.56
N MET B 777 42.47 2.20 -2.64
CA MET B 777 41.96 1.51 -1.47
C MET B 777 42.84 0.34 -1.03
N ASP B 778 43.63 -0.23 -1.94
CA ASP B 778 44.33 -1.49 -1.66
C ASP B 778 45.50 -1.28 -0.70
N ARG B 779 45.49 -2.03 0.41
CA ARG B 779 46.55 -2.01 1.41
C ARG B 779 47.90 -2.57 0.92
N ASN B 780 47.90 -3.42 -0.11
CA ASN B 780 49.18 -3.96 -0.58
C ASN B 780 50.03 -2.91 -1.29
N LYS B 781 49.41 -1.87 -1.80
CA LYS B 781 50.22 -0.81 -2.45
C LYS B 781 50.37 0.36 -1.46
N ARG B 782 50.41 0.07 -0.18
CA ARG B 782 50.57 1.08 0.87
C ARG B 782 51.67 2.07 0.53
N ASP B 783 52.82 1.58 0.11
CA ASP B 783 53.96 2.43 -0.23
C ASP B 783 53.72 3.25 -1.48
N GLU B 784 52.68 2.93 -2.25
CA GLU B 784 52.27 3.71 -3.41
C GLU B 784 51.41 4.90 -3.02
N LEU B 785 51.03 5.02 -1.75
CA LEU B 785 50.29 6.18 -1.23
C LEU B 785 50.84 7.52 -1.70
N PRO B 786 52.15 7.82 -1.60
CA PRO B 786 52.62 9.17 -1.99
C PRO B 786 52.41 9.50 -3.45
N LYS B 787 52.54 8.53 -4.35
CA LYS B 787 52.32 8.81 -5.77
C LYS B 787 50.86 9.18 -6.01
N LEU B 788 49.94 8.38 -5.45
CA LEU B 788 48.52 8.67 -5.62
C LEU B 788 48.14 9.96 -4.92
N GLN B 789 48.75 10.23 -3.76
CA GLN B 789 48.61 11.54 -3.13
C GLN B 789 49.11 12.65 -4.04
N VAL B 790 50.24 12.44 -4.71
CA VAL B 790 50.70 13.39 -5.72
C VAL B 790 49.66 13.57 -6.81
N GLY B 791 48.99 12.48 -7.21
CA GLY B 791 47.91 12.62 -8.16
C GLY B 791 46.80 13.48 -7.61
N PHE B 792 46.46 13.31 -6.34
CA PHE B 792 45.43 14.14 -5.74
C PHE B 792 45.91 15.58 -5.68
N ILE B 793 47.21 15.78 -5.45
CA ILE B 793 47.79 17.11 -5.53
C ILE B 793 47.63 17.68 -6.93
N ASP B 794 47.97 16.88 -7.95
CA ASP B 794 47.97 17.39 -9.32
C ASP B 794 46.59 17.54 -9.94
N PHE B 795 45.57 16.88 -9.42
CA PHE B 795 44.28 16.88 -10.10
C PHE B 795 43.22 17.70 -9.39
N VAL B 796 43.16 17.64 -8.06
CA VAL B 796 42.06 18.26 -7.32
C VAL B 796 42.45 19.59 -6.69
N CYS B 797 43.28 19.54 -5.64
CA CYS B 797 43.49 20.72 -4.80
C CYS B 797 44.17 21.86 -5.53
N THR B 798 45.11 21.57 -6.42
CA THR B 798 45.84 22.62 -7.13
C THR B 798 44.91 23.60 -7.84
N PHE B 799 43.83 23.09 -8.46
CA PHE B 799 42.88 23.97 -9.13
C PHE B 799 42.16 24.87 -8.14
N VAL B 800 41.60 24.27 -7.09
CA VAL B 800 40.83 25.05 -6.12
C VAL B 800 41.67 26.15 -5.53
N TYR B 801 42.87 25.82 -5.05
CA TYR B 801 43.68 26.82 -4.36
C TYR B 801 44.38 27.79 -5.30
N LYS B 802 44.65 27.41 -6.55
CA LYS B 802 45.15 28.39 -7.52
C LYS B 802 44.06 29.38 -7.91
N GLU B 803 42.85 28.89 -8.19
CA GLU B 803 41.75 29.78 -8.52
C GLU B 803 41.35 30.67 -7.35
N PHE B 804 41.41 30.14 -6.12
CA PHE B 804 41.19 30.99 -4.95
C PHE B 804 42.31 32.01 -4.73
N SER B 805 43.58 31.65 -4.99
CA SER B 805 44.65 32.62 -4.89
C SER B 805 44.53 33.72 -5.92
N ARG B 806 44.06 33.38 -7.13
CA ARG B 806 43.72 34.41 -8.11
C ARG B 806 42.54 35.24 -7.63
N PHE B 807 41.51 34.59 -7.12
CA PHE B 807 40.31 35.27 -6.66
C PHE B 807 40.62 36.21 -5.50
N HIS B 808 41.35 35.73 -4.51
CA HIS B 808 41.86 36.59 -3.45
C HIS B 808 43.27 36.14 -3.08
N LYS B 809 44.22 37.07 -3.12
CA LYS B 809 45.59 36.80 -2.70
C LYS B 809 45.72 36.35 -1.24
N GLU B 810 44.73 36.61 -0.39
CA GLU B 810 44.82 36.18 1.00
C GLU B 810 44.77 34.67 1.16
N ILE B 811 44.16 33.95 0.22
CA ILE B 811 44.15 32.49 0.26
C ILE B 811 45.42 31.93 -0.37
N THR B 812 46.30 32.79 -0.89
CA THR B 812 47.57 32.36 -1.46
C THR B 812 48.42 31.41 -0.60
N PRO B 813 48.56 31.58 0.72
CA PRO B 813 49.37 30.60 1.48
C PRO B 813 48.84 29.18 1.44
N MET B 814 47.53 28.98 1.21
CA MET B 814 46.99 27.64 1.19
C MET B 814 47.53 26.87 0.01
N LEU B 815 47.52 27.51 -1.17
CA LEU B 815 48.18 26.95 -2.33
C LEU B 815 49.66 26.75 -2.06
N SER B 816 50.30 27.71 -1.38
CA SER B 816 51.71 27.56 -1.12
C SER B 816 51.97 26.36 -0.22
N GLY B 817 51.12 26.15 0.80
CA GLY B 817 51.23 24.92 1.63
C GLY B 817 51.06 23.66 0.81
N LEU B 818 50.17 23.68 -0.16
CA LEU B 818 50.03 22.53 -1.07
C LEU B 818 51.35 22.43 -1.79
N GLN B 819 51.93 23.58 -2.13
CA GLN B 819 53.18 23.60 -2.93
C GLN B 819 54.32 22.97 -2.12
N ASN B 820 54.43 23.26 -0.84
CA ASN B 820 55.48 22.55 -0.08
C ASN B 820 55.06 21.08 0.04
N ASN B 821 53.86 20.81 0.55
CA ASN B 821 53.57 19.40 0.80
C ASN B 821 53.80 18.57 -0.44
N ARG B 822 53.47 19.11 -1.63
CA ARG B 822 53.76 18.40 -2.86
C ARG B 822 55.23 18.02 -2.98
N VAL B 823 56.12 18.95 -2.59
CA VAL B 823 57.55 18.65 -2.70
C VAL B 823 57.92 17.51 -1.77
N GLU B 824 57.35 17.51 -0.57
CA GLU B 824 57.65 16.43 0.36
C GLU B 824 57.11 15.10 -0.14
N TRP B 825 55.89 15.08 -0.68
CA TRP B 825 55.43 13.83 -1.26
C TRP B 825 56.29 13.38 -2.42
N LYS B 826 56.82 14.32 -3.21
CA LYS B 826 57.71 13.87 -4.26
C LYS B 826 59.03 13.37 -3.70
N SER B 827 59.54 14.04 -2.66
CA SER B 827 60.77 13.55 -2.03
C SER B 827 60.62 12.21 -1.34
N LEU B 828 59.41 11.72 -1.08
CA LEU B 828 59.33 10.35 -0.59
C LEU B 828 58.89 9.36 -1.66
N ALA B 829 58.28 9.84 -2.75
CA ALA B 829 57.92 8.95 -3.86
C ALA B 829 59.14 8.56 -4.67
N ASP B 830 60.05 9.49 -4.94
CA ASP B 830 61.23 9.15 -5.73
C ASP B 830 62.17 8.25 -4.94
N GLU B 831 62.12 8.33 -3.60
CA GLU B 831 62.83 7.37 -2.78
C GLU B 831 62.22 5.97 -2.90
N TYR B 832 60.94 5.88 -3.23
CA TYR B 832 60.39 4.57 -3.55
C TYR B 832 60.95 4.10 -4.89
N ASP B 833 61.17 5.04 -5.80
CA ASP B 833 61.89 4.71 -7.02
C ASP B 833 63.34 4.34 -6.72
N ALA B 834 63.88 4.76 -5.57
CA ALA B 834 65.15 4.26 -5.12
C ALA B 834 65.05 2.94 -4.37
N LYS B 835 63.87 2.60 -3.84
CA LYS B 835 63.71 1.29 -3.21
C LYS B 835 63.57 0.16 -4.22
N MET B 836 62.96 0.43 -5.36
CA MET B 836 62.73 -0.59 -6.37
C MET B 836 63.97 -0.82 -7.23
N LYS C 61 -33.61 -32.78 7.44
CA LYS C 61 -32.86 -33.69 6.59
C LYS C 61 -31.46 -33.14 6.30
N GLY C 62 -30.87 -33.63 5.22
CA GLY C 62 -29.65 -33.05 4.69
C GLY C 62 -29.85 -31.65 4.14
N PRO C 63 -28.78 -30.85 4.17
CA PRO C 63 -28.84 -29.52 3.56
C PRO C 63 -29.01 -29.63 2.06
N PRO C 64 -29.57 -28.62 1.41
CA PRO C 64 -29.59 -28.58 -0.05
C PRO C 64 -28.19 -28.58 -0.63
N LYS C 65 -28.06 -29.15 -1.83
CA LYS C 65 -26.81 -29.04 -2.57
C LYS C 65 -26.56 -27.59 -2.97
N PHE C 66 -25.36 -27.11 -2.70
CA PHE C 66 -24.95 -25.75 -3.01
C PHE C 66 -23.69 -25.75 -3.85
N LYS C 67 -23.52 -24.71 -4.65
CA LYS C 67 -22.38 -24.61 -5.56
C LYS C 67 -21.09 -24.33 -4.79
N GLN C 68 -20.00 -24.92 -5.29
CA GLN C 68 -18.68 -24.53 -4.84
C GLN C 68 -18.23 -23.24 -5.51
N ARG C 69 -17.38 -22.49 -4.81
CA ARG C 69 -16.71 -21.34 -5.39
C ARG C 69 -15.90 -21.73 -6.62
N GLN C 70 -15.98 -20.88 -7.66
CA GLN C 70 -15.22 -21.10 -8.88
C GLN C 70 -13.80 -20.54 -8.80
N THR C 71 -13.09 -20.89 -7.72
CA THR C 71 -11.67 -20.56 -7.57
C THR C 71 -10.83 -20.88 -8.80
N ARG C 72 -11.23 -21.89 -9.58
CA ARG C 72 -10.47 -22.29 -10.76
C ARG C 72 -10.36 -21.20 -11.83
N GLN C 73 -11.27 -20.22 -11.85
CA GLN C 73 -11.26 -19.23 -12.92
C GLN C 73 -10.04 -18.31 -12.83
N PHE C 74 -9.70 -17.85 -11.62
CA PHE C 74 -8.57 -16.94 -11.41
C PHE C 74 -7.49 -17.54 -10.54
N LYS C 75 -7.44 -18.88 -10.45
CA LYS C 75 -6.48 -19.55 -9.57
C LYS C 75 -5.04 -19.20 -9.94
N SER C 76 -4.75 -19.12 -11.24
CA SER C 76 -3.40 -18.90 -11.77
C SER C 76 -2.38 -19.87 -11.18
N ASP C 88 7.70 -13.34 -13.27
CA ASP C 88 8.29 -12.64 -14.40
C ASP C 88 7.92 -13.32 -15.72
N ASP C 89 6.90 -14.17 -15.66
CA ASP C 89 6.44 -14.88 -16.86
C ASP C 89 5.85 -13.95 -17.90
N ILE C 90 5.45 -12.75 -17.51
CA ILE C 90 4.94 -11.74 -18.44
C ILE C 90 6.09 -11.29 -19.33
N PRO C 91 5.99 -11.46 -20.64
CA PRO C 91 7.13 -11.15 -21.54
C PRO C 91 7.52 -9.67 -21.46
N GLY C 92 8.82 -9.43 -21.36
CA GLY C 92 9.37 -8.09 -21.28
C GLY C 92 9.52 -7.53 -19.88
N MET C 93 9.15 -8.27 -18.84
CA MET C 93 9.32 -7.79 -17.47
C MET C 93 10.77 -7.85 -17.00
N GLU C 94 11.60 -8.65 -17.66
CA GLU C 94 13.00 -8.82 -17.26
C GLU C 94 13.76 -7.50 -17.25
N GLY C 95 13.36 -6.54 -18.08
CA GLY C 95 14.01 -5.25 -18.11
C GLY C 95 13.11 -4.12 -17.64
N LEU C 96 12.17 -4.43 -16.76
CA LEU C 96 11.08 -3.53 -16.44
C LEU C 96 11.01 -3.23 -14.95
N ALA C 108 29.11 12.96 -18.49
CA ALA C 108 28.95 13.96 -17.45
C ALA C 108 30.29 14.60 -17.11
N PHE C 109 31.38 13.88 -17.38
CA PHE C 109 32.73 14.36 -17.16
C PHE C 109 33.47 14.44 -18.50
N SER C 110 34.72 14.91 -18.44
CA SER C 110 35.58 14.91 -19.61
C SER C 110 36.15 13.52 -19.86
N HIS C 111 36.92 13.41 -20.95
CA HIS C 111 37.54 12.14 -21.32
C HIS C 111 38.56 11.67 -20.27
N LEU C 112 39.49 12.55 -19.88
CA LEU C 112 40.41 12.21 -18.80
C LEU C 112 39.71 12.03 -17.46
N GLU C 113 38.78 12.94 -17.14
CA GLU C 113 37.99 12.84 -15.91
C GLU C 113 37.20 11.53 -15.78
N LEU C 114 37.04 10.78 -16.87
CA LEU C 114 36.37 9.48 -16.78
C LEU C 114 37.21 8.41 -16.09
N HIS C 115 38.53 8.56 -16.02
CA HIS C 115 39.38 7.50 -15.48
C HIS C 115 40.03 7.86 -14.15
N GLU C 116 40.70 9.01 -14.07
CA GLU C 116 41.37 9.42 -12.84
C GLU C 116 40.39 9.68 -11.70
N LEU C 117 39.16 10.12 -12.01
CA LEU C 117 38.14 10.25 -10.98
C LEU C 117 37.76 8.92 -10.37
N ALA C 118 37.66 7.87 -11.19
CA ALA C 118 37.42 6.54 -10.63
C ALA C 118 38.61 6.02 -9.86
N GLN C 119 39.83 6.42 -10.25
CA GLN C 119 41.02 6.03 -9.51
C GLN C 119 41.04 6.57 -8.09
N PHE C 120 40.45 7.74 -7.86
CA PHE C 120 40.30 8.29 -6.52
C PHE C 120 38.98 7.94 -5.85
N GLY C 121 38.09 7.21 -6.53
CA GLY C 121 36.79 6.92 -5.96
C GLY C 121 35.93 8.15 -5.74
N ILE C 122 36.17 9.20 -6.52
CA ILE C 122 35.50 10.48 -6.29
C ILE C 122 34.03 10.40 -6.71
N ILE C 123 33.75 9.69 -7.80
CA ILE C 123 32.42 9.63 -8.39
C ILE C 123 31.43 8.81 -7.57
N GLY D 62 -4.92 22.02 -39.36
CA GLY D 62 -6.08 21.95 -38.50
C GLY D 62 -6.43 20.52 -38.10
N PRO D 63 -6.14 20.16 -36.85
CA PRO D 63 -6.37 18.79 -36.41
C PRO D 63 -7.85 18.47 -36.37
N PRO D 64 -8.23 17.21 -36.53
CA PRO D 64 -9.63 16.82 -36.37
C PRO D 64 -10.14 17.12 -34.97
N LYS D 65 -11.46 17.32 -34.86
CA LYS D 65 -12.06 17.48 -33.55
C LYS D 65 -12.04 16.15 -32.80
N PHE D 66 -11.49 16.17 -31.59
CA PHE D 66 -11.33 14.98 -30.78
C PHE D 66 -12.11 15.10 -29.48
N LYS D 67 -12.55 13.95 -28.96
CA LYS D 67 -13.36 13.91 -27.75
C LYS D 67 -12.55 14.28 -26.52
N GLN D 68 -13.13 15.11 -25.66
CA GLN D 68 -12.57 15.35 -24.34
C GLN D 68 -12.76 14.13 -23.44
N ARG D 69 -11.74 13.85 -22.63
CA ARG D 69 -11.87 12.91 -21.53
C ARG D 69 -13.07 13.23 -20.65
N GLN D 70 -13.79 12.20 -20.23
CA GLN D 70 -14.86 12.34 -19.26
C GLN D 70 -14.34 11.98 -17.87
N THR D 71 -14.70 12.82 -16.88
CA THR D 71 -14.33 12.60 -15.48
C THR D 71 -15.47 12.83 -14.49
N ARG D 72 -16.48 13.63 -14.84
CA ARG D 72 -17.50 14.03 -13.86
C ARG D 72 -18.28 12.83 -13.31
N GLN D 73 -18.56 11.83 -14.16
CA GLN D 73 -19.37 10.70 -13.71
C GLN D 73 -18.73 9.94 -12.56
N PHE D 74 -17.42 9.69 -12.64
CA PHE D 74 -16.72 8.99 -11.57
C PHE D 74 -16.06 9.91 -10.57
N LYS D 75 -16.21 11.23 -10.70
CA LYS D 75 -15.64 12.14 -9.71
C LYS D 75 -16.39 12.06 -8.39
N SER D 76 -17.68 11.71 -8.42
CA SER D 76 -18.57 11.71 -7.26
C SER D 76 -18.58 13.06 -6.54
N GLY D 87 -15.66 9.82 5.81
CA GLY D 87 -16.73 9.53 4.88
C GLY D 87 -18.09 9.98 5.37
N ASP D 88 -18.34 11.29 5.26
CA ASP D 88 -19.66 11.83 5.61
C ASP D 88 -20.71 11.38 4.61
N ASP D 89 -20.37 11.32 3.33
CA ASP D 89 -21.34 10.94 2.31
C ASP D 89 -21.72 9.46 2.40
N ILE D 90 -20.83 8.61 2.91
CA ILE D 90 -21.11 7.20 3.08
C ILE D 90 -21.64 6.99 4.50
N PRO D 91 -22.90 6.58 4.68
CA PRO D 91 -23.43 6.43 6.03
C PRO D 91 -22.75 5.31 6.80
N GLY D 92 -22.70 5.48 8.13
CA GLY D 92 -22.16 4.47 9.01
C GLY D 92 -20.66 4.42 9.12
N MET D 93 -19.95 5.42 8.59
CA MET D 93 -18.49 5.44 8.69
C MET D 93 -18.00 5.95 10.04
N GLU D 94 -18.84 6.66 10.79
CA GLU D 94 -18.42 7.22 12.07
C GLU D 94 -18.07 6.14 13.09
N GLY D 95 -18.63 4.95 12.95
CA GLY D 95 -18.36 3.86 13.88
C GLY D 95 -17.56 2.74 13.26
N LEU D 96 -16.80 3.05 12.22
CA LEU D 96 -16.18 2.02 11.39
C LEU D 96 -14.67 2.20 11.28
N ALA D 108 -13.28 -7.47 34.27
CA ALA D 108 -12.58 -8.74 34.21
C ALA D 108 -12.13 -9.18 35.60
N PHE D 109 -11.76 -8.21 36.42
CA PHE D 109 -11.38 -8.47 37.79
C PHE D 109 -12.63 -8.53 38.67
N SER D 110 -12.42 -8.70 39.98
CA SER D 110 -13.54 -8.59 40.91
C SER D 110 -13.98 -7.13 41.05
N HIS D 111 -15.13 -6.96 41.70
CA HIS D 111 -15.74 -5.65 41.91
C HIS D 111 -14.80 -4.67 42.61
N LEU D 112 -14.12 -5.10 43.66
CA LEU D 112 -13.18 -4.21 44.35
C LEU D 112 -11.97 -3.84 43.49
N GLU D 113 -11.37 -4.81 42.79
CA GLU D 113 -10.11 -4.55 42.09
C GLU D 113 -10.25 -3.49 41.00
N LEU D 114 -11.42 -3.39 40.36
CA LEU D 114 -11.60 -2.52 39.20
C LEU D 114 -11.27 -1.06 39.50
N HIS D 115 -11.55 -0.57 40.70
CA HIS D 115 -11.21 0.80 41.04
C HIS D 115 -9.79 0.98 41.59
N GLU D 116 -9.37 0.13 42.53
CA GLU D 116 -8.06 0.28 43.14
C GLU D 116 -6.90 -0.06 42.20
N LEU D 117 -7.12 -0.87 41.16
CA LEU D 117 -6.10 -1.01 40.14
C LEU D 117 -5.91 0.28 39.36
N ALA D 118 -6.99 1.00 39.07
CA ALA D 118 -6.86 2.32 38.46
C ALA D 118 -6.28 3.34 39.44
N GLN D 119 -6.46 3.13 40.74
CA GLN D 119 -5.88 4.03 41.73
C GLN D 119 -4.35 4.02 41.65
N PHE D 120 -3.73 2.86 41.54
CA PHE D 120 -2.28 2.74 41.39
C PHE D 120 -1.82 2.72 39.94
N GLY D 121 -2.73 2.84 38.99
CA GLY D 121 -2.37 2.73 37.58
C GLY D 121 -1.87 1.36 37.20
N ILE D 122 -2.49 0.31 37.75
CA ILE D 122 -2.05 -1.05 37.47
C ILE D 122 -2.48 -1.48 36.07
N ILE D 123 -3.71 -1.12 35.69
CA ILE D 123 -4.22 -1.41 34.35
C ILE D 123 -3.56 -0.52 33.30
PA PCG E . -27.52 12.14 -50.40
O1A PCG E . -27.64 13.59 -50.95
O2A PCG E . -28.10 11.97 -49.05
O5' PCG E . -25.97 11.80 -50.46
C5' PCG E . -25.47 10.53 -50.78
C4' PCG E . -26.13 9.94 -52.00
O4' PCG E . -25.82 8.58 -52.46
C3' PCG E . -27.69 9.92 -51.83
O3' PCG E . -28.17 11.25 -51.56
C2' PCG E . -27.92 9.33 -53.19
O2' PCG E . -28.25 10.14 -54.24
C1' PCG E . -26.92 8.19 -53.29
N9 PCG E . -27.25 6.75 -53.44
C8 PCG E . -28.21 5.95 -52.75
N7 PCG E . -28.23 4.68 -53.14
C5 PCG E . -27.25 4.57 -54.14
C6 PCG E . -26.78 3.49 -54.95
O6 PCG E . -27.31 2.28 -54.81
N1 PCG E . -25.79 3.65 -55.86
C2 PCG E . -25.24 4.95 -55.98
N2 PCG E . -24.25 5.14 -56.91
N3 PCG E . -25.63 6.06 -55.25
C4 PCG E . -26.64 5.84 -54.35
ZN ZN F . 10.94 -2.89 36.95
MG MG G . 8.32 -2.47 32.84
P 5GP H . 8.09 -1.68 36.03
O1P 5GP H . 7.92 -0.20 35.79
O2P 5GP H . 8.23 -2.49 34.77
O3P 5GP H . 9.10 -2.02 37.10
O5' 5GP H . 6.69 -2.15 36.64
C5' 5GP H . 6.42 -2.06 38.03
C4' 5GP H . 5.46 -0.95 38.37
O4' 5GP H . 5.02 -1.11 39.74
C3' 5GP H . 6.03 0.45 38.33
O3' 5GP H . 6.09 0.99 37.01
C2' 5GP H . 5.10 1.22 39.26
O2' 5GP H . 3.89 1.56 38.60
C1' 5GP H . 4.79 0.16 40.32
N9 5GP H . 5.66 0.29 41.50
C8 5GP H . 6.87 -0.24 41.63
N7 5GP H . 7.36 0.06 42.85
C5 5GP H . 6.42 0.78 43.50
C6 5GP H . 6.36 1.35 44.76
O6 5GP H . 7.33 1.24 45.54
N1 5GP H . 5.28 2.02 45.13
C2 5GP H . 4.23 2.14 44.29
N2 5GP H . 3.13 2.83 44.70
N3 5GP H . 4.26 1.60 43.06
C4 5GP H . 5.34 0.91 42.65
PA PCG I . -45.08 -33.67 -16.71
O1A PCG I . -45.05 -35.18 -16.35
O2A PCG I . -43.85 -33.21 -17.40
O5' PCG I . -45.36 -32.93 -15.33
C5' PCG I . -46.24 -31.82 -15.19
C4' PCG I . -47.52 -32.00 -15.97
O4' PCG I . -48.56 -30.95 -16.02
C3' PCG I . -47.20 -32.30 -17.48
O3' PCG I . -46.42 -33.49 -17.57
C2' PCG I . -48.59 -32.33 -17.91
O2' PCG I . -49.24 -33.53 -17.99
C1' PCG I . -49.20 -31.07 -17.28
N9 PCG I . -49.50 -29.81 -17.99
C8 PCG I . -48.93 -29.23 -19.16
N7 PCG I . -49.47 -28.06 -19.50
C5 PCG I . -50.46 -27.79 -18.53
C6 PCG I . -51.39 -26.73 -18.32
O6 PCG I . -51.42 -25.69 -19.16
N1 PCG I . -52.26 -26.72 -17.29
C2 PCG I . -52.22 -27.82 -16.41
N2 PCG I . -53.09 -27.82 -15.36
N3 PCG I . -51.36 -28.90 -16.52
C4 PCG I . -50.50 -28.86 -17.58
ZN ZN J . 34.58 16.37 4.91
MG MG K . 31.36 13.73 2.73
P 5GP L . 33.86 14.02 3.02
O1P 5GP L . 33.24 12.69 3.36
O2P 5GP L . 32.85 15.11 2.87
O3P 5GP L . 35.06 14.40 3.84
O5' 5GP L . 34.42 13.75 1.55
C5' 5GP L . 35.66 14.30 1.14
C4' 5GP L . 36.42 13.29 0.31
O4' 5GP L . 37.64 13.89 -0.20
C3' 5GP L . 36.92 12.06 1.04
O3' 5GP L . 35.89 11.09 1.23
C2' 5GP L . 38.06 11.59 0.18
O2' 5GP L . 37.59 10.84 -0.93
C1' 5GP L . 38.64 12.90 -0.35
N9 5GP L . 39.82 13.33 0.42
C8 5GP L . 39.81 14.17 1.46
N7 5GP L . 41.06 14.36 1.90
C5 5GP L . 41.88 13.63 1.12
C6 5GP L . 43.25 13.44 1.10
O6 5GP L . 43.97 14.01 1.94
N1 5GP L . 43.78 12.64 0.18
C2 5GP L . 43.02 12.02 -0.73
N2 5GP L . 43.59 11.22 -1.65
N3 5GP L . 41.68 12.19 -0.74
C4 5GP L . 41.09 13.01 0.17
#